data_6LD9
#
_entry.id   6LD9
#
_cell.length_a   161.146
_cell.length_b   161.146
_cell.length_c   245.259
_cell.angle_alpha   90.000
_cell.angle_beta   90.000
_cell.angle_gamma   90.000
#
_symmetry.space_group_name_H-M   'I 41'
#
loop_
_entity.id
_entity.type
_entity.pdbx_description
1 polymer 'Cystathionine gamma-synthase'
2 non-polymer '(2~{S})-4-[(2~{R})-2-azanyl-3-oxidanyl-3-oxidanylidene-propyl]sulfanyl-2-[(~{E})-[2-methyl-3-oxidanyl-5-(phosphonooxymethyl)pyridin-4-yl]methylideneamino]butanoic acid'
3 water water
#
_entity_poly.entity_id   1
_entity_poly.type   'polypeptide(L)'
_entity_poly.pdbx_seq_one_letter_code
;GSHMSFRYPTDTPCTAATAAVRAGIDRDTAYGAVTPPIVLSSNFSFDGFGNKRQYDYTRSGNPTRDLLGEALAELEGGAG
GVITSTGMGAINLVLNAVLQPGDTLVVPHDAYGGSWRLFNALAKKGHFALITADLTDPRSLADALAQSPKLVLIETPSNP
LLRITDLRFVIEAAKKVGALTVVDNTFLSPALQKPLDFGADLVLHSTTKYINGHSDVVGGAVVARDAELHQQLVWWANAL
GLTGSPFDAFLTLRGLRTLDARLRVHQENADAIAELLDGHAMVNQVYFPGLATHPGHALAARQQKGFGAMMSFELEGGEA
AVRAFVDGLRYFTLAESLGGVESLIAHPASMTHAAMTAEARAAAGISDGLLRLSIGIESAEDLLIDLRAGLSRAEATLTT
TNRKKVDA
;
_entity_poly.pdbx_strand_id   A,B,C,D
#
loop_
_chem_comp.id
_chem_comp.type
_chem_comp.name
_chem_comp.formula
E9U non-polymer '(2~{S})-4-[(2~{R})-2-azanyl-3-oxidanyl-3-oxidanylidene-propyl]sulfanyl-2-[(~{E})-[2-methyl-3-oxidanyl-5-(phosphonooxymethyl)pyridin-4-yl]methylideneamino]butanoic acid' 'C15 H22 N3 O9 P S'
#
# COMPACT_ATOMS: atom_id res chain seq x y z
N THR A 12 -14.31 34.25 -4.77
CA THR A 12 -12.77 34.32 -4.82
C THR A 12 -12.24 32.89 -4.96
N PRO A 13 -11.09 32.62 -5.62
CA PRO A 13 -10.52 31.28 -5.57
C PRO A 13 -9.76 31.20 -4.24
N CYS A 14 -9.30 30.02 -3.90
CA CYS A 14 -8.49 29.74 -2.70
C CYS A 14 -7.03 29.95 -3.10
N THR A 15 -6.12 30.05 -2.15
CA THR A 15 -4.67 30.06 -2.33
C THR A 15 -4.16 28.69 -2.79
N ALA A 16 -2.93 28.71 -3.27
CA ALA A 16 -2.06 27.58 -3.61
C ALA A 16 -2.04 26.58 -2.44
N ALA A 17 -1.73 27.05 -1.23
CA ALA A 17 -1.68 26.22 0.00
C ALA A 17 -3.05 25.55 0.25
N THR A 18 -4.16 26.25 0.13
CA THR A 18 -5.49 25.66 0.41
C THR A 18 -5.71 24.52 -0.61
N ALA A 19 -5.34 24.75 -1.84
CA ALA A 19 -5.63 23.88 -2.99
C ALA A 19 -4.84 22.58 -2.86
N ALA A 20 -3.62 22.73 -2.42
CA ALA A 20 -2.69 21.60 -2.19
C ALA A 20 -3.21 20.81 -0.96
N VAL A 21 -3.62 21.46 0.12
CA VAL A 21 -4.09 20.73 1.31
C VAL A 21 -5.36 19.94 0.94
N ARG A 22 -6.22 20.50 0.10
CA ARG A 22 -7.57 19.97 -0.19
C ARG A 22 -7.61 19.24 -1.52
N ALA A 23 -6.49 18.85 -2.12
CA ALA A 23 -6.55 18.16 -3.44
C ALA A 23 -7.23 16.79 -3.24
N GLY A 24 -8.34 16.64 -3.95
CA GLY A 24 -9.21 15.45 -3.88
C GLY A 24 -9.84 15.19 -2.50
N ILE A 25 -10.02 16.20 -1.67
CA ILE A 25 -10.77 16.08 -0.39
C ILE A 25 -12.26 16.24 -0.70
N ASP A 26 -13.09 15.36 -0.16
CA ASP A 26 -14.55 15.25 -0.42
C ASP A 26 -14.82 15.24 -1.94
N ARG A 27 -14.03 14.50 -2.75
CA ARG A 27 -14.31 14.35 -4.21
C ARG A 27 -14.38 12.86 -4.61
N ASP A 28 -15.18 12.09 -3.87
CA ASP A 28 -15.47 10.67 -4.11
C ASP A 28 -16.97 10.48 -4.21
N THR A 29 -17.47 10.31 -5.44
CA THR A 29 -18.93 10.18 -5.70
C THR A 29 -19.48 8.89 -5.10
N ALA A 30 -18.69 7.85 -4.92
CA ALA A 30 -19.18 6.52 -4.47
C ALA A 30 -19.63 6.58 -2.99
N TYR A 31 -18.78 7.10 -2.09
CA TYR A 31 -19.03 6.93 -0.65
C TYR A 31 -18.93 8.23 0.10
N GLY A 32 -18.49 9.33 -0.52
CA GLY A 32 -18.24 10.57 0.24
C GLY A 32 -17.00 10.41 1.11
N ALA A 33 -16.09 9.54 0.72
CA ALA A 33 -14.81 9.45 1.44
C ALA A 33 -14.19 10.84 1.43
N VAL A 34 -13.70 11.24 2.58
CA VAL A 34 -13.01 12.54 2.73
C VAL A 34 -11.65 12.44 1.99
N THR A 35 -10.86 11.46 2.28
CA THR A 35 -9.56 11.18 1.62
C THR A 35 -9.81 10.41 0.31
N PRO A 36 -9.14 10.66 -0.83
CA PRO A 36 -9.49 10.02 -2.12
C PRO A 36 -9.18 8.52 -2.16
N PRO A 37 -10.05 7.64 -2.66
CA PRO A 37 -9.76 6.20 -2.69
C PRO A 37 -8.60 5.91 -3.63
N ILE A 38 -7.81 4.90 -3.35
CA ILE A 38 -6.72 4.54 -4.28
C ILE A 38 -7.27 3.63 -5.39
N VAL A 39 -7.25 4.10 -6.62
CA VAL A 39 -7.67 3.27 -7.77
C VAL A 39 -6.48 2.57 -8.45
N LEU A 40 -6.14 1.39 -7.98
CA LEU A 40 -5.03 0.57 -8.54
C LEU A 40 -5.39 -0.09 -9.87
N SER A 41 -6.69 -0.31 -10.09
CA SER A 41 -7.24 -1.07 -11.21
C SER A 41 -6.51 -0.72 -12.50
N SER A 42 -6.09 -1.74 -13.21
CA SER A 42 -5.43 -1.57 -14.53
C SER A 42 -6.47 -1.15 -15.54
N ASN A 43 -7.70 -1.59 -15.35
CA ASN A 43 -8.75 -1.43 -16.38
C ASN A 43 -10.07 -0.97 -15.75
N PHE A 44 -10.96 -0.46 -16.61
CA PHE A 44 -12.28 0.14 -16.25
C PHE A 44 -13.31 -0.47 -17.20
N SER A 45 -14.48 -0.90 -16.72
CA SER A 45 -15.54 -1.43 -17.61
C SER A 45 -16.00 -0.36 -18.59
N PHE A 46 -16.40 -0.78 -19.79
CA PHE A 46 -17.28 0.00 -20.69
C PHE A 46 -18.72 0.02 -20.13
N ASP A 47 -19.48 1.04 -20.51
CA ASP A 47 -20.91 1.26 -20.13
C ASP A 47 -21.79 0.65 -21.22
N GLY A 48 -21.62 -0.64 -21.47
CA GLY A 48 -22.14 -1.36 -22.63
C GLY A 48 -21.32 -1.12 -23.88
N PHE A 49 -21.57 -1.97 -24.88
CA PHE A 49 -20.89 -1.95 -26.20
C PHE A 49 -20.77 -0.50 -26.73
N GLY A 50 -19.54 -0.09 -27.06
CA GLY A 50 -19.22 1.18 -27.76
C GLY A 50 -19.10 2.38 -26.83
N ASN A 51 -19.28 2.24 -25.51
CA ASN A 51 -19.40 3.37 -24.55
C ASN A 51 -18.24 3.40 -23.56
N LYS A 52 -17.11 3.94 -23.96
CA LYS A 52 -15.96 4.18 -23.07
C LYS A 52 -16.45 5.06 -21.92
N ARG A 53 -16.11 4.78 -20.68
CA ARG A 53 -16.30 5.76 -19.59
C ARG A 53 -15.20 6.84 -19.70
N GLN A 54 -15.08 7.71 -18.71
CA GLN A 54 -13.98 8.69 -18.64
C GLN A 54 -12.66 7.91 -18.73
N TYR A 55 -12.43 6.85 -17.97
CA TYR A 55 -11.17 6.10 -17.95
C TYR A 55 -11.39 4.71 -18.62
N ASP A 56 -10.37 4.13 -19.26
CA ASP A 56 -10.46 2.80 -19.87
C ASP A 56 -9.27 1.96 -19.44
N TYR A 57 -8.08 2.57 -19.34
CA TYR A 57 -6.84 1.83 -19.10
C TYR A 57 -5.84 2.75 -18.42
N THR A 58 -5.27 2.24 -17.35
CA THR A 58 -4.44 3.01 -16.41
C THR A 58 -3.16 3.60 -17.05
N ARG A 59 -2.50 2.94 -17.99
CA ARG A 59 -1.32 3.55 -18.67
C ARG A 59 -1.75 4.86 -19.34
N SER A 60 -2.95 4.92 -19.91
CA SER A 60 -3.49 6.11 -20.62
C SER A 60 -4.04 7.18 -19.66
N GLY A 61 -4.72 6.78 -18.60
CA GLY A 61 -5.33 7.70 -17.63
C GLY A 61 -5.77 6.93 -16.41
N ASN A 62 -5.65 7.50 -15.24
CA ASN A 62 -6.12 6.88 -13.99
C ASN A 62 -6.55 8.00 -13.07
N PRO A 63 -7.66 7.84 -12.33
CA PRO A 63 -8.22 8.94 -11.56
C PRO A 63 -7.30 9.30 -10.39
N THR A 64 -6.61 8.35 -9.78
CA THR A 64 -5.75 8.73 -8.63
C THR A 64 -4.59 9.54 -9.17
N ARG A 65 -4.02 9.10 -10.28
CA ARG A 65 -2.90 9.81 -10.89
C ARG A 65 -3.38 11.20 -11.35
N ASP A 66 -4.61 11.32 -11.85
CA ASP A 66 -5.09 12.63 -12.36
C ASP A 66 -5.38 13.59 -11.20
N LEU A 67 -5.65 13.14 -9.97
CA LEU A 67 -5.79 14.13 -8.88
C LEU A 67 -4.43 14.77 -8.73
N LEU A 68 -3.36 14.00 -8.80
CA LEU A 68 -2.02 14.59 -8.60
C LEU A 68 -1.72 15.50 -9.78
N GLY A 69 -1.97 15.06 -11.01
CA GLY A 69 -1.76 15.87 -12.22
C GLY A 69 -2.51 17.18 -12.16
N GLU A 70 -3.80 17.13 -11.84
CA GLU A 70 -4.72 18.27 -11.77
C GLU A 70 -4.23 19.19 -10.64
N ALA A 71 -3.72 18.66 -9.54
CA ALA A 71 -3.25 19.48 -8.40
C ALA A 71 -1.95 20.23 -8.78
N LEU A 72 -0.97 19.55 -9.36
CA LEU A 72 0.29 20.22 -9.80
C LEU A 72 -0.05 21.24 -10.91
N ALA A 73 -1.08 20.99 -11.73
CA ALA A 73 -1.40 21.97 -12.78
C ALA A 73 -2.04 23.22 -12.17
N GLU A 74 -2.83 23.09 -11.10
CA GLU A 74 -3.43 24.23 -10.40
C GLU A 74 -2.29 25.00 -9.75
N LEU A 75 -1.38 24.35 -9.08
CA LEU A 75 -0.30 25.04 -8.33
C LEU A 75 0.60 25.79 -9.32
N GLU A 76 0.84 25.28 -10.55
CA GLU A 76 1.80 25.83 -11.53
C GLU A 76 1.13 26.80 -12.49
N GLY A 77 -0.21 26.87 -12.56
CA GLY A 77 -1.01 27.70 -13.48
C GLY A 77 -1.06 27.15 -14.88
N GLY A 78 -1.26 25.84 -15.04
CA GLY A 78 -1.10 25.14 -16.32
C GLY A 78 -2.42 24.60 -16.82
N ALA A 79 -2.49 24.07 -18.03
CA ALA A 79 -3.75 23.51 -18.52
C ALA A 79 -3.93 22.08 -18.04
N GLY A 80 -2.87 21.39 -17.64
CA GLY A 80 -2.98 20.04 -17.10
C GLY A 80 -1.61 19.48 -16.76
N GLY A 81 -1.56 18.32 -16.10
CA GLY A 81 -0.25 17.72 -15.82
C GLY A 81 -0.24 16.26 -16.11
N VAL A 82 0.95 15.72 -16.38
CA VAL A 82 1.20 14.28 -16.65
C VAL A 82 2.18 13.81 -15.60
N ILE A 83 1.88 12.68 -14.95
CA ILE A 83 2.67 12.09 -13.86
C ILE A 83 3.43 10.92 -14.45
N THR A 84 4.76 10.90 -14.31
CA THR A 84 5.65 9.85 -14.90
C THR A 84 6.21 8.98 -13.78
N SER A 85 6.78 7.84 -14.10
CA SER A 85 7.37 6.88 -13.13
C SER A 85 8.56 7.53 -12.41
N THR A 86 9.28 8.44 -13.07
CA THR A 86 10.47 9.09 -12.47
C THR A 86 10.56 10.52 -12.99
N GLY A 87 11.38 11.35 -12.35
CA GLY A 87 11.81 12.66 -12.84
C GLY A 87 12.56 12.57 -14.17
N MET A 88 13.51 11.64 -14.32
CA MET A 88 14.18 11.48 -15.64
C MET A 88 13.13 11.17 -16.70
N GLY A 89 12.11 10.41 -16.33
CA GLY A 89 11.00 10.07 -17.24
C GLY A 89 10.20 11.28 -17.69
N ALA A 90 10.04 12.30 -16.85
CA ALA A 90 9.35 13.53 -17.26
C ALA A 90 10.22 14.30 -18.26
N ILE A 91 11.54 14.33 -18.06
CA ILE A 91 12.44 14.98 -19.07
C ILE A 91 12.35 14.19 -20.38
N ASN A 92 12.47 12.89 -20.28
CA ASN A 92 12.36 11.97 -21.42
C ASN A 92 11.05 12.24 -22.16
N LEU A 93 9.93 12.32 -21.47
CA LEU A 93 8.63 12.61 -22.10
C LEU A 93 8.76 13.91 -22.91
N VAL A 94 9.36 14.95 -22.34
CA VAL A 94 9.36 16.26 -23.04
C VAL A 94 10.22 16.17 -24.31
N LEU A 95 11.39 15.55 -24.25
CA LEU A 95 12.28 15.35 -25.42
C LEU A 95 11.54 14.59 -26.55
N ASN A 96 10.86 13.50 -26.29
CA ASN A 96 10.05 12.75 -27.30
C ASN A 96 8.85 13.59 -27.74
N ALA A 97 8.14 14.30 -26.88
CA ALA A 97 6.98 15.02 -27.38
C ALA A 97 7.40 16.17 -28.31
N VAL A 98 8.53 16.78 -28.06
CA VAL A 98 8.80 18.10 -28.67
C VAL A 98 9.87 18.00 -29.78
N LEU A 99 10.81 17.06 -29.76
CA LEU A 99 12.03 17.09 -30.62
C LEU A 99 11.99 15.93 -31.61
N GLN A 100 12.58 16.13 -32.78
CA GLN A 100 12.92 15.04 -33.74
C GLN A 100 14.31 15.32 -34.30
N PRO A 101 14.95 14.33 -34.95
CA PRO A 101 16.24 14.54 -35.62
C PRO A 101 16.23 15.78 -36.52
N GLY A 102 17.28 16.58 -36.38
CA GLY A 102 17.41 17.87 -37.07
C GLY A 102 17.08 19.05 -36.19
N ASP A 103 16.22 18.87 -35.19
CA ASP A 103 15.87 19.93 -34.20
C ASP A 103 17.07 20.14 -33.27
N THR A 104 17.31 21.36 -32.77
CA THR A 104 18.35 21.56 -31.73
C THR A 104 17.71 21.94 -30.38
N LEU A 105 18.34 21.42 -29.33
CA LEU A 105 18.00 21.57 -27.89
C LEU A 105 19.14 22.36 -27.24
N VAL A 106 18.80 23.43 -26.55
CA VAL A 106 19.77 24.16 -25.70
C VAL A 106 19.55 23.76 -24.25
N VAL A 107 20.62 23.34 -23.58
CA VAL A 107 20.57 22.96 -22.17
C VAL A 107 21.61 23.76 -21.43
N PRO A 108 21.44 23.90 -20.11
CA PRO A 108 22.41 24.58 -19.25
C PRO A 108 23.65 23.71 -19.00
N HIS A 109 24.78 24.30 -18.73
CA HIS A 109 26.08 23.57 -18.55
C HIS A 109 26.08 22.92 -17.16
N ASP A 110 25.35 23.44 -16.19
CA ASP A 110 25.41 22.97 -14.80
C ASP A 110 24.06 22.34 -14.38
N ALA A 111 23.33 21.81 -15.35
CA ALA A 111 22.19 20.91 -15.11
C ALA A 111 22.64 19.69 -14.26
N TYR A 112 21.66 19.11 -13.54
CA TYR A 112 21.74 17.78 -12.88
C TYR A 112 22.49 16.80 -13.81
N GLY A 113 23.47 16.11 -13.24
CA GLY A 113 24.27 15.13 -13.94
C GLY A 113 23.43 14.08 -14.63
N GLY A 114 22.32 13.65 -14.05
CA GLY A 114 21.39 12.74 -14.75
C GLY A 114 20.79 13.34 -16.01
N SER A 115 20.47 14.62 -16.01
CA SER A 115 20.01 15.31 -17.23
C SER A 115 21.17 15.30 -18.25
N TRP A 116 22.37 15.61 -17.80
CA TRP A 116 23.57 15.68 -18.66
C TRP A 116 23.71 14.27 -19.31
N ARG A 117 23.57 13.17 -18.54
CA ARG A 117 23.74 11.78 -19.04
C ARG A 117 22.73 11.49 -20.15
N LEU A 118 21.49 11.93 -19.99
CA LEU A 118 20.44 11.64 -21.00
C LEU A 118 20.63 12.54 -22.22
N PHE A 119 20.81 13.86 -22.03
CA PHE A 119 20.98 14.71 -23.21
C PHE A 119 22.14 14.17 -24.06
N ASN A 120 23.25 13.76 -23.44
CA ASN A 120 24.52 13.43 -24.14
C ASN A 120 24.30 12.07 -24.81
N ALA A 121 23.60 11.13 -24.19
CA ALA A 121 23.38 9.80 -24.80
C ALA A 121 22.43 9.92 -26.00
N LEU A 122 21.36 10.70 -25.91
CA LEU A 122 20.39 10.81 -27.02
C LEU A 122 20.98 11.66 -28.13
N ALA A 123 21.85 12.62 -27.82
CA ALA A 123 22.59 13.43 -28.82
C ALA A 123 23.59 12.55 -29.55
N LYS A 124 24.35 11.67 -28.89
CA LYS A 124 25.32 10.77 -29.56
C LYS A 124 24.58 9.87 -30.57
N LYS A 125 23.41 9.34 -30.25
CA LYS A 125 22.57 8.58 -31.19
C LYS A 125 22.02 9.47 -32.32
N GLY A 126 21.93 10.78 -32.16
CA GLY A 126 21.39 11.71 -33.18
C GLY A 126 19.87 11.90 -33.15
N HIS A 127 19.24 11.88 -31.98
CA HIS A 127 17.79 12.17 -31.83
C HIS A 127 17.55 13.67 -31.96
N PHE A 128 18.59 14.45 -31.70
CA PHE A 128 18.58 15.93 -31.86
C PHE A 128 20.03 16.40 -31.73
N ALA A 129 20.28 17.64 -32.12
CA ALA A 129 21.56 18.32 -31.86
C ALA A 129 21.49 19.06 -30.51
N LEU A 130 22.60 19.09 -29.83
CA LEU A 130 22.74 19.58 -28.46
C LEU A 130 23.65 20.80 -28.42
N ILE A 131 23.18 21.89 -27.86
CA ILE A 131 24.06 23.03 -27.54
C ILE A 131 24.01 23.18 -26.03
N THR A 132 25.18 23.16 -25.41
CA THR A 132 25.28 23.25 -23.96
C THR A 132 25.86 24.64 -23.67
N ALA A 133 25.04 25.56 -23.12
CA ALA A 133 25.32 26.99 -22.93
C ALA A 133 25.30 27.37 -21.44
N ASP A 134 25.84 28.52 -21.09
CA ASP A 134 25.71 29.05 -19.72
C ASP A 134 24.56 30.04 -19.78
N LEU A 135 23.39 29.72 -19.23
CA LEU A 135 22.22 30.58 -19.52
C LEU A 135 22.25 31.85 -18.66
N THR A 136 23.17 31.96 -17.71
CA THR A 136 23.25 33.14 -16.80
C THR A 136 24.12 34.20 -17.48
N ASP A 137 24.77 33.83 -18.56
CA ASP A 137 25.72 34.75 -19.20
C ASP A 137 25.15 35.10 -20.60
N PRO A 138 24.76 36.36 -20.90
CA PRO A 138 24.03 36.69 -22.14
C PRO A 138 24.69 36.36 -23.49
N ARG A 139 26.00 36.52 -23.59
CA ARG A 139 26.75 36.16 -24.81
C ARG A 139 26.45 34.68 -25.13
N SER A 140 26.69 33.79 -24.17
CA SER A 140 26.48 32.33 -24.26
C SER A 140 25.05 32.01 -24.74
N LEU A 141 24.07 32.67 -24.13
CA LEU A 141 22.65 32.50 -24.49
C LEU A 141 22.39 32.98 -25.93
N ALA A 142 22.82 34.18 -26.29
CA ALA A 142 22.63 34.76 -27.64
C ALA A 142 23.22 33.84 -28.75
N ASP A 143 24.42 33.31 -28.53
CA ASP A 143 25.10 32.38 -29.49
C ASP A 143 24.29 31.10 -29.59
N ALA A 144 23.67 30.63 -28.50
CA ALA A 144 22.81 29.43 -28.54
C ALA A 144 21.47 29.73 -29.25
N LEU A 145 20.85 30.88 -29.00
CA LEU A 145 19.54 31.26 -29.64
C LEU A 145 19.71 31.63 -31.13
N ALA A 146 20.91 31.97 -31.56
CA ALA A 146 21.18 32.37 -32.96
C ALA A 146 21.15 31.10 -33.85
N GLN A 147 21.18 29.92 -33.23
CA GLN A 147 21.19 28.61 -33.92
C GLN A 147 19.79 28.03 -34.08
N SER A 148 18.74 28.83 -33.97
CA SER A 148 17.31 28.43 -34.13
C SER A 148 16.91 27.14 -33.42
N PRO A 149 16.99 27.04 -32.06
CA PRO A 149 16.62 25.80 -31.35
C PRO A 149 15.11 25.54 -31.23
N LYS A 150 14.62 24.30 -31.23
CA LYS A 150 13.16 24.01 -31.05
C LYS A 150 12.84 24.19 -29.58
N LEU A 151 13.82 23.99 -28.67
CA LEU A 151 13.60 23.83 -27.22
C LEU A 151 14.85 24.29 -26.45
N VAL A 152 14.58 25.13 -25.46
CA VAL A 152 15.50 25.58 -24.38
C VAL A 152 15.03 25.03 -23.03
N LEU A 153 15.93 24.35 -22.34
CA LEU A 153 15.72 23.88 -20.97
C LEU A 153 16.50 24.73 -19.99
N ILE A 154 15.78 25.19 -18.98
CA ILE A 154 16.34 25.98 -17.87
C ILE A 154 16.18 25.12 -16.62
N GLU A 155 17.18 25.10 -15.75
CA GLU A 155 17.14 24.50 -14.41
C GLU A 155 17.59 25.57 -13.41
N THR A 156 16.66 26.15 -12.66
CA THR A 156 16.98 27.19 -11.68
C THR A 156 16.13 26.99 -10.43
N PRO A 157 16.78 27.08 -9.27
CA PRO A 157 18.22 27.17 -9.16
C PRO A 157 18.85 25.84 -9.61
N SER A 158 20.14 25.87 -9.87
CA SER A 158 20.89 24.77 -10.51
C SER A 158 21.43 23.83 -9.41
N ASN A 159 21.49 22.55 -9.75
CA ASN A 159 21.97 21.46 -8.87
C ASN A 159 23.38 21.11 -9.32
N PRO A 160 24.43 21.31 -8.50
CA PRO A 160 24.29 21.69 -7.11
C PRO A 160 24.90 23.04 -6.70
N LEU A 161 25.14 23.97 -7.64
CA LEU A 161 25.85 25.21 -7.23
C LEU A 161 24.88 26.37 -7.01
N LEU A 162 23.59 26.16 -7.25
CA LEU A 162 22.49 27.12 -6.97
C LEU A 162 22.75 28.39 -7.80
N ARG A 163 23.20 28.23 -9.02
CA ARG A 163 23.23 29.31 -10.03
C ARG A 163 21.76 29.64 -10.34
N ILE A 164 21.45 30.90 -10.65
CA ILE A 164 20.07 31.44 -10.82
C ILE A 164 19.98 31.97 -12.24
N THR A 165 18.97 31.54 -13.00
CA THR A 165 18.80 31.99 -14.39
C THR A 165 17.54 32.80 -14.48
N ASP A 166 17.59 33.89 -15.21
CA ASP A 166 16.55 34.94 -15.24
C ASP A 166 15.39 34.42 -16.08
N LEU A 167 14.35 33.95 -15.44
CA LEU A 167 13.29 33.29 -16.19
C LEU A 167 12.75 34.25 -17.24
N ARG A 168 12.40 35.49 -16.89
CA ARG A 168 11.74 36.41 -17.84
C ARG A 168 12.71 36.68 -19.01
N PHE A 169 13.97 36.98 -18.72
CA PHE A 169 14.94 37.28 -19.79
C PHE A 169 15.02 36.07 -20.76
N VAL A 170 15.30 34.87 -20.25
CA VAL A 170 15.57 33.72 -21.15
C VAL A 170 14.30 33.35 -21.90
N ILE A 171 13.19 33.35 -21.23
CA ILE A 171 11.94 32.92 -21.89
C ILE A 171 11.64 33.91 -23.03
N GLU A 172 11.65 35.22 -22.82
CA GLU A 172 11.32 36.27 -23.86
C GLU A 172 12.35 36.08 -25.00
N ALA A 173 13.62 35.88 -24.68
CA ALA A 173 14.67 35.70 -25.70
C ALA A 173 14.34 34.45 -26.53
N ALA A 174 13.89 33.38 -25.91
CA ALA A 174 13.54 32.14 -26.63
C ALA A 174 12.26 32.32 -27.46
N LYS A 175 11.28 33.11 -27.00
CA LYS A 175 10.08 33.39 -27.83
C LYS A 175 10.55 34.18 -29.07
N LYS A 176 11.46 35.15 -28.95
CA LYS A 176 11.89 36.02 -30.10
C LYS A 176 12.34 35.09 -31.23
N VAL A 177 12.96 33.94 -30.96
CA VAL A 177 13.48 33.07 -32.05
C VAL A 177 12.60 31.84 -32.29
N GLY A 178 11.40 31.76 -31.71
CA GLY A 178 10.45 30.66 -31.96
C GLY A 178 10.72 29.40 -31.15
N ALA A 179 11.61 29.43 -30.16
CA ALA A 179 11.91 28.25 -29.30
C ALA A 179 10.84 28.08 -28.21
N LEU A 180 10.47 26.83 -27.90
CA LEU A 180 9.71 26.45 -26.70
C LEU A 180 10.68 26.50 -25.52
N THR A 181 10.18 26.82 -24.34
CA THR A 181 10.97 26.79 -23.08
C THR A 181 10.38 25.74 -22.15
N VAL A 182 11.26 24.96 -21.53
CA VAL A 182 10.89 24.07 -20.40
C VAL A 182 11.80 24.37 -19.20
N VAL A 183 11.19 24.49 -18.03
CA VAL A 183 11.95 24.77 -16.78
C VAL A 183 11.82 23.57 -15.81
N ASP A 184 12.94 23.12 -15.28
CA ASP A 184 12.97 22.09 -14.23
C ASP A 184 12.94 22.84 -12.92
N ASN A 185 11.85 22.68 -12.21
CA ASN A 185 11.47 23.46 -11.03
C ASN A 185 11.54 22.58 -9.77
N THR A 186 12.32 21.49 -9.82
CA THR A 186 12.47 20.49 -8.75
C THR A 186 12.98 21.15 -7.45
N PHE A 187 14.07 21.93 -7.51
CA PHE A 187 14.76 22.50 -6.33
C PHE A 187 13.85 23.42 -5.52
N LEU A 188 12.79 24.00 -6.06
CA LEU A 188 12.00 24.96 -5.26
C LEU A 188 10.55 24.54 -5.14
N SER A 189 10.06 23.64 -6.01
CA SER A 189 8.64 23.21 -6.03
C SER A 189 7.78 24.37 -6.52
N PRO A 190 6.51 24.11 -6.82
CA PRO A 190 5.59 25.18 -7.13
C PRO A 190 5.28 26.15 -6.00
N ALA A 191 5.44 25.76 -4.74
CA ALA A 191 5.16 26.66 -3.61
C ALA A 191 6.17 27.84 -3.61
N LEU A 192 7.38 27.75 -4.22
CA LEU A 192 8.42 28.79 -4.12
C LEU A 192 8.74 29.39 -5.51
N GLN A 193 8.26 28.86 -6.64
CA GLN A 193 8.63 29.40 -7.96
C GLN A 193 7.63 28.89 -8.96
N LYS A 194 7.11 29.78 -9.77
CA LYS A 194 6.11 29.46 -10.80
C LYS A 194 6.57 29.93 -12.18
N PRO A 195 7.41 29.16 -12.85
CA PRO A 195 7.91 29.55 -14.15
C PRO A 195 6.86 29.88 -15.21
N LEU A 196 5.69 29.25 -15.16
CA LEU A 196 4.66 29.54 -16.19
C LEU A 196 4.16 30.98 -16.05
N ASP A 197 4.20 31.60 -14.87
CA ASP A 197 3.84 33.03 -14.66
C ASP A 197 4.72 33.95 -15.54
N PHE A 198 5.93 33.55 -15.87
CA PHE A 198 6.89 34.34 -16.66
C PHE A 198 6.79 33.93 -18.12
N GLY A 199 5.79 33.14 -18.53
CA GLY A 199 5.59 32.85 -19.96
C GLY A 199 6.17 31.54 -20.43
N ALA A 200 6.73 30.67 -19.58
CA ALA A 200 7.34 29.39 -20.04
C ALA A 200 6.26 28.46 -20.62
N ASP A 201 6.62 27.55 -21.49
CA ASP A 201 5.63 26.62 -22.09
C ASP A 201 5.39 25.39 -21.22
N LEU A 202 6.40 24.93 -20.50
CA LEU A 202 6.38 23.65 -19.77
C LEU A 202 7.16 23.82 -18.47
N VAL A 203 6.61 23.28 -17.38
CA VAL A 203 7.43 23.17 -16.17
C VAL A 203 7.44 21.69 -15.78
N LEU A 204 8.58 21.15 -15.37
CA LEU A 204 8.62 19.75 -14.94
C LEU A 204 9.33 19.61 -13.60
N HIS A 205 9.08 18.49 -12.93
CA HIS A 205 9.58 18.24 -11.56
C HIS A 205 9.96 16.78 -11.44
N SER A 206 10.94 16.55 -10.59
CA SER A 206 11.09 15.27 -9.89
C SER A 206 10.20 15.35 -8.65
N THR A 207 9.07 14.65 -8.64
CA THR A 207 8.15 14.61 -7.46
C THR A 207 8.82 13.87 -6.33
N THR A 208 9.87 13.10 -6.62
CA THR A 208 10.70 12.40 -5.62
C THR A 208 11.16 13.38 -4.54
N LYS A 209 11.28 14.67 -4.84
CA LYS A 209 11.92 15.62 -3.90
C LYS A 209 10.86 16.25 -2.99
N TYR A 210 10.74 17.55 -2.96
CA TYR A 210 9.90 18.32 -2.03
C TYR A 210 8.44 17.97 -2.24
N ILE A 211 7.99 17.77 -3.46
CA ILE A 211 6.51 17.57 -3.66
C ILE A 211 6.05 16.37 -2.80
N ASN A 212 6.66 15.20 -3.01
CA ASN A 212 6.42 14.04 -2.14
C ASN A 212 6.89 14.30 -0.70
N GLY A 213 8.18 14.62 -0.52
CA GLY A 213 8.72 15.10 0.76
C GLY A 213 9.06 14.01 1.74
N HIS A 214 8.76 12.75 1.44
CA HIS A 214 8.97 11.65 2.43
C HIS A 214 9.92 10.55 1.91
N SER A 215 10.61 10.78 0.81
CA SER A 215 11.73 9.93 0.36
C SER A 215 11.24 8.49 0.20
N ASP A 216 10.02 8.31 -0.24
CA ASP A 216 9.41 6.98 -0.35
C ASP A 216 8.62 6.81 -1.67
N VAL A 217 8.89 7.64 -2.66
CA VAL A 217 8.32 7.59 -4.02
C VAL A 217 9.36 8.17 -4.97
N VAL A 218 9.69 7.49 -6.05
CA VAL A 218 10.37 8.12 -7.20
C VAL A 218 9.26 8.40 -8.19
N GLY A 219 9.13 9.63 -8.67
CA GLY A 219 8.15 10.08 -9.68
C GLY A 219 8.50 11.39 -10.37
N GLY A 220 7.73 11.72 -11.39
CA GLY A 220 7.92 12.95 -12.18
C GLY A 220 6.60 13.59 -12.53
N ALA A 221 6.64 14.85 -12.97
CA ALA A 221 5.47 15.60 -13.42
C ALA A 221 5.90 16.60 -14.49
N VAL A 222 5.11 16.70 -15.52
CA VAL A 222 5.20 17.76 -16.53
C VAL A 222 3.88 18.49 -16.55
N VAL A 223 3.92 19.80 -16.48
CA VAL A 223 2.73 20.68 -16.63
C VAL A 223 2.94 21.61 -17.80
N ALA A 224 1.99 21.68 -18.70
CA ALA A 224 2.08 22.56 -19.86
C ALA A 224 1.16 23.75 -19.65
N ARG A 225 1.53 24.93 -20.09
CA ARG A 225 0.65 26.13 -20.08
C ARG A 225 -0.55 25.87 -20.97
N ASP A 226 -0.34 25.38 -22.20
CA ASP A 226 -1.39 25.36 -23.27
C ASP A 226 -2.04 23.95 -23.32
N ALA A 227 -3.36 23.90 -23.46
CA ALA A 227 -4.15 22.64 -23.57
C ALA A 227 -3.62 21.75 -24.72
N GLU A 228 -3.31 22.27 -25.90
CA GLU A 228 -2.87 21.40 -27.04
C GLU A 228 -1.53 20.76 -26.68
N LEU A 229 -0.60 21.47 -26.05
CA LEU A 229 0.67 20.79 -25.71
C LEU A 229 0.39 19.76 -24.58
N HIS A 230 -0.47 20.06 -23.61
CA HIS A 230 -0.85 19.05 -22.61
C HIS A 230 -1.38 17.79 -23.33
N GLN A 231 -2.33 17.89 -24.29
CA GLN A 231 -2.92 16.71 -24.99
C GLN A 231 -1.81 15.91 -25.70
N GLN A 232 -0.78 16.57 -26.24
CA GLN A 232 0.38 15.91 -26.86
C GLN A 232 1.17 15.13 -25.81
N LEU A 233 1.44 15.68 -24.62
CA LEU A 233 2.21 14.97 -23.57
C LEU A 233 1.42 13.76 -23.07
N VAL A 234 0.10 13.88 -22.96
CA VAL A 234 -0.79 12.75 -22.59
C VAL A 234 -0.60 11.61 -23.62
N TRP A 235 -0.56 11.97 -24.90
CA TRP A 235 -0.50 11.00 -26.02
C TRP A 235 0.85 10.27 -25.96
N TRP A 236 1.93 10.99 -25.78
CA TRP A 236 3.28 10.40 -25.83
C TRP A 236 3.50 9.57 -24.54
N ALA A 237 2.98 10.03 -23.42
CA ALA A 237 3.14 9.32 -22.13
C ALA A 237 2.46 7.95 -22.21
N ASN A 238 1.34 7.88 -22.88
CA ASN A 238 0.60 6.61 -23.07
C ASN A 238 1.31 5.69 -24.09
N ALA A 239 1.84 6.26 -25.15
CA ALA A 239 2.41 5.51 -26.25
C ALA A 239 3.80 5.03 -25.84
N LEU A 240 4.61 5.83 -25.15
CA LEU A 240 5.94 5.37 -24.64
C LEU A 240 5.81 4.56 -23.33
N GLY A 241 4.68 4.61 -22.65
CA GLY A 241 4.52 3.83 -21.40
C GLY A 241 5.27 4.43 -20.22
N LEU A 242 5.28 5.76 -20.12
CA LEU A 242 6.12 6.54 -19.17
C LEU A 242 5.30 6.89 -17.93
N THR A 243 4.03 6.55 -17.87
CA THR A 243 3.09 6.91 -16.79
C THR A 243 3.45 6.22 -15.47
N GLY A 244 3.18 6.93 -14.37
CA GLY A 244 3.39 6.47 -12.99
C GLY A 244 2.36 5.48 -12.47
N SER A 245 2.74 4.82 -11.39
CA SER A 245 1.89 3.97 -10.52
C SER A 245 0.82 4.82 -9.78
N PRO A 246 -0.44 4.41 -9.76
CA PRO A 246 -1.45 5.03 -8.94
C PRO A 246 -1.11 5.00 -7.43
N PHE A 247 -0.46 3.98 -6.93
CA PHE A 247 -0.10 3.94 -5.51
C PHE A 247 0.86 5.10 -5.22
N ASP A 248 1.82 5.30 -6.11
CA ASP A 248 2.84 6.37 -5.98
C ASP A 248 2.18 7.74 -6.07
N ALA A 249 1.18 7.89 -6.92
CA ALA A 249 0.41 9.15 -7.02
C ALA A 249 -0.33 9.36 -5.70
N PHE A 250 -0.87 8.33 -5.10
CA PHE A 250 -1.55 8.45 -3.81
C PHE A 250 -0.53 8.93 -2.75
N LEU A 251 0.60 8.31 -2.57
CA LEU A 251 1.56 8.79 -1.55
C LEU A 251 2.04 10.21 -1.86
N THR A 252 2.22 10.49 -3.14
CA THR A 252 2.74 11.79 -3.59
C THR A 252 1.69 12.87 -3.29
N LEU A 253 0.41 12.67 -3.66
CA LEU A 253 -0.68 13.59 -3.28
C LEU A 253 -0.68 13.79 -1.73
N ARG A 254 -0.45 12.75 -0.95
CA ARG A 254 -0.54 12.82 0.51
C ARG A 254 0.58 13.72 1.00
N GLY A 255 1.76 13.55 0.41
CA GLY A 255 2.91 14.42 0.60
C GLY A 255 2.58 15.87 0.31
N LEU A 256 1.90 16.17 -0.80
CA LEU A 256 1.72 17.56 -1.29
C LEU A 256 1.01 18.33 -0.18
N ARG A 257 0.14 17.64 0.55
CA ARG A 257 -0.74 18.32 1.49
C ARG A 257 0.10 19.04 2.57
N THR A 258 1.30 18.58 2.88
CA THR A 258 2.14 19.25 3.90
C THR A 258 3.27 20.07 3.23
N LEU A 259 3.25 20.28 1.92
CA LEU A 259 4.36 21.00 1.22
C LEU A 259 4.57 22.40 1.83
N ASP A 260 3.52 23.24 1.92
CA ASP A 260 3.59 24.64 2.46
C ASP A 260 4.06 24.57 3.93
N ALA A 261 3.49 23.69 4.74
CA ALA A 261 3.89 23.54 6.15
C ALA A 261 5.36 23.11 6.25
N ARG A 262 5.76 22.12 5.46
CA ARG A 262 7.16 21.62 5.47
C ARG A 262 8.12 22.78 5.09
N LEU A 263 7.83 23.53 4.04
CA LEU A 263 8.80 24.53 3.51
C LEU A 263 8.98 25.67 4.52
N ARG A 264 8.00 25.95 5.37
CA ARG A 264 8.26 26.97 6.41
C ARG A 264 9.43 26.54 7.29
N VAL A 265 9.44 25.28 7.69
CA VAL A 265 10.47 24.85 8.67
C VAL A 265 11.78 24.68 7.91
N HIS A 266 11.76 24.10 6.70
CA HIS A 266 12.96 23.94 5.83
C HIS A 266 13.66 25.28 5.72
N GLN A 267 12.92 26.35 5.47
CA GLN A 267 13.53 27.69 5.19
C GLN A 267 14.04 28.28 6.51
N GLU A 268 13.32 28.16 7.60
CA GLU A 268 13.82 28.57 8.94
C GLU A 268 15.14 27.85 9.16
N ASN A 269 15.23 26.52 8.92
CA ASN A 269 16.48 25.78 9.27
C ASN A 269 17.61 26.23 8.36
N ALA A 270 17.32 26.42 7.06
CA ALA A 270 18.32 26.76 6.06
C ALA A 270 18.91 28.13 6.39
N ASP A 271 18.11 29.07 6.83
CA ASP A 271 18.58 30.44 7.19
C ASP A 271 19.58 30.30 8.33
N ALA A 272 19.21 29.60 9.39
CA ALA A 272 20.06 29.43 10.57
C ALA A 272 21.39 28.77 10.13
N ILE A 273 21.37 27.85 9.17
CA ILE A 273 22.56 27.05 8.78
C ILE A 273 23.44 27.84 7.82
N ALA A 274 22.86 28.61 6.90
CA ALA A 274 23.64 29.48 5.98
C ALA A 274 24.43 30.51 6.82
N GLU A 275 23.86 31.05 7.89
CA GLU A 275 24.49 32.00 8.79
C GLU A 275 25.69 31.39 9.56
N LEU A 276 25.60 30.14 9.99
CA LEU A 276 26.70 29.39 10.67
C LEU A 276 27.80 29.15 9.64
N LEU A 277 27.50 28.78 8.42
CA LEU A 277 28.54 28.33 7.46
C LEU A 277 29.26 29.53 6.83
N ASP A 278 28.56 30.60 6.51
CA ASP A 278 29.12 31.82 5.86
C ASP A 278 30.09 32.57 6.80
N GLY A 279 31.35 32.70 6.35
CA GLY A 279 32.55 33.15 7.11
C GLY A 279 32.84 32.43 8.43
N HIS A 280 32.38 31.19 8.61
CA HIS A 280 33.08 30.20 9.47
C HIS A 280 34.47 30.00 8.89
N ALA A 281 35.46 29.99 9.79
CA ALA A 281 36.89 29.83 9.50
C ALA A 281 37.15 28.55 8.72
N MET A 282 36.38 27.47 8.92
CA MET A 282 36.61 26.18 8.21
C MET A 282 35.93 26.16 6.84
N VAL A 283 35.16 27.20 6.49
CA VAL A 283 34.38 27.21 5.24
C VAL A 283 34.89 28.32 4.34
N ASN A 284 35.18 27.88 3.15
CA ASN A 284 35.86 28.58 2.06
C ASN A 284 34.81 29.31 1.18
N GLN A 285 33.76 28.63 0.72
CA GLN A 285 32.64 29.21 -0.07
C GLN A 285 31.34 28.53 0.39
N VAL A 286 30.24 29.28 0.50
CA VAL A 286 28.87 28.75 0.61
C VAL A 286 28.16 29.18 -0.65
N TYR A 287 27.42 28.28 -1.23
CA TYR A 287 26.48 28.53 -2.35
C TYR A 287 25.07 28.35 -1.80
N PHE A 288 24.43 29.47 -1.47
CA PHE A 288 23.03 29.56 -1.03
C PHE A 288 22.45 30.86 -1.54
N PRO A 289 21.37 30.85 -2.32
CA PRO A 289 20.88 32.08 -2.91
C PRO A 289 20.34 33.10 -1.91
N GLY A 290 20.11 32.65 -0.69
CA GLY A 290 19.72 33.54 0.42
C GLY A 290 20.78 34.49 0.92
N LEU A 291 22.06 34.23 0.67
CA LEU A 291 23.15 35.17 1.04
C LEU A 291 23.27 36.31 0.01
N ALA A 292 23.36 37.55 0.48
CA ALA A 292 23.46 38.75 -0.40
C ALA A 292 24.73 38.69 -1.26
N THR A 293 25.76 37.98 -0.81
CA THR A 293 27.01 37.84 -1.59
C THR A 293 26.88 36.79 -2.70
N HIS A 294 25.79 36.06 -2.82
CA HIS A 294 25.69 34.99 -3.85
C HIS A 294 25.28 35.61 -5.20
N PRO A 295 26.09 35.44 -6.27
CA PRO A 295 25.69 35.84 -7.61
C PRO A 295 24.34 35.19 -7.89
N GLY A 296 23.30 35.99 -7.96
CA GLY A 296 21.93 35.53 -8.25
C GLY A 296 20.98 35.89 -7.14
N HIS A 297 21.48 36.38 -5.99
CA HIS A 297 20.62 36.63 -4.83
C HIS A 297 19.44 37.53 -5.20
N ALA A 298 19.70 38.68 -5.83
CA ALA A 298 18.58 39.65 -6.09
C ALA A 298 17.60 39.07 -7.11
N LEU A 299 18.05 38.38 -8.15
CA LEU A 299 17.16 37.60 -9.04
C LEU A 299 16.33 36.55 -8.27
N ALA A 300 16.95 35.80 -7.38
CA ALA A 300 16.29 34.78 -6.56
C ALA A 300 15.21 35.46 -5.70
N ALA A 301 15.52 36.59 -5.09
CA ALA A 301 14.57 37.35 -4.22
C ALA A 301 13.39 37.81 -5.03
N ARG A 302 13.55 38.08 -6.34
CA ARG A 302 12.49 38.56 -7.26
C ARG A 302 11.64 37.41 -7.87
N GLN A 303 12.24 36.33 -8.40
CA GLN A 303 11.51 35.28 -9.17
C GLN A 303 11.08 34.10 -8.27
N GLN A 304 11.37 34.15 -6.96
CA GLN A 304 11.10 33.08 -5.96
C GLN A 304 10.43 33.75 -4.77
N LYS A 305 9.45 33.08 -4.17
CA LYS A 305 8.77 33.39 -2.90
C LYS A 305 9.70 33.09 -1.70
N GLY A 306 10.78 32.34 -1.90
CA GLY A 306 11.74 32.05 -0.82
C GLY A 306 13.02 31.45 -1.36
N PHE A 307 14.03 31.36 -0.53
CA PHE A 307 15.39 30.93 -0.97
C PHE A 307 15.59 29.41 -0.86
N GLY A 308 14.59 28.71 -0.36
CA GLY A 308 14.63 27.25 -0.34
C GLY A 308 15.57 26.74 0.73
N ALA A 309 16.00 25.48 0.57
CA ALA A 309 16.67 24.75 1.64
C ALA A 309 17.80 23.86 1.12
N MET A 310 18.20 24.08 -0.12
CA MET A 310 19.34 23.40 -0.73
C MET A 310 20.51 24.36 -0.63
N MET A 311 21.67 23.84 -0.25
CA MET A 311 22.90 24.64 -0.31
C MET A 311 24.11 23.74 -0.41
N SER A 312 25.19 24.23 -0.99
CA SER A 312 26.47 23.51 -0.98
C SER A 312 27.60 24.44 -0.51
N PHE A 313 28.75 23.88 -0.23
CA PHE A 313 29.87 24.57 0.46
C PHE A 313 31.13 23.75 0.23
N GLU A 314 32.26 24.44 0.28
CA GLU A 314 33.64 23.94 0.15
C GLU A 314 34.26 24.18 1.53
N LEU A 315 34.79 23.12 2.12
CA LEU A 315 35.61 23.14 3.35
C LEU A 315 37.06 23.53 3.03
N GLU A 316 37.76 24.16 3.97
CA GLU A 316 39.27 24.22 3.96
C GLU A 316 39.75 22.79 4.29
N GLY A 317 40.90 22.39 3.73
CA GLY A 317 41.68 21.24 4.24
C GLY A 317 41.62 19.98 3.40
N GLY A 318 41.14 20.11 2.15
CA GLY A 318 41.07 19.04 1.13
C GLY A 318 40.34 17.77 1.57
N GLU A 319 40.78 16.62 1.08
CA GLU A 319 39.99 15.38 1.12
C GLU A 319 39.87 14.92 2.58
N ALA A 320 40.93 15.02 3.38
CA ALA A 320 40.97 14.55 4.79
C ALA A 320 39.89 15.32 5.57
N ALA A 321 39.71 16.62 5.31
CA ALA A 321 38.73 17.45 6.03
C ALA A 321 37.30 17.02 5.66
N VAL A 322 37.02 16.80 4.38
CA VAL A 322 35.68 16.36 3.91
C VAL A 322 35.30 15.08 4.65
N ARG A 323 36.21 14.11 4.68
CA ARG A 323 36.05 12.76 5.29
C ARG A 323 35.81 12.98 6.79
N ALA A 324 36.59 13.79 7.49
CA ALA A 324 36.39 13.92 8.96
C ALA A 324 35.00 14.55 9.19
N PHE A 325 34.61 15.50 8.32
CA PHE A 325 33.33 16.23 8.45
C PHE A 325 32.16 15.23 8.30
N VAL A 326 32.22 14.36 7.31
CA VAL A 326 31.08 13.51 6.92
C VAL A 326 30.95 12.35 7.91
N ASP A 327 32.07 11.75 8.28
CA ASP A 327 32.11 10.56 9.16
C ASP A 327 31.97 11.09 10.59
N GLY A 328 30.80 10.83 11.19
CA GLY A 328 30.36 11.34 12.49
C GLY A 328 29.04 12.10 12.41
N LEU A 329 28.53 12.55 11.25
CA LEU A 329 27.23 13.28 11.27
C LEU A 329 26.14 12.37 11.82
N ARG A 330 25.33 12.82 12.80
CA ARG A 330 24.23 12.03 13.37
C ARG A 330 22.94 12.30 12.62
N TYR A 331 22.69 13.52 12.10
CA TYR A 331 21.35 13.97 11.66
C TYR A 331 21.36 14.27 10.16
N PHE A 332 22.51 14.30 9.53
CA PHE A 332 22.63 14.44 8.06
C PHE A 332 23.06 13.05 7.59
N THR A 333 22.17 12.36 6.90
CA THR A 333 22.50 11.04 6.35
C THR A 333 23.27 11.25 5.04
N LEU A 334 24.31 10.48 4.83
CA LEU A 334 25.06 10.49 3.56
C LEU A 334 24.30 9.67 2.53
N ALA A 335 23.71 10.37 1.57
CA ALA A 335 22.81 9.76 0.57
C ALA A 335 22.53 10.69 -0.60
N GLU A 336 22.10 10.11 -1.71
CA GLU A 336 21.57 10.91 -2.83
C GLU A 336 20.11 11.31 -2.54
N SER A 337 19.56 12.12 -3.42
CA SER A 337 18.20 12.70 -3.31
C SER A 337 18.24 13.93 -2.40
N LEU A 338 17.06 14.54 -2.21
CA LEU A 338 16.93 15.87 -1.55
C LEU A 338 15.44 16.13 -1.38
N GLY A 339 15.11 17.15 -0.60
CA GLY A 339 13.70 17.59 -0.49
C GLY A 339 12.87 16.76 0.45
N GLY A 340 13.48 15.86 1.21
CA GLY A 340 12.68 15.14 2.21
C GLY A 340 12.62 15.86 3.55
N VAL A 341 11.77 15.37 4.45
CA VAL A 341 11.70 15.84 5.86
C VAL A 341 13.03 15.54 6.60
N GLU A 342 13.75 14.54 6.20
CA GLU A 342 15.03 14.21 6.86
C GLU A 342 16.20 14.93 6.17
N SER A 343 17.13 15.45 6.96
CA SER A 343 18.34 16.12 6.47
C SER A 343 19.29 15.15 5.77
N LEU A 344 19.90 15.54 4.62
CA LEU A 344 20.81 14.69 3.81
C LEU A 344 22.08 15.45 3.53
N ILE A 345 23.18 14.72 3.32
CA ILE A 345 24.42 15.31 2.75
C ILE A 345 24.88 14.48 1.53
N ALA A 346 25.38 15.13 0.48
CA ALA A 346 26.00 14.43 -0.66
C ALA A 346 27.27 15.12 -1.07
N HIS A 347 28.06 14.34 -1.80
CA HIS A 347 29.36 14.68 -2.44
C HIS A 347 29.14 14.49 -3.93
N PRO A 348 28.72 15.56 -4.63
CA PRO A 348 28.28 15.44 -6.03
C PRO A 348 29.25 14.77 -7.00
N ALA A 349 30.56 15.01 -6.88
CA ALA A 349 31.57 14.47 -7.84
C ALA A 349 31.50 12.93 -7.91
N SER A 350 31.32 12.27 -6.74
CA SER A 350 31.33 10.80 -6.51
C SER A 350 29.90 10.25 -6.37
N MET A 351 28.85 11.08 -6.25
CA MET A 351 27.45 10.63 -5.99
C MET A 351 26.51 11.17 -7.08
N THR A 352 25.84 12.29 -6.83
CA THR A 352 24.77 12.83 -7.71
C THR A 352 25.27 13.18 -9.12
N HIS A 353 26.55 13.48 -9.31
CA HIS A 353 27.07 14.02 -10.58
C HIS A 353 28.24 13.16 -11.08
N ALA A 354 28.34 11.93 -10.60
CA ALA A 354 29.28 10.89 -11.11
C ALA A 354 28.97 10.51 -12.58
N ALA A 355 27.71 10.54 -13.05
CA ALA A 355 27.31 10.31 -14.46
C ALA A 355 28.03 11.28 -15.43
N MET A 356 28.42 12.46 -14.97
CA MET A 356 29.18 13.47 -15.78
C MET A 356 30.64 13.01 -15.95
N THR A 357 31.28 13.34 -17.07
CA THR A 357 32.76 13.29 -17.20
C THR A 357 33.42 14.27 -16.22
N ALA A 358 34.68 14.07 -15.85
CA ALA A 358 35.45 15.05 -15.03
C ALA A 358 35.46 16.43 -15.72
N GLU A 359 35.43 16.45 -17.04
CA GLU A 359 35.55 17.69 -17.88
C GLU A 359 34.21 18.48 -17.82
N ALA A 360 33.07 17.83 -17.99
CA ALA A 360 31.74 18.47 -17.85
C ALA A 360 31.56 19.04 -16.41
N ARG A 361 32.08 18.34 -15.39
CA ARG A 361 32.07 18.81 -13.99
C ARG A 361 32.98 20.06 -13.84
N ALA A 362 34.14 20.10 -14.51
CA ALA A 362 35.04 21.27 -14.43
C ALA A 362 34.35 22.50 -15.10
N ALA A 363 33.73 22.31 -16.28
CA ALA A 363 33.01 23.35 -17.09
C ALA A 363 31.84 23.91 -16.28
N ALA A 364 31.24 23.09 -15.42
CA ALA A 364 30.15 23.44 -14.49
C ALA A 364 30.68 24.12 -13.21
N GLY A 365 31.94 23.88 -12.81
CA GLY A 365 32.49 24.50 -11.59
C GLY A 365 32.14 23.67 -10.37
N ILE A 366 31.88 22.40 -10.58
CA ILE A 366 31.71 21.40 -9.50
C ILE A 366 33.09 20.85 -9.17
N SER A 367 33.68 21.30 -8.07
CA SER A 367 34.99 20.80 -7.58
C SER A 367 34.79 19.48 -6.89
N ASP A 368 35.92 18.80 -6.67
CA ASP A 368 35.98 17.51 -5.95
C ASP A 368 35.76 17.68 -4.43
N GLY A 369 35.76 18.91 -3.85
CA GLY A 369 35.68 19.14 -2.37
C GLY A 369 34.29 19.69 -1.94
N LEU A 370 33.41 19.74 -2.91
CA LEU A 370 32.04 20.27 -2.73
C LEU A 370 31.17 19.28 -1.95
N LEU A 371 30.46 19.82 -0.97
CA LEU A 371 29.36 19.13 -0.27
C LEU A 371 28.06 19.89 -0.52
N ARG A 372 26.99 19.14 -0.70
CA ARG A 372 25.60 19.60 -0.83
C ARG A 372 24.75 19.17 0.37
N LEU A 373 24.02 20.11 0.97
CA LEU A 373 23.07 19.75 2.03
C LEU A 373 21.65 19.86 1.50
N SER A 374 20.81 18.86 1.80
CA SER A 374 19.36 19.00 1.83
C SER A 374 18.97 19.18 3.29
N ILE A 375 18.47 20.33 3.64
CA ILE A 375 18.10 20.61 5.04
C ILE A 375 16.65 20.24 5.28
N GLY A 376 16.46 19.34 6.23
CA GLY A 376 15.11 18.88 6.58
C GLY A 376 14.47 19.81 7.62
N ILE A 377 13.58 19.26 8.43
CA ILE A 377 12.61 19.97 9.28
C ILE A 377 12.84 19.50 10.70
N GLU A 378 14.00 18.92 10.95
CA GLU A 378 14.45 18.70 12.33
C GLU A 378 14.58 20.06 13.06
N SER A 379 14.80 20.06 14.38
CA SER A 379 15.10 21.31 15.12
C SER A 379 16.42 21.91 14.66
N ALA A 380 16.38 23.20 14.35
CA ALA A 380 17.56 24.02 14.03
C ALA A 380 18.68 23.68 15.03
N GLU A 381 18.36 23.61 16.31
CA GLU A 381 19.45 23.45 17.30
C GLU A 381 20.12 22.07 17.07
N ASP A 382 19.38 20.99 16.86
CA ASP A 382 20.00 19.66 16.65
C ASP A 382 20.81 19.72 15.35
N LEU A 383 20.37 20.45 14.30
CA LEU A 383 21.17 20.44 13.05
C LEU A 383 22.45 21.25 13.25
N LEU A 384 22.38 22.33 14.02
CA LEU A 384 23.54 23.23 14.18
C LEU A 384 24.59 22.54 15.08
N ILE A 385 24.22 21.92 16.19
CA ILE A 385 25.17 21.09 16.97
C ILE A 385 25.86 20.09 16.03
N ASP A 386 25.09 19.44 15.19
CA ASP A 386 25.62 18.39 14.30
C ASP A 386 26.65 19.00 13.34
N LEU A 387 26.34 20.15 12.71
CA LEU A 387 27.29 20.81 11.79
C LEU A 387 28.54 21.34 12.54
N ARG A 388 28.40 21.94 13.71
CA ARG A 388 29.54 22.48 14.49
C ARG A 388 30.54 21.35 14.78
N ALA A 389 30.05 20.19 15.14
CA ALA A 389 30.91 19.03 15.50
C ALA A 389 31.66 18.61 14.23
N GLY A 390 30.99 18.58 13.08
CA GLY A 390 31.66 18.32 11.78
C GLY A 390 32.77 19.33 11.52
N LEU A 391 32.50 20.62 11.78
CA LEU A 391 33.48 21.68 11.50
C LEU A 391 34.73 21.50 12.37
N SER A 392 34.62 21.14 13.68
CA SER A 392 35.78 20.75 14.54
C SER A 392 36.48 19.53 13.97
N ARG A 393 35.76 18.51 13.53
CA ARG A 393 36.47 17.30 13.09
C ARG A 393 37.35 17.74 11.91
N ALA A 394 36.82 18.62 11.08
CA ALA A 394 37.49 19.08 9.87
C ALA A 394 38.66 19.99 10.29
N GLU A 395 38.46 20.87 11.29
CA GLU A 395 39.54 21.69 11.91
C GLU A 395 40.68 20.79 12.42
N ALA A 396 40.37 19.75 13.19
CA ALA A 396 41.36 18.84 13.81
C ALA A 396 42.18 18.06 12.76
N THR A 397 41.93 18.23 11.48
CA THR A 397 42.67 17.65 10.33
C THR A 397 43.90 18.46 9.91
N LEU A 398 44.08 19.73 10.28
CA LEU A 398 45.06 20.64 9.61
C LEU A 398 46.53 20.44 10.08
N THR B 12 20.09 -30.62 -6.41
CA THR B 12 18.95 -30.47 -7.41
C THR B 12 18.57 -28.98 -7.49
N PRO B 13 18.25 -28.42 -8.68
CA PRO B 13 17.55 -27.16 -8.73
C PRO B 13 16.06 -27.52 -8.63
N CYS B 14 15.25 -26.55 -8.29
CA CYS B 14 13.80 -26.67 -8.10
C CYS B 14 13.16 -26.37 -9.46
N THR B 15 11.88 -26.70 -9.65
CA THR B 15 11.11 -26.38 -10.85
C THR B 15 10.86 -24.89 -10.90
N ALA B 16 10.33 -24.45 -12.02
CA ALA B 16 9.91 -23.07 -12.29
C ALA B 16 8.79 -22.67 -11.29
N ALA B 17 7.79 -23.54 -11.11
CA ALA B 17 6.67 -23.34 -10.18
C ALA B 17 7.18 -23.16 -8.74
N THR B 18 8.15 -23.95 -8.29
CA THR B 18 8.68 -23.82 -6.90
C THR B 18 9.37 -22.46 -6.77
N ALA B 19 10.07 -22.04 -7.80
CA ALA B 19 10.94 -20.85 -7.83
C ALA B 19 10.07 -19.61 -7.72
N ALA B 20 8.96 -19.63 -8.42
CA ALA B 20 7.97 -18.53 -8.49
C ALA B 20 7.20 -18.54 -7.15
N VAL B 21 6.81 -19.69 -6.60
CA VAL B 21 6.08 -19.67 -5.32
C VAL B 21 6.99 -19.10 -4.22
N ARG B 22 8.29 -19.32 -4.28
CA ARG B 22 9.23 -19.05 -3.17
C ARG B 22 10.11 -17.85 -3.48
N ALA B 23 9.80 -17.02 -4.47
CA ALA B 23 10.72 -15.90 -4.81
C ALA B 23 10.70 -14.89 -3.64
N GLY B 24 11.90 -14.66 -3.13
CA GLY B 24 12.09 -13.84 -1.91
C GLY B 24 11.39 -14.35 -0.64
N ILE B 25 11.06 -15.62 -0.54
CA ILE B 25 10.59 -16.22 0.74
C ILE B 25 11.82 -16.46 1.60
N ASP B 26 11.79 -16.02 2.84
CA ASP B 26 12.90 -16.16 3.81
C ASP B 26 14.19 -15.61 3.19
N ARG B 27 14.14 -14.41 2.62
CA ARG B 27 15.34 -13.73 2.08
C ARG B 27 15.46 -12.31 2.67
N ASP B 28 15.17 -12.15 3.96
CA ASP B 28 15.15 -10.87 4.70
C ASP B 28 16.18 -11.01 5.81
N THR B 29 17.37 -10.44 5.59
CA THR B 29 18.50 -10.54 6.55
C THR B 29 18.16 -9.75 7.82
N ALA B 30 17.26 -8.76 7.79
CA ALA B 30 17.00 -7.89 8.97
C ALA B 30 16.25 -8.69 10.06
N TYR B 31 15.14 -9.35 9.71
CA TYR B 31 14.25 -9.90 10.73
C TYR B 31 13.88 -11.34 10.44
N GLY B 32 14.23 -11.90 9.29
CA GLY B 32 13.78 -13.25 8.98
C GLY B 32 12.32 -13.23 8.55
N ALA B 33 11.85 -12.14 7.98
CA ALA B 33 10.45 -12.08 7.52
C ALA B 33 10.28 -13.17 6.46
N VAL B 34 9.20 -13.95 6.54
CA VAL B 34 8.96 -15.00 5.51
C VAL B 34 8.63 -14.29 4.15
N THR B 35 7.68 -13.39 4.16
CA THR B 35 7.27 -12.52 3.02
C THR B 35 8.27 -11.37 2.91
N PRO B 36 8.75 -10.98 1.71
CA PRO B 36 9.79 -9.93 1.58
C PRO B 36 9.33 -8.50 1.98
N PRO B 37 10.10 -7.71 2.75
CA PRO B 37 9.65 -6.35 3.12
C PRO B 37 9.58 -5.46 1.90
N ILE B 38 8.62 -4.57 1.87
CA ILE B 38 8.51 -3.60 0.75
C ILE B 38 9.48 -2.44 0.99
N VAL B 39 10.45 -2.24 0.11
CA VAL B 39 11.41 -1.11 0.23
C VAL B 39 11.01 0.02 -0.69
N LEU B 40 10.14 0.91 -0.19
CA LEU B 40 9.66 2.10 -0.92
C LEU B 40 10.76 3.19 -1.04
N SER B 41 11.70 3.22 -0.09
CA SER B 41 12.75 4.25 0.00
C SER B 41 13.29 4.63 -1.38
N SER B 42 13.32 5.91 -1.64
CA SER B 42 13.92 6.46 -2.87
C SER B 42 15.44 6.34 -2.75
N ASN B 43 15.98 6.38 -1.56
CA ASN B 43 17.45 6.51 -1.38
C ASN B 43 17.97 5.57 -0.29
N PHE B 44 19.27 5.32 -0.28
CA PHE B 44 19.93 4.31 0.60
C PHE B 44 21.16 5.02 1.17
N SER B 45 21.44 4.94 2.47
CA SER B 45 22.65 5.58 3.04
C SER B 45 23.89 4.99 2.39
N PHE B 46 24.94 5.79 2.20
CA PHE B 46 26.32 5.27 2.09
C PHE B 46 26.80 4.75 3.46
N ASP B 47 27.83 3.90 3.43
CA ASP B 47 28.50 3.25 4.60
C ASP B 47 29.78 4.03 4.92
N GLY B 48 29.64 5.32 5.22
CA GLY B 48 30.70 6.35 5.21
C GLY B 48 31.09 6.83 3.82
N PHE B 49 31.79 7.96 3.78
CA PHE B 49 32.35 8.64 2.59
C PHE B 49 33.00 7.60 1.65
N GLY B 50 32.55 7.58 0.39
CA GLY B 50 33.13 6.77 -0.71
C GLY B 50 32.59 5.35 -0.79
N ASN B 51 31.69 4.93 0.11
CA ASN B 51 31.28 3.49 0.29
C ASN B 51 29.82 3.31 -0.10
N LYS B 52 29.52 3.35 -1.38
CA LYS B 52 28.19 3.02 -1.91
C LYS B 52 27.84 1.64 -1.36
N ARG B 53 26.64 1.42 -0.83
CA ARG B 53 26.18 0.02 -0.59
C ARG B 53 25.79 -0.63 -1.93
N GLN B 54 25.15 -1.78 -1.88
CA GLN B 54 24.63 -2.46 -3.07
C GLN B 54 23.67 -1.49 -3.78
N TYR B 55 22.77 -0.81 -3.09
CA TYR B 55 21.76 0.09 -3.69
C TYR B 55 22.08 1.54 -3.27
N ASP B 56 21.74 2.53 -4.10
CA ASP B 56 21.96 3.94 -3.72
C ASP B 56 20.71 4.75 -4.01
N TYR B 57 20.05 4.45 -5.12
CA TYR B 57 18.89 5.21 -5.61
C TYR B 57 17.94 4.30 -6.38
N THR B 58 16.66 4.41 -6.10
CA THR B 58 15.61 3.45 -6.53
C THR B 58 15.38 3.50 -8.05
N ARG B 59 15.57 4.64 -8.72
CA ARG B 59 15.46 4.67 -10.21
C ARG B 59 16.52 3.75 -10.80
N SER B 60 17.71 3.67 -10.20
CA SER B 60 18.83 2.83 -10.71
C SER B 60 18.66 1.35 -10.35
N GLY B 61 18.10 1.08 -9.19
CA GLY B 61 18.12 -0.24 -8.57
C GLY B 61 17.38 -0.17 -7.27
N ASN B 62 16.55 -1.17 -6.97
CA ASN B 62 15.82 -1.29 -5.70
C ASN B 62 15.63 -2.77 -5.42
N PRO B 63 15.75 -3.19 -4.15
CA PRO B 63 15.72 -4.61 -3.83
C PRO B 63 14.33 -5.22 -4.06
N THR B 64 13.25 -4.52 -3.75
CA THR B 64 11.94 -5.17 -3.99
C THR B 64 11.79 -5.37 -5.49
N ARG B 65 12.13 -4.39 -6.29
CA ARG B 65 12.06 -4.52 -7.75
C ARG B 65 12.97 -5.65 -8.22
N ASP B 66 14.16 -5.78 -7.66
CA ASP B 66 15.12 -6.82 -8.10
C ASP B 66 14.62 -8.22 -7.77
N LEU B 67 13.78 -8.44 -6.73
CA LEU B 67 13.22 -9.77 -6.47
C LEU B 67 12.38 -10.14 -7.68
N LEU B 68 11.56 -9.23 -8.17
CA LEU B 68 10.75 -9.52 -9.34
C LEU B 68 11.68 -9.71 -10.54
N GLY B 69 12.69 -8.86 -10.75
CA GLY B 69 13.67 -9.00 -11.84
C GLY B 69 14.33 -10.37 -11.84
N GLU B 70 14.84 -10.81 -10.71
CA GLU B 70 15.62 -12.05 -10.50
C GLU B 70 14.63 -13.20 -10.71
N ALA B 71 13.39 -13.11 -10.24
CA ALA B 71 12.38 -14.18 -10.40
C ALA B 71 12.05 -14.37 -11.89
N LEU B 72 11.71 -13.32 -12.64
CA LEU B 72 11.35 -13.44 -14.09
C LEU B 72 12.61 -13.93 -14.85
N ALA B 73 13.81 -13.56 -14.45
CA ALA B 73 15.03 -14.03 -15.14
C ALA B 73 15.24 -15.53 -14.86
N GLU B 74 14.93 -16.01 -13.67
CA GLU B 74 15.05 -17.44 -13.36
C GLU B 74 14.04 -18.17 -14.22
N LEU B 75 12.82 -17.73 -14.27
CA LEU B 75 11.72 -18.41 -14.98
C LEU B 75 12.00 -18.46 -16.47
N GLU B 76 12.63 -17.41 -17.05
CA GLU B 76 12.78 -17.24 -18.51
C GLU B 76 14.12 -17.82 -18.98
N GLY B 77 15.07 -18.06 -18.07
CA GLY B 77 16.42 -18.61 -18.33
C GLY B 77 17.40 -17.53 -18.73
N GLY B 78 17.31 -16.32 -18.15
CA GLY B 78 18.12 -15.16 -18.59
C GLY B 78 19.18 -14.81 -17.58
N ALA B 79 20.03 -13.87 -17.93
CA ALA B 79 21.10 -13.40 -17.01
C ALA B 79 20.56 -12.35 -16.03
N GLY B 80 19.44 -11.72 -16.31
CA GLY B 80 18.82 -10.75 -15.41
C GLY B 80 17.55 -10.17 -15.97
N GLY B 81 16.86 -9.38 -15.15
CA GLY B 81 15.57 -8.77 -15.53
C GLY B 81 15.48 -7.33 -15.12
N VAL B 82 14.86 -6.52 -15.97
CA VAL B 82 14.58 -5.08 -15.69
C VAL B 82 13.07 -4.92 -15.67
N ILE B 83 12.57 -4.29 -14.61
CA ILE B 83 11.14 -4.03 -14.39
C ILE B 83 10.84 -2.58 -14.75
N THR B 84 9.88 -2.35 -15.64
CA THR B 84 9.54 -0.99 -16.15
C THR B 84 8.18 -0.59 -15.57
N SER B 85 7.83 0.69 -15.59
CA SER B 85 6.51 1.22 -15.15
C SER B 85 5.39 0.56 -15.96
N THR B 86 5.61 0.24 -17.22
CA THR B 86 4.57 -0.39 -18.06
C THR B 86 5.22 -1.36 -19.07
N GLY B 87 4.36 -2.18 -19.70
CA GLY B 87 4.71 -3.03 -20.84
C GLY B 87 5.18 -2.21 -22.04
N MET B 88 4.47 -1.15 -22.43
CA MET B 88 4.96 -0.28 -23.51
C MET B 88 6.34 0.25 -23.14
N GLY B 89 6.55 0.51 -21.86
CA GLY B 89 7.85 0.93 -21.36
C GLY B 89 8.94 -0.09 -21.59
N ALA B 90 8.65 -1.38 -21.46
CA ALA B 90 9.65 -2.43 -21.70
C ALA B 90 9.97 -2.47 -23.18
N ILE B 91 8.99 -2.29 -24.06
CA ILE B 91 9.29 -2.21 -25.51
C ILE B 91 10.13 -0.97 -25.78
N ASN B 92 9.71 0.15 -25.22
CA ASN B 92 10.47 1.41 -25.37
C ASN B 92 11.91 1.16 -24.92
N LEU B 93 12.14 0.58 -23.75
CA LEU B 93 13.50 0.41 -23.27
C LEU B 93 14.28 -0.36 -24.35
N VAL B 94 13.72 -1.39 -24.96
CA VAL B 94 14.48 -2.26 -25.90
C VAL B 94 14.82 -1.46 -27.17
N LEU B 95 13.88 -0.73 -27.77
CA LEU B 95 14.12 0.17 -28.92
C LEU B 95 15.27 1.17 -28.60
N ASN B 96 15.30 1.80 -27.44
CA ASN B 96 16.33 2.79 -27.05
C ASN B 96 17.66 2.07 -26.80
N ALA B 97 17.71 0.91 -26.19
CA ALA B 97 19.01 0.30 -25.87
C ALA B 97 19.65 -0.32 -27.13
N VAL B 98 18.87 -0.63 -28.13
CA VAL B 98 19.38 -1.54 -29.18
C VAL B 98 19.53 -0.80 -30.51
N LEU B 99 18.71 0.21 -30.80
CA LEU B 99 18.54 0.85 -32.12
C LEU B 99 19.05 2.28 -32.07
N GLN B 100 19.62 2.79 -33.17
CA GLN B 100 19.88 4.22 -33.43
C GLN B 100 19.47 4.49 -34.86
N PRO B 101 19.31 5.77 -35.29
CA PRO B 101 18.94 6.09 -36.69
C PRO B 101 19.84 5.41 -37.74
N GLY B 102 19.22 4.88 -38.79
CA GLY B 102 19.90 4.09 -39.82
C GLY B 102 19.82 2.59 -39.56
N ASP B 103 19.49 2.17 -38.35
CA ASP B 103 19.25 0.74 -38.03
C ASP B 103 17.85 0.35 -38.56
N THR B 104 17.64 -0.87 -39.01
CA THR B 104 16.23 -1.24 -39.31
C THR B 104 15.74 -2.26 -38.29
N LEU B 105 14.45 -2.14 -38.02
CA LEU B 105 13.64 -2.99 -37.10
C LEU B 105 12.58 -3.72 -37.94
N VAL B 106 12.52 -5.03 -37.75
CA VAL B 106 11.43 -5.84 -38.34
C VAL B 106 10.42 -6.17 -37.24
N VAL B 107 9.15 -5.87 -37.49
CA VAL B 107 8.03 -6.14 -36.58
C VAL B 107 6.99 -6.97 -37.31
N PRO B 108 6.17 -7.74 -36.56
CA PRO B 108 5.05 -8.46 -37.13
C PRO B 108 3.93 -7.52 -37.55
N HIS B 109 3.17 -7.88 -38.56
CA HIS B 109 2.03 -7.09 -39.12
C HIS B 109 0.85 -7.12 -38.13
N ASP B 110 0.73 -8.14 -37.31
CA ASP B 110 -0.44 -8.33 -36.43
C ASP B 110 -0.06 -8.25 -34.94
N ALA B 111 0.92 -7.42 -34.64
CA ALA B 111 1.33 -7.14 -33.27
C ALA B 111 0.23 -6.27 -32.59
N TYR B 112 0.20 -6.29 -31.26
CA TYR B 112 -0.60 -5.39 -30.40
C TYR B 112 -0.57 -3.97 -31.01
N GLY B 113 -1.78 -3.45 -31.20
CA GLY B 113 -2.04 -2.08 -31.62
C GLY B 113 -1.19 -1.02 -30.96
N GLY B 114 -0.95 -1.10 -29.66
CA GLY B 114 -0.03 -0.13 -29.01
C GLY B 114 1.42 -0.28 -29.47
N SER B 115 1.84 -1.49 -29.71
CA SER B 115 3.18 -1.74 -30.32
C SER B 115 3.19 -1.05 -31.69
N TRP B 116 2.15 -1.27 -32.51
CA TRP B 116 2.02 -0.67 -33.86
C TRP B 116 2.12 0.86 -33.67
N ARG B 117 1.42 1.46 -32.69
CA ARG B 117 1.40 2.95 -32.55
C ARG B 117 2.82 3.53 -32.28
N LEU B 118 3.55 2.87 -31.40
CA LEU B 118 4.90 3.31 -31.00
C LEU B 118 5.89 3.05 -32.14
N PHE B 119 5.94 1.84 -32.70
CA PHE B 119 6.85 1.63 -33.85
C PHE B 119 6.59 2.74 -34.90
N ASN B 120 5.33 3.06 -35.19
CA ASN B 120 4.95 3.90 -36.36
C ASN B 120 5.27 5.35 -35.96
N ALA B 121 5.15 5.75 -34.69
CA ALA B 121 5.44 7.15 -34.29
C ALA B 121 6.95 7.40 -34.30
N LEU B 122 7.74 6.47 -33.75
CA LEU B 122 9.20 6.61 -33.67
C LEU B 122 9.82 6.44 -35.06
N ALA B 123 9.19 5.69 -35.95
CA ALA B 123 9.68 5.54 -37.36
C ALA B 123 9.41 6.85 -38.10
N LYS B 124 8.27 7.51 -37.91
CA LYS B 124 7.93 8.80 -38.58
C LYS B 124 8.98 9.84 -38.18
N LYS B 125 9.41 9.87 -36.95
CA LYS B 125 10.46 10.79 -36.51
C LYS B 125 11.86 10.39 -37.01
N GLY B 126 12.10 9.14 -37.43
CA GLY B 126 13.38 8.67 -37.98
C GLY B 126 14.36 8.19 -36.93
N HIS B 127 13.91 7.56 -35.83
CA HIS B 127 14.77 6.90 -34.82
C HIS B 127 15.29 5.59 -35.38
N PHE B 128 14.55 4.98 -36.29
CA PHE B 128 14.98 3.78 -37.04
C PHE B 128 14.09 3.66 -38.27
N ALA B 129 14.48 2.77 -39.16
CA ALA B 129 13.63 2.41 -40.32
C ALA B 129 12.83 1.17 -39.93
N LEU B 130 11.61 1.12 -40.40
CA LEU B 130 10.65 0.10 -39.93
C LEU B 130 10.29 -0.80 -41.10
N ILE B 131 10.43 -2.12 -40.94
CA ILE B 131 9.80 -3.05 -41.92
C ILE B 131 8.74 -3.86 -41.16
N THR B 132 7.54 -3.86 -41.71
CA THR B 132 6.42 -4.61 -41.14
C THR B 132 6.13 -5.80 -42.07
N ALA B 133 6.52 -7.00 -41.63
CA ALA B 133 6.44 -8.31 -42.33
C ALA B 133 5.49 -9.28 -41.62
N ASP B 134 5.10 -10.35 -42.30
CA ASP B 134 4.26 -11.41 -41.73
C ASP B 134 5.25 -12.48 -41.34
N LEU B 135 5.50 -12.74 -40.06
CA LEU B 135 6.67 -13.60 -39.73
C LEU B 135 6.30 -15.08 -39.88
N THR B 136 5.04 -15.40 -40.21
CA THR B 136 4.53 -16.79 -40.28
C THR B 136 4.64 -17.26 -41.73
N ASP B 137 4.97 -16.35 -42.63
CA ASP B 137 5.10 -16.66 -44.06
C ASP B 137 6.58 -16.52 -44.46
N PRO B 138 7.31 -17.58 -44.86
CA PRO B 138 8.73 -17.47 -45.20
C PRO B 138 9.19 -16.43 -46.23
N ARG B 139 8.44 -16.21 -47.29
CA ARG B 139 8.83 -15.22 -48.31
C ARG B 139 8.96 -13.85 -47.61
N SER B 140 7.90 -13.40 -46.94
CA SER B 140 7.79 -12.14 -46.16
C SER B 140 8.98 -12.02 -45.19
N LEU B 141 9.26 -13.07 -44.44
CA LEU B 141 10.42 -13.06 -43.51
C LEU B 141 11.72 -12.85 -44.28
N ALA B 142 12.01 -13.66 -45.30
CA ALA B 142 13.30 -13.62 -46.04
C ALA B 142 13.53 -12.24 -46.65
N ASP B 143 12.50 -11.57 -47.15
CA ASP B 143 12.60 -10.22 -47.77
C ASP B 143 12.93 -9.22 -46.69
N ALA B 144 12.40 -9.41 -45.49
CA ALA B 144 12.73 -8.54 -44.33
C ALA B 144 14.17 -8.76 -43.87
N LEU B 145 14.66 -10.00 -43.82
CA LEU B 145 16.05 -10.32 -43.34
C LEU B 145 17.12 -9.93 -44.36
N ALA B 146 16.73 -9.83 -45.62
CA ALA B 146 17.64 -9.49 -46.74
C ALA B 146 18.00 -7.99 -46.62
N GLN B 147 17.23 -7.21 -45.87
CA GLN B 147 17.49 -5.76 -45.69
C GLN B 147 18.33 -5.50 -44.43
N SER B 148 19.09 -6.48 -43.95
CA SER B 148 20.10 -6.39 -42.86
C SER B 148 19.63 -5.71 -41.57
N PRO B 149 18.53 -6.17 -40.92
CA PRO B 149 17.97 -5.49 -39.74
C PRO B 149 18.81 -5.70 -38.47
N LYS B 150 18.83 -4.72 -37.56
CA LYS B 150 19.57 -4.77 -36.28
C LYS B 150 18.79 -5.64 -35.30
N LEU B 151 17.46 -5.60 -35.39
CA LEU B 151 16.51 -6.16 -34.41
C LEU B 151 15.27 -6.66 -35.13
N VAL B 152 14.85 -7.87 -34.76
CA VAL B 152 13.55 -8.50 -35.12
C VAL B 152 12.71 -8.72 -33.86
N LEU B 153 11.50 -8.23 -33.86
CA LEU B 153 10.53 -8.49 -32.78
C LEU B 153 9.50 -9.51 -33.26
N ILE B 154 9.30 -10.52 -32.43
CA ILE B 154 8.27 -11.57 -32.60
C ILE B 154 7.27 -11.35 -31.47
N GLU B 155 5.99 -11.52 -31.75
CA GLU B 155 4.90 -11.56 -30.77
C GLU B 155 4.08 -12.84 -30.99
N THR B 156 4.26 -13.86 -30.17
CA THR B 156 3.55 -15.15 -30.40
C THR B 156 3.10 -15.71 -29.05
N PRO B 157 1.85 -16.16 -28.96
CA PRO B 157 0.86 -15.98 -30.02
C PRO B 157 0.49 -14.51 -30.13
N SER B 158 -0.11 -14.12 -31.23
CA SER B 158 -0.34 -12.72 -31.62
C SER B 158 -1.71 -12.25 -31.05
N ASN B 159 -1.80 -10.97 -30.77
CA ASN B 159 -2.98 -10.33 -30.17
C ASN B 159 -3.62 -9.52 -31.29
N PRO B 160 -4.87 -9.80 -31.70
CA PRO B 160 -5.73 -10.78 -31.06
C PRO B 160 -6.14 -12.04 -31.84
N LEU B 161 -5.36 -12.43 -32.83
CA LEU B 161 -5.82 -13.50 -33.77
C LEU B 161 -5.12 -14.81 -33.47
N LEU B 162 -4.13 -14.79 -32.58
CA LEU B 162 -3.50 -16.01 -32.04
C LEU B 162 -2.77 -16.70 -33.21
N ARG B 163 -2.18 -15.92 -34.09
CA ARG B 163 -1.27 -16.42 -35.14
C ARG B 163 -0.02 -16.89 -34.36
N ILE B 164 0.66 -17.96 -34.80
CA ILE B 164 1.79 -18.60 -34.05
C ILE B 164 3.03 -18.48 -34.93
N THR B 165 4.12 -17.92 -34.41
CA THR B 165 5.34 -17.77 -35.21
C THR B 165 6.39 -18.70 -34.63
N ASP B 166 7.18 -19.27 -35.52
CA ASP B 166 8.06 -20.41 -35.26
C ASP B 166 9.31 -19.86 -34.62
N LEU B 167 9.39 -19.93 -33.31
CA LEU B 167 10.51 -19.29 -32.63
C LEU B 167 11.83 -19.78 -33.23
N ARG B 168 12.07 -21.09 -33.30
CA ARG B 168 13.37 -21.64 -33.71
C ARG B 168 13.67 -21.17 -35.14
N PHE B 169 12.72 -21.33 -36.06
CA PHE B 169 12.93 -20.89 -37.46
C PHE B 169 13.41 -19.42 -37.51
N VAL B 170 12.61 -18.49 -37.00
CA VAL B 170 12.85 -17.03 -37.12
C VAL B 170 14.11 -16.65 -36.37
N ILE B 171 14.32 -17.23 -35.23
CA ILE B 171 15.51 -16.84 -34.44
C ILE B 171 16.78 -17.26 -35.22
N GLU B 172 16.87 -18.50 -35.72
CA GLU B 172 18.04 -19.03 -36.48
C GLU B 172 18.20 -18.12 -37.73
N ALA B 173 17.11 -17.86 -38.43
CA ALA B 173 17.10 -17.03 -39.64
C ALA B 173 17.61 -15.61 -39.29
N ALA B 174 17.29 -15.09 -38.12
CA ALA B 174 17.77 -13.76 -37.74
C ALA B 174 19.24 -13.78 -37.31
N LYS B 175 19.72 -14.85 -36.65
CA LYS B 175 21.16 -14.94 -36.31
C LYS B 175 21.96 -15.04 -37.62
N LYS B 176 21.53 -15.79 -38.61
CA LYS B 176 22.27 -15.98 -39.89
C LYS B 176 22.60 -14.58 -40.43
N VAL B 177 21.83 -13.52 -40.19
CA VAL B 177 22.13 -12.19 -40.81
C VAL B 177 22.59 -11.16 -39.79
N GLY B 178 22.91 -11.58 -38.56
CA GLY B 178 23.36 -10.69 -37.48
C GLY B 178 22.26 -9.87 -36.82
N ALA B 179 20.98 -10.22 -36.94
CA ALA B 179 19.95 -9.47 -36.17
C ALA B 179 19.83 -10.03 -34.74
N LEU B 180 19.64 -9.16 -33.73
CA LEU B 180 19.11 -9.56 -32.41
C LEU B 180 17.63 -9.90 -32.60
N THR B 181 17.11 -10.75 -31.73
CA THR B 181 15.67 -11.12 -31.63
C THR B 181 15.18 -10.78 -30.21
N VAL B 182 14.00 -10.20 -30.18
CA VAL B 182 13.19 -9.97 -28.97
C VAL B 182 11.79 -10.56 -29.17
N VAL B 183 11.33 -11.29 -28.18
CA VAL B 183 9.97 -11.87 -28.23
C VAL B 183 9.10 -11.23 -27.13
N ASP B 184 7.93 -10.71 -27.48
CA ASP B 184 6.86 -10.34 -26.52
C ASP B 184 6.11 -11.63 -26.18
N ASN B 185 6.18 -12.03 -24.93
CA ASN B 185 5.75 -13.34 -24.37
C ASN B 185 4.60 -13.09 -23.38
N THR B 186 3.90 -11.98 -23.52
CA THR B 186 2.80 -11.53 -22.65
C THR B 186 1.65 -12.56 -22.63
N PHE B 187 1.19 -13.01 -23.82
CA PHE B 187 0.02 -13.88 -23.98
C PHE B 187 0.21 -15.22 -23.23
N LEU B 188 1.41 -15.69 -22.96
CA LEU B 188 1.53 -17.07 -22.41
C LEU B 188 2.25 -17.07 -21.08
N SER B 189 3.07 -16.05 -20.81
CA SER B 189 3.87 -15.92 -19.56
C SER B 189 5.02 -16.89 -19.67
N PRO B 190 6.02 -16.78 -18.80
CA PRO B 190 7.09 -17.78 -18.76
C PRO B 190 6.66 -19.19 -18.38
N ALA B 191 5.55 -19.33 -17.66
CA ALA B 191 5.07 -20.66 -17.27
C ALA B 191 4.65 -21.45 -18.54
N LEU B 192 4.32 -20.83 -19.70
CA LEU B 192 3.83 -21.60 -20.86
C LEU B 192 4.74 -21.47 -22.09
N GLN B 193 5.81 -20.65 -22.08
CA GLN B 193 6.65 -20.50 -23.29
C GLN B 193 7.92 -19.85 -22.83
N LYS B 194 9.04 -20.37 -23.27
CA LYS B 194 10.37 -19.87 -22.90
C LYS B 194 11.18 -19.58 -24.15
N PRO B 195 10.99 -18.43 -24.79
CA PRO B 195 11.70 -18.13 -26.02
C PRO B 195 13.23 -18.15 -25.95
N LEU B 196 13.80 -17.87 -24.79
CA LEU B 196 15.29 -17.89 -24.65
C LEU B 196 15.81 -19.30 -24.83
N ASP B 197 15.01 -20.34 -24.56
CA ASP B 197 15.41 -21.76 -24.78
C ASP B 197 15.71 -22.00 -26.27
N PHE B 198 15.15 -21.20 -27.17
CA PHE B 198 15.25 -21.38 -28.63
C PHE B 198 16.28 -20.40 -29.14
N GLY B 199 17.05 -19.71 -28.28
CA GLY B 199 18.13 -18.84 -28.76
C GLY B 199 17.83 -17.35 -28.79
N ALA B 200 16.63 -16.87 -28.39
CA ALA B 200 16.29 -15.43 -28.50
C ALA B 200 17.23 -14.62 -27.61
N ASP B 201 17.48 -13.37 -27.93
CA ASP B 201 18.39 -12.55 -27.06
C ASP B 201 17.62 -11.86 -25.91
N LEU B 202 16.35 -11.58 -26.13
CA LEU B 202 15.51 -10.75 -25.24
C LEU B 202 14.09 -11.29 -25.22
N VAL B 203 13.52 -11.43 -24.03
CA VAL B 203 12.07 -11.65 -23.93
C VAL B 203 11.51 -10.55 -23.03
N LEU B 204 10.36 -9.99 -23.41
CA LEU B 204 9.68 -8.98 -22.59
C LEU B 204 8.20 -9.32 -22.38
N HIS B 205 7.63 -8.73 -21.33
CA HIS B 205 6.25 -8.96 -20.90
C HIS B 205 5.61 -7.64 -20.56
N SER B 206 4.32 -7.53 -20.80
CA SER B 206 3.44 -6.73 -19.95
C SER B 206 3.13 -7.56 -18.70
N THR B 207 3.74 -7.22 -17.57
CA THR B 207 3.45 -7.90 -16.30
C THR B 207 2.03 -7.57 -15.89
N THR B 208 1.44 -6.55 -16.50
CA THR B 208 0.03 -6.18 -16.22
C THR B 208 -0.86 -7.40 -16.40
N LYS B 209 -0.48 -8.43 -17.16
CA LYS B 209 -1.39 -9.51 -17.63
C LYS B 209 -1.28 -10.69 -16.64
N TYR B 210 -0.94 -11.87 -17.10
CA TYR B 210 -0.90 -13.09 -16.30
C TYR B 210 0.11 -13.00 -15.18
N ILE B 211 1.28 -12.44 -15.40
CA ILE B 211 2.31 -12.47 -14.32
C ILE B 211 1.71 -11.88 -13.03
N ASN B 212 1.17 -10.68 -13.09
CA ASN B 212 0.48 -10.09 -11.93
C ASN B 212 -0.83 -10.82 -11.62
N GLY B 213 -1.69 -10.94 -12.62
CA GLY B 213 -2.88 -11.83 -12.52
C GLY B 213 -4.08 -11.18 -11.86
N HIS B 214 -3.94 -9.99 -11.27
CA HIS B 214 -5.02 -9.40 -10.42
C HIS B 214 -5.49 -8.03 -10.91
N SER B 215 -5.12 -7.67 -12.15
CA SER B 215 -5.65 -6.47 -12.83
C SER B 215 -5.53 -5.23 -11.93
N ASP B 216 -4.44 -5.11 -11.17
CA ASP B 216 -4.25 -4.04 -10.17
C ASP B 216 -2.81 -3.47 -10.19
N VAL B 217 -2.07 -3.69 -11.26
CA VAL B 217 -0.72 -3.16 -11.49
C VAL B 217 -0.54 -3.07 -13.00
N VAL B 218 -0.08 -1.93 -13.52
CA VAL B 218 0.43 -1.85 -14.89
C VAL B 218 1.93 -1.90 -14.71
N GLY B 219 2.60 -2.75 -15.47
CA GLY B 219 4.06 -2.95 -15.44
C GLY B 219 4.61 -3.74 -16.61
N GLY B 220 5.94 -3.69 -16.75
CA GLY B 220 6.63 -4.46 -17.80
C GLY B 220 7.90 -5.10 -17.25
N ALA B 221 8.44 -6.04 -18.00
CA ALA B 221 9.72 -6.69 -17.73
C ALA B 221 10.46 -6.99 -19.05
N VAL B 222 11.79 -6.87 -19.00
CA VAL B 222 12.66 -7.30 -20.09
C VAL B 222 13.69 -8.22 -19.45
N VAL B 223 13.90 -9.39 -20.03
CA VAL B 223 14.94 -10.35 -19.61
C VAL B 223 15.87 -10.59 -20.82
N ALA B 224 17.17 -10.42 -20.61
CA ALA B 224 18.18 -10.71 -21.61
C ALA B 224 18.89 -12.01 -21.27
N ARG B 225 19.19 -12.81 -22.27
CA ARG B 225 19.99 -14.04 -22.15
C ARG B 225 21.35 -13.67 -21.60
N ASP B 226 22.00 -12.64 -22.17
CA ASP B 226 23.45 -12.36 -21.95
C ASP B 226 23.58 -11.24 -20.91
N ALA B 227 24.52 -11.41 -19.98
CA ALA B 227 24.88 -10.41 -18.95
C ALA B 227 25.27 -9.04 -19.57
N GLU B 228 26.01 -8.94 -20.69
CA GLU B 228 26.40 -7.63 -21.26
C GLU B 228 25.13 -6.90 -21.70
N LEU B 229 24.17 -7.59 -22.32
CA LEU B 229 22.96 -6.91 -22.82
C LEU B 229 22.08 -6.52 -21.60
N HIS B 230 22.04 -7.36 -20.56
CA HIS B 230 21.31 -7.01 -19.33
C HIS B 230 21.93 -5.75 -18.74
N GLN B 231 23.27 -5.62 -18.61
CA GLN B 231 23.92 -4.40 -18.02
C GLN B 231 23.52 -3.14 -18.85
N GLN B 232 23.39 -3.26 -20.17
CA GLN B 232 22.99 -2.16 -21.06
C GLN B 232 21.54 -1.77 -20.76
N LEU B 233 20.63 -2.72 -20.58
CA LEU B 233 19.22 -2.39 -20.30
C LEU B 233 19.08 -1.69 -18.94
N VAL B 234 19.82 -2.17 -17.92
CA VAL B 234 19.87 -1.52 -16.58
C VAL B 234 20.31 -0.03 -16.75
N TRP B 235 21.35 0.22 -17.53
CA TRP B 235 21.86 1.60 -17.79
C TRP B 235 20.77 2.45 -18.48
N TRP B 236 20.17 1.97 -19.56
CA TRP B 236 19.17 2.79 -20.29
C TRP B 236 17.91 2.96 -19.42
N ALA B 237 17.52 1.96 -18.63
CA ALA B 237 16.28 2.08 -17.81
C ALA B 237 16.47 3.18 -16.76
N ASN B 238 17.66 3.31 -16.22
CA ASN B 238 18.00 4.34 -15.23
C ASN B 238 18.08 5.73 -15.90
N ALA B 239 18.74 5.81 -17.03
CA ALA B 239 18.98 7.08 -17.74
C ALA B 239 17.68 7.59 -18.29
N LEU B 240 16.84 6.76 -18.88
CA LEU B 240 15.53 7.24 -19.42
C LEU B 240 14.49 7.38 -18.31
N GLY B 241 14.70 6.79 -17.15
CA GLY B 241 13.70 6.91 -16.08
C GLY B 241 12.48 6.02 -16.29
N LEU B 242 12.68 4.83 -16.89
CA LEU B 242 11.62 3.85 -17.28
C LEU B 242 11.36 2.85 -16.15
N THR B 243 12.11 2.83 -15.06
CA THR B 243 11.95 1.82 -13.99
C THR B 243 10.61 1.97 -13.27
N GLY B 244 10.07 0.84 -12.78
CA GLY B 244 8.77 0.73 -12.09
C GLY B 244 8.87 1.04 -10.61
N SER B 245 7.72 1.19 -9.98
CA SER B 245 7.60 1.48 -8.54
C SER B 245 7.79 0.20 -7.71
N PRO B 246 8.48 0.29 -6.58
CA PRO B 246 8.60 -0.86 -5.68
C PRO B 246 7.25 -1.41 -5.18
N PHE B 247 6.25 -0.60 -4.91
CA PHE B 247 4.99 -1.14 -4.40
C PHE B 247 4.41 -2.10 -5.47
N ASP B 248 4.50 -1.71 -6.71
CA ASP B 248 3.98 -2.47 -7.87
C ASP B 248 4.74 -3.76 -8.06
N ALA B 249 6.04 -3.75 -7.87
CA ALA B 249 6.88 -4.96 -7.90
C ALA B 249 6.38 -5.86 -6.77
N PHE B 250 6.08 -5.29 -5.62
CA PHE B 250 5.64 -6.09 -4.49
C PHE B 250 4.35 -6.81 -4.90
N LEU B 251 3.35 -6.13 -5.39
CA LEU B 251 2.08 -6.78 -5.73
C LEU B 251 2.26 -7.78 -6.87
N THR B 252 3.16 -7.43 -7.79
CA THR B 252 3.42 -8.24 -8.99
C THR B 252 4.05 -9.54 -8.52
N LEU B 253 5.07 -9.46 -7.67
CA LEU B 253 5.70 -10.66 -7.11
C LEU B 253 4.64 -11.50 -6.39
N ARG B 254 3.71 -10.90 -5.70
CA ARG B 254 2.69 -11.64 -4.93
C ARG B 254 1.78 -12.38 -5.91
N GLY B 255 1.45 -11.71 -6.98
CA GLY B 255 0.76 -12.30 -8.12
C GLY B 255 1.47 -13.51 -8.66
N LEU B 256 2.77 -13.44 -8.87
CA LEU B 256 3.57 -14.49 -9.57
C LEU B 256 3.43 -15.79 -8.78
N ARG B 257 3.30 -15.69 -7.47
CA ARG B 257 3.31 -16.88 -6.62
C ARG B 257 2.17 -17.81 -6.99
N THR B 258 1.01 -17.31 -7.47
CA THR B 258 -0.12 -18.15 -7.90
C THR B 258 -0.17 -18.33 -9.45
N LEU B 259 0.83 -17.94 -10.23
CA LEU B 259 0.77 -18.06 -11.71
C LEU B 259 0.50 -19.51 -12.18
N ASP B 260 1.30 -20.52 -11.76
CA ASP B 260 1.13 -21.96 -12.12
C ASP B 260 -0.28 -22.42 -11.69
N ALA B 261 -0.68 -22.12 -10.46
CA ALA B 261 -2.02 -22.47 -9.95
C ALA B 261 -3.14 -21.81 -10.78
N ARG B 262 -2.97 -20.55 -11.13
CA ARG B 262 -4.02 -19.84 -11.91
C ARG B 262 -4.11 -20.50 -13.31
N LEU B 263 -3.01 -20.77 -13.98
CA LEU B 263 -3.02 -21.19 -15.40
C LEU B 263 -3.63 -22.59 -15.53
N ARG B 264 -3.55 -23.42 -14.50
CA ARG B 264 -4.27 -24.71 -14.61
C ARG B 264 -5.77 -24.46 -14.80
N VAL B 265 -6.33 -23.52 -14.04
CA VAL B 265 -7.79 -23.35 -14.09
C VAL B 265 -8.11 -22.59 -15.36
N HIS B 266 -7.33 -21.56 -15.68
CA HIS B 266 -7.45 -20.80 -16.96
C HIS B 266 -7.58 -21.77 -18.13
N GLN B 267 -6.67 -22.73 -18.23
CA GLN B 267 -6.60 -23.72 -19.35
C GLN B 267 -7.75 -24.71 -19.28
N GLU B 268 -8.13 -25.15 -18.09
CA GLU B 268 -9.31 -26.05 -18.01
C GLU B 268 -10.50 -25.27 -18.61
N ASN B 269 -10.67 -23.97 -18.28
CA ASN B 269 -11.89 -23.20 -18.66
C ASN B 269 -11.84 -22.91 -20.16
N ALA B 270 -10.69 -22.51 -20.68
CA ALA B 270 -10.49 -22.21 -22.11
C ALA B 270 -10.77 -23.44 -22.96
N ASP B 271 -10.35 -24.62 -22.58
CA ASP B 271 -10.68 -25.87 -23.33
C ASP B 271 -12.20 -26.05 -23.40
N ALA B 272 -12.90 -25.94 -22.28
CA ALA B 272 -14.35 -26.15 -22.23
C ALA B 272 -15.05 -25.07 -23.08
N ILE B 273 -14.53 -23.84 -23.18
CA ILE B 273 -15.19 -22.71 -23.91
C ILE B 273 -14.90 -22.79 -25.41
N ALA B 274 -13.71 -23.24 -25.80
CA ALA B 274 -13.33 -23.49 -27.22
C ALA B 274 -14.27 -24.58 -27.80
N GLU B 275 -14.52 -25.64 -27.05
CA GLU B 275 -15.43 -26.73 -27.44
C GLU B 275 -16.87 -26.23 -27.67
N LEU B 276 -17.42 -25.36 -26.83
CA LEU B 276 -18.76 -24.75 -26.98
C LEU B 276 -18.73 -23.86 -28.21
N LEU B 277 -17.73 -23.01 -28.41
CA LEU B 277 -17.76 -22.03 -29.54
C LEU B 277 -17.51 -22.66 -30.93
N ASP B 278 -16.57 -23.59 -31.03
CA ASP B 278 -16.19 -24.25 -32.31
C ASP B 278 -17.35 -25.11 -32.86
N GLY B 279 -17.86 -24.78 -34.06
CA GLY B 279 -19.06 -25.40 -34.70
C GLY B 279 -20.42 -25.18 -33.99
N HIS B 280 -20.50 -24.28 -33.00
CA HIS B 280 -21.77 -23.62 -32.66
C HIS B 280 -22.29 -22.88 -33.91
N ALA B 281 -23.57 -23.08 -34.19
CA ALA B 281 -24.29 -22.50 -35.33
C ALA B 281 -24.08 -20.99 -35.35
N MET B 282 -24.05 -20.28 -34.24
CA MET B 282 -23.95 -18.79 -34.24
C MET B 282 -22.51 -18.30 -34.41
N VAL B 283 -21.53 -19.22 -34.47
CA VAL B 283 -20.09 -18.83 -34.47
C VAL B 283 -19.50 -19.20 -35.81
N ASN B 284 -19.02 -18.19 -36.49
CA ASN B 284 -18.46 -18.25 -37.85
C ASN B 284 -17.03 -18.82 -37.79
N GLN B 285 -16.16 -18.33 -36.89
CA GLN B 285 -14.73 -18.72 -36.78
C GLN B 285 -14.28 -18.56 -35.31
N VAL B 286 -13.52 -19.52 -34.77
CA VAL B 286 -12.81 -19.40 -33.47
C VAL B 286 -11.33 -19.37 -33.79
N TYR B 287 -10.61 -18.43 -33.24
CA TYR B 287 -9.14 -18.37 -33.23
C TYR B 287 -8.70 -18.77 -31.83
N PHE B 288 -8.24 -20.01 -31.69
CA PHE B 288 -7.70 -20.57 -30.44
C PHE B 288 -6.69 -21.64 -30.79
N PRO B 289 -5.42 -21.51 -30.43
CA PRO B 289 -4.43 -22.43 -30.94
C PRO B 289 -4.60 -23.86 -30.45
N GLY B 290 -5.44 -24.05 -29.44
CA GLY B 290 -5.81 -25.38 -28.95
C GLY B 290 -6.67 -26.19 -29.92
N LEU B 291 -7.32 -25.56 -30.89
CA LEU B 291 -8.13 -26.33 -31.88
C LEU B 291 -7.22 -26.85 -33.00
N ALA B 292 -7.41 -28.13 -33.35
CA ALA B 292 -6.53 -28.81 -34.34
C ALA B 292 -6.64 -28.13 -35.70
N THR B 293 -7.77 -27.47 -35.96
CA THR B 293 -8.03 -26.77 -37.23
C THR B 293 -7.37 -25.39 -37.26
N HIS B 294 -6.79 -24.91 -36.18
CA HIS B 294 -6.16 -23.58 -36.16
C HIS B 294 -4.76 -23.62 -36.80
N PRO B 295 -4.49 -22.78 -37.82
CA PRO B 295 -3.17 -22.65 -38.41
C PRO B 295 -2.19 -22.26 -37.33
N GLY B 296 -1.28 -23.16 -36.97
CA GLY B 296 -0.36 -22.92 -35.85
C GLY B 296 -0.57 -23.92 -34.74
N HIS B 297 -1.61 -24.76 -34.80
CA HIS B 297 -1.89 -25.68 -33.68
C HIS B 297 -0.66 -26.54 -33.35
N ALA B 298 -0.07 -27.19 -34.36
CA ALA B 298 0.99 -28.19 -34.09
C ALA B 298 2.26 -27.44 -33.67
N LEU B 299 2.53 -26.27 -34.21
CA LEU B 299 3.67 -25.43 -33.77
C LEU B 299 3.49 -25.01 -32.27
N ALA B 300 2.27 -24.64 -31.89
CA ALA B 300 1.93 -24.23 -30.52
C ALA B 300 2.07 -25.42 -29.56
N ALA B 301 1.64 -26.62 -29.97
CA ALA B 301 1.78 -27.86 -29.16
C ALA B 301 3.26 -28.14 -28.96
N ARG B 302 4.13 -27.79 -29.92
CA ARG B 302 5.59 -28.03 -29.83
C ARG B 302 6.29 -26.93 -28.97
N GLN B 303 6.05 -25.63 -29.17
CA GLN B 303 6.89 -24.56 -28.58
C GLN B 303 6.23 -23.95 -27.32
N GLN B 304 5.08 -24.49 -26.90
CA GLN B 304 4.31 -24.08 -25.68
C GLN B 304 4.00 -25.34 -24.85
N LYS B 305 4.03 -25.16 -23.54
CA LYS B 305 3.71 -26.12 -22.46
C LYS B 305 2.17 -26.20 -22.38
N GLY B 306 1.45 -25.23 -22.94
CA GLY B 306 -0.02 -25.22 -23.01
C GLY B 306 -0.55 -24.24 -24.04
N PHE B 307 -1.85 -24.31 -24.31
CA PHE B 307 -2.49 -23.47 -25.35
C PHE B 307 -3.08 -22.16 -24.81
N GLY B 308 -3.01 -21.97 -23.50
CA GLY B 308 -3.33 -20.67 -22.92
C GLY B 308 -4.82 -20.47 -22.77
N ALA B 309 -5.25 -19.23 -22.59
CA ALA B 309 -6.63 -18.91 -22.23
C ALA B 309 -7.14 -17.67 -22.93
N MET B 310 -6.42 -17.17 -23.92
CA MET B 310 -6.89 -16.09 -24.83
C MET B 310 -7.50 -16.76 -26.04
N MET B 311 -8.63 -16.26 -26.50
CA MET B 311 -9.21 -16.66 -27.80
C MET B 311 -10.09 -15.55 -28.36
N SER B 312 -10.28 -15.55 -29.67
CA SER B 312 -11.21 -14.61 -30.32
C SER B 312 -12.08 -15.36 -31.32
N PHE B 313 -13.22 -14.78 -31.65
CA PHE B 313 -14.27 -15.46 -32.45
C PHE B 313 -15.05 -14.38 -33.19
N GLU B 314 -15.62 -14.77 -34.33
CA GLU B 314 -16.58 -13.98 -35.13
C GLU B 314 -17.94 -14.66 -34.96
N LEU B 315 -18.94 -13.87 -34.63
CA LEU B 315 -20.36 -14.23 -34.60
C LEU B 315 -20.94 -14.12 -36.02
N GLU B 316 -21.94 -14.95 -36.37
CA GLU B 316 -22.88 -14.68 -37.48
C GLU B 316 -23.72 -13.47 -37.05
N GLY B 317 -24.08 -12.56 -37.98
CA GLY B 317 -25.23 -11.64 -37.86
C GLY B 317 -24.85 -10.18 -37.61
N GLY B 318 -23.66 -9.77 -38.06
CA GLY B 318 -23.17 -8.37 -38.06
C GLY B 318 -23.18 -7.72 -36.69
N GLU B 319 -23.35 -6.40 -36.69
CA GLU B 319 -23.08 -5.55 -35.51
C GLU B 319 -24.25 -5.73 -34.54
N ALA B 320 -25.47 -5.98 -35.01
CA ALA B 320 -26.66 -6.24 -34.14
C ALA B 320 -26.34 -7.45 -33.24
N ALA B 321 -25.72 -8.49 -33.80
CA ALA B 321 -25.49 -9.75 -33.08
C ALA B 321 -24.42 -9.53 -32.00
N VAL B 322 -23.33 -8.85 -32.35
CA VAL B 322 -22.24 -8.53 -31.41
C VAL B 322 -22.85 -7.83 -30.19
N ARG B 323 -23.68 -6.80 -30.43
CA ARG B 323 -24.28 -5.93 -29.39
C ARG B 323 -25.19 -6.80 -28.52
N ALA B 324 -26.05 -7.62 -29.11
CA ALA B 324 -26.98 -8.45 -28.29
C ALA B 324 -26.12 -9.42 -27.45
N PHE B 325 -25.06 -10.00 -28.04
CA PHE B 325 -24.13 -10.93 -27.34
C PHE B 325 -23.51 -10.20 -26.13
N VAL B 326 -22.98 -8.99 -26.31
CA VAL B 326 -22.16 -8.31 -25.26
C VAL B 326 -23.02 -7.74 -24.14
N ASP B 327 -24.16 -7.13 -24.46
CA ASP B 327 -25.04 -6.46 -23.46
C ASP B 327 -25.87 -7.59 -22.83
N GLY B 328 -25.68 -7.84 -21.54
CA GLY B 328 -26.27 -8.97 -20.81
C GLY B 328 -25.21 -9.92 -20.25
N LEU B 329 -23.97 -9.92 -20.71
CA LEU B 329 -22.95 -10.83 -20.12
C LEU B 329 -22.86 -10.48 -18.65
N ARG B 330 -22.90 -11.46 -17.73
CA ARG B 330 -22.76 -11.23 -16.29
C ARG B 330 -21.35 -11.45 -15.80
N TYR B 331 -20.61 -12.39 -16.38
CA TYR B 331 -19.32 -12.88 -15.84
C TYR B 331 -18.18 -12.45 -16.74
N PHE B 332 -18.44 -11.97 -17.94
CA PHE B 332 -17.38 -11.39 -18.81
C PHE B 332 -17.58 -9.87 -18.79
N THR B 333 -16.62 -9.17 -18.22
CA THR B 333 -16.68 -7.71 -18.14
C THR B 333 -16.20 -7.15 -19.48
N LEU B 334 -16.92 -6.20 -20.02
CA LEU B 334 -16.47 -5.53 -21.25
C LEU B 334 -15.40 -4.52 -20.86
N ALA B 335 -14.15 -4.80 -21.20
CA ALA B 335 -12.97 -4.00 -20.76
C ALA B 335 -11.71 -4.37 -21.54
N GLU B 336 -10.78 -3.44 -21.61
CA GLU B 336 -9.43 -3.75 -22.14
C GLU B 336 -8.63 -4.57 -21.11
N SER B 337 -7.45 -5.02 -21.50
CA SER B 337 -6.51 -5.85 -20.70
C SER B 337 -6.93 -7.33 -20.77
N LEU B 338 -6.17 -8.20 -20.10
CA LEU B 338 -6.31 -9.66 -20.20
C LEU B 338 -5.44 -10.29 -19.11
N GLY B 339 -5.55 -11.58 -18.89
CA GLY B 339 -4.60 -12.32 -18.04
C GLY B 339 -4.98 -12.24 -16.57
N GLY B 340 -6.14 -11.69 -16.26
CA GLY B 340 -6.56 -11.60 -14.86
C GLY B 340 -7.33 -12.83 -14.41
N VAL B 341 -7.54 -12.96 -13.12
CA VAL B 341 -8.45 -13.99 -12.54
C VAL B 341 -9.90 -13.76 -13.01
N GLU B 342 -10.28 -12.55 -13.28
CA GLU B 342 -11.67 -12.28 -13.72
C GLU B 342 -11.73 -12.36 -15.25
N SER B 343 -12.80 -12.92 -15.78
CA SER B 343 -13.03 -13.03 -17.24
C SER B 343 -13.39 -11.68 -17.84
N LEU B 344 -12.88 -11.41 -19.03
CA LEU B 344 -13.02 -10.13 -19.76
C LEU B 344 -13.47 -10.42 -21.18
N ILE B 345 -14.16 -9.45 -21.78
CA ILE B 345 -14.38 -9.46 -23.25
C ILE B 345 -14.00 -8.07 -23.81
N ALA B 346 -13.36 -8.06 -24.97
CA ALA B 346 -13.02 -6.85 -25.75
C ALA B 346 -13.42 -7.02 -27.20
N HIS B 347 -13.48 -5.87 -27.85
CA HIS B 347 -13.81 -5.64 -29.29
C HIS B 347 -12.62 -4.89 -29.86
N PRO B 348 -11.61 -5.64 -30.37
CA PRO B 348 -10.30 -5.04 -30.72
C PRO B 348 -10.34 -3.77 -31.57
N ALA B 349 -11.28 -3.71 -32.53
CA ALA B 349 -11.34 -2.64 -33.57
C ALA B 349 -11.59 -1.26 -32.91
N SER B 350 -12.49 -1.25 -31.91
CA SER B 350 -12.95 -0.06 -31.15
C SER B 350 -12.21 0.07 -29.80
N MET B 351 -11.49 -0.95 -29.31
CA MET B 351 -10.86 -0.91 -27.97
C MET B 351 -9.33 -1.10 -28.09
N THR B 352 -8.87 -2.34 -27.98
CA THR B 352 -7.44 -2.68 -27.86
C THR B 352 -6.62 -2.25 -29.11
N HIS B 353 -7.24 -2.15 -30.29
CA HIS B 353 -6.55 -1.98 -31.58
C HIS B 353 -7.15 -0.76 -32.29
N ALA B 354 -7.88 0.07 -31.56
CA ALA B 354 -8.31 1.42 -31.97
C ALA B 354 -7.11 2.29 -32.39
N ALA B 355 -5.94 2.12 -31.79
CA ALA B 355 -4.71 2.93 -32.07
C ALA B 355 -4.20 2.70 -33.52
N MET B 356 -4.48 1.52 -34.09
CA MET B 356 -4.15 1.17 -35.52
C MET B 356 -5.07 1.96 -36.46
N THR B 357 -4.60 2.28 -37.67
CA THR B 357 -5.43 2.75 -38.81
C THR B 357 -6.33 1.61 -39.34
N ALA B 358 -7.40 1.92 -40.06
CA ALA B 358 -8.26 0.87 -40.63
C ALA B 358 -7.43 -0.02 -41.59
N GLU B 359 -6.41 0.51 -42.31
CA GLU B 359 -5.67 -0.32 -43.31
C GLU B 359 -4.77 -1.31 -42.53
N ALA B 360 -4.11 -0.86 -41.45
CA ALA B 360 -3.26 -1.75 -40.63
C ALA B 360 -4.11 -2.88 -40.00
N ARG B 361 -5.34 -2.61 -39.53
CA ARG B 361 -6.24 -3.67 -39.02
C ARG B 361 -6.63 -4.67 -40.14
N ALA B 362 -6.91 -4.17 -41.36
CA ALA B 362 -7.27 -5.00 -42.54
C ALA B 362 -6.06 -5.88 -42.96
N ALA B 363 -4.87 -5.30 -43.04
CA ALA B 363 -3.59 -6.03 -43.32
C ALA B 363 -3.37 -7.13 -42.28
N ALA B 364 -3.65 -6.85 -41.00
CA ALA B 364 -3.56 -7.82 -39.90
C ALA B 364 -4.69 -8.85 -39.94
N GLY B 365 -5.85 -8.58 -40.56
CA GLY B 365 -6.96 -9.57 -40.59
C GLY B 365 -7.88 -9.42 -39.40
N ILE B 366 -7.82 -8.28 -38.73
CA ILE B 366 -8.73 -7.90 -37.63
C ILE B 366 -9.98 -7.30 -38.24
N SER B 367 -11.09 -8.05 -38.26
CA SER B 367 -12.37 -7.53 -38.74
C SER B 367 -12.99 -6.70 -37.67
N ASP B 368 -14.02 -5.97 -38.10
CA ASP B 368 -14.93 -5.16 -37.24
C ASP B 368 -15.91 -6.01 -36.42
N GLY B 369 -16.06 -7.34 -36.67
CA GLY B 369 -16.99 -8.21 -35.93
C GLY B 369 -16.28 -9.12 -34.90
N LEU B 370 -14.97 -8.95 -34.77
CA LEU B 370 -14.17 -9.82 -33.88
C LEU B 370 -14.39 -9.48 -32.40
N LEU B 371 -14.62 -10.51 -31.60
CA LEU B 371 -14.59 -10.42 -30.12
C LEU B 371 -13.39 -11.22 -29.59
N ARG B 372 -12.71 -10.69 -28.59
CA ARG B 372 -11.61 -11.37 -27.86
C ARG B 372 -12.06 -11.73 -26.42
N LEU B 373 -11.87 -12.99 -26.02
CA LEU B 373 -12.12 -13.40 -24.61
C LEU B 373 -10.80 -13.55 -23.89
N SER B 374 -10.71 -12.98 -22.68
CA SER B 374 -9.72 -13.37 -21.68
C SER B 374 -10.49 -14.25 -20.71
N ILE B 375 -10.15 -15.52 -20.66
CA ILE B 375 -10.92 -16.45 -19.81
C ILE B 375 -10.21 -16.53 -18.47
N GLY B 376 -10.98 -16.21 -17.43
CA GLY B 376 -10.49 -16.23 -16.03
C GLY B 376 -10.59 -17.63 -15.43
N ILE B 377 -10.76 -17.68 -14.11
CA ILE B 377 -10.66 -18.89 -13.27
C ILE B 377 -11.94 -19.05 -12.47
N GLU B 378 -13.01 -18.40 -12.89
CA GLU B 378 -14.36 -18.73 -12.38
C GLU B 378 -14.68 -20.20 -12.72
N SER B 379 -15.79 -20.74 -12.21
CA SER B 379 -16.26 -22.09 -12.56
C SER B 379 -16.63 -22.12 -14.04
N ALA B 380 -16.11 -23.13 -14.72
CA ALA B 380 -16.45 -23.50 -16.11
C ALA B 380 -17.95 -23.35 -16.28
N GLU B 381 -18.72 -23.96 -15.39
CA GLU B 381 -20.17 -24.00 -15.64
C GLU B 381 -20.73 -22.57 -15.69
N ASP B 382 -20.32 -21.65 -14.80
CA ASP B 382 -20.90 -20.28 -14.78
C ASP B 382 -20.51 -19.54 -16.07
N LEU B 383 -19.30 -19.73 -16.57
CA LEU B 383 -18.88 -19.05 -17.82
C LEU B 383 -19.66 -19.63 -19.01
N LEU B 384 -19.86 -20.93 -19.03
CA LEU B 384 -20.57 -21.57 -20.18
C LEU B 384 -22.03 -21.13 -20.16
N ILE B 385 -22.71 -21.10 -19.01
CA ILE B 385 -24.10 -20.58 -18.99
C ILE B 385 -24.12 -19.14 -19.54
N ASP B 386 -23.14 -18.33 -19.19
CA ASP B 386 -23.06 -16.90 -19.55
C ASP B 386 -22.90 -16.79 -21.07
N LEU B 387 -22.03 -17.60 -21.67
CA LEU B 387 -21.78 -17.60 -23.14
C LEU B 387 -22.96 -18.15 -23.91
N ARG B 388 -23.61 -19.22 -23.44
CA ARG B 388 -24.83 -19.76 -24.09
C ARG B 388 -25.90 -18.69 -24.13
N ALA B 389 -26.14 -18.00 -23.04
CA ALA B 389 -27.19 -16.94 -23.00
C ALA B 389 -26.84 -15.90 -24.07
N GLY B 390 -25.57 -15.51 -24.18
CA GLY B 390 -25.12 -14.57 -25.22
C GLY B 390 -25.38 -15.09 -26.62
N LEU B 391 -25.08 -16.37 -26.87
CA LEU B 391 -25.25 -16.95 -28.22
C LEU B 391 -26.73 -16.93 -28.63
N SER B 392 -27.65 -17.24 -27.71
CA SER B 392 -29.12 -17.03 -27.84
C SER B 392 -29.45 -15.61 -28.26
N ARG B 393 -28.91 -14.63 -27.53
CA ARG B 393 -29.34 -13.24 -27.72
C ARG B 393 -28.90 -12.86 -29.12
N ALA B 394 -27.70 -13.28 -29.51
CA ALA B 394 -27.17 -13.12 -30.88
C ALA B 394 -28.12 -13.81 -31.87
N GLU B 395 -28.55 -15.04 -31.62
CA GLU B 395 -29.50 -15.83 -32.47
C GLU B 395 -30.85 -15.08 -32.61
N ALA B 396 -31.48 -14.67 -31.51
CA ALA B 396 -32.72 -13.87 -31.45
C ALA B 396 -32.69 -12.61 -32.35
N THR B 397 -31.53 -12.19 -32.84
CA THR B 397 -31.26 -11.01 -33.69
C THR B 397 -31.52 -11.25 -35.18
N LEU B 398 -31.66 -12.49 -35.66
CA LEU B 398 -31.58 -12.81 -37.13
C LEU B 398 -32.87 -12.53 -37.92
N THR C 12 23.91 16.70 23.79
CA THR C 12 22.42 16.76 24.03
C THR C 12 21.82 15.42 23.60
N PRO C 13 20.67 14.94 24.17
CA PRO C 13 19.68 14.18 23.37
C PRO C 13 18.95 15.16 22.43
N CYS C 14 18.17 14.65 21.47
CA CYS C 14 17.47 15.43 20.41
C CYS C 14 16.15 16.01 20.96
N THR C 15 15.57 17.03 20.32
CA THR C 15 14.20 17.53 20.64
C THR C 15 13.11 16.55 20.15
N ALA C 16 11.87 16.81 20.58
CA ALA C 16 10.60 16.16 20.15
C ALA C 16 10.53 16.19 18.61
N ALA C 17 10.76 17.34 18.01
CA ALA C 17 10.57 17.50 16.56
C ALA C 17 11.57 16.60 15.86
N THR C 18 12.82 16.63 16.29
CA THR C 18 13.85 15.82 15.66
C THR C 18 13.52 14.34 15.77
N ALA C 19 13.03 13.89 16.93
CA ALA C 19 12.76 12.47 17.21
C ALA C 19 11.66 12.02 16.25
N ALA C 20 10.56 12.74 16.20
CA ALA C 20 9.43 12.40 15.32
C ALA C 20 9.90 12.39 13.84
N VAL C 21 10.74 13.33 13.42
CA VAL C 21 11.15 13.42 12.00
C VAL C 21 12.05 12.24 11.70
N ARG C 22 12.95 11.92 12.59
CA ARG C 22 13.98 10.89 12.28
C ARG C 22 13.48 9.49 12.70
N ALA C 23 12.18 9.28 12.98
CA ALA C 23 11.73 7.95 13.49
C ALA C 23 11.87 6.85 12.41
N GLY C 24 12.75 5.87 12.62
CA GLY C 24 12.99 4.81 11.63
C GLY C 24 13.85 5.23 10.44
N ILE C 25 14.40 6.44 10.46
CA ILE C 25 15.30 6.93 9.40
C ILE C 25 16.65 6.25 9.53
N ASP C 26 17.18 5.70 8.46
CA ASP C 26 18.53 5.06 8.41
C ASP C 26 18.58 3.92 9.47
N ARG C 27 17.57 3.07 9.55
CA ARG C 27 17.50 2.03 10.60
C ARG C 27 17.19 0.66 9.98
N ASP C 28 17.77 0.38 8.82
CA ASP C 28 17.48 -0.80 7.98
C ASP C 28 18.83 -1.43 7.74
N THR C 29 19.07 -2.56 8.40
CA THR C 29 20.39 -3.25 8.37
C THR C 29 20.54 -4.01 7.05
N ALA C 30 19.46 -4.25 6.32
CA ALA C 30 19.49 -5.09 5.09
C ALA C 30 20.10 -4.27 3.94
N TYR C 31 19.60 -3.07 3.64
CA TYR C 31 20.12 -2.33 2.45
C TYR C 31 20.56 -0.89 2.78
N GLY C 32 20.36 -0.42 4.01
CA GLY C 32 20.53 0.98 4.37
C GLY C 32 19.48 1.91 3.79
N ALA C 33 18.31 1.38 3.52
CA ALA C 33 17.21 2.24 3.06
C ALA C 33 17.04 3.38 4.05
N VAL C 34 16.87 4.57 3.53
CA VAL C 34 16.72 5.72 4.45
C VAL C 34 15.34 5.66 5.13
N THR C 35 14.34 5.41 4.36
CA THR C 35 12.93 5.32 4.76
C THR C 35 12.71 3.89 5.13
N PRO C 36 12.03 3.56 6.23
CA PRO C 36 12.00 2.17 6.72
C PRO C 36 11.14 1.22 5.88
N PRO C 37 11.60 -0.01 5.60
CA PRO C 37 10.80 -1.00 4.89
C PRO C 37 9.49 -1.36 5.58
N ILE C 38 8.46 -1.59 4.81
CA ILE C 38 7.18 -2.09 5.35
C ILE C 38 7.30 -3.61 5.52
N VAL C 39 7.26 -4.11 6.75
CA VAL C 39 7.23 -5.58 7.01
C VAL C 39 5.78 -6.05 7.16
N LEU C 40 5.15 -6.35 6.06
CA LEU C 40 3.81 -6.93 6.07
C LEU C 40 3.83 -8.38 6.62
N SER C 41 4.96 -9.08 6.62
CA SER C 41 4.99 -10.54 6.88
C SER C 41 4.25 -10.89 8.16
N SER C 42 3.38 -11.89 8.09
CA SER C 42 2.60 -12.37 9.25
C SER C 42 3.56 -13.17 10.15
N ASN C 43 4.53 -13.80 9.52
CA ASN C 43 5.46 -14.74 10.19
C ASN C 43 6.94 -14.42 9.87
N PHE C 44 7.78 -14.99 10.72
CA PHE C 44 9.26 -14.84 10.62
C PHE C 44 9.88 -16.22 10.82
N SER C 45 10.94 -16.54 10.08
CA SER C 45 11.64 -17.84 10.21
C SER C 45 12.32 -17.91 11.57
N PHE C 46 12.43 -19.13 12.10
CA PHE C 46 13.30 -19.45 13.27
C PHE C 46 14.75 -19.57 12.77
N ASP C 47 15.73 -19.36 13.63
CA ASP C 47 17.15 -19.50 13.20
C ASP C 47 17.62 -20.94 13.34
N GLY C 48 16.93 -21.90 12.73
CA GLY C 48 17.10 -23.33 13.06
C GLY C 48 16.31 -23.74 14.31
N PHE C 49 16.18 -25.06 14.48
CA PHE C 49 15.35 -25.69 15.55
C PHE C 49 15.64 -25.03 16.92
N GLY C 50 14.59 -24.66 17.67
CA GLY C 50 14.66 -24.12 19.04
C GLY C 50 15.06 -22.63 19.11
N ASN C 51 15.19 -21.89 18.01
CA ASN C 51 15.83 -20.54 18.01
C ASN C 51 14.90 -19.46 17.40
N LYS C 52 13.88 -19.04 18.15
CA LYS C 52 13.12 -17.77 17.94
C LYS C 52 14.11 -16.63 17.62
N ARG C 53 13.88 -15.84 16.59
CA ARG C 53 14.56 -14.55 16.37
C ARG C 53 13.87 -13.47 17.23
N GLN C 54 14.24 -12.20 17.07
CA GLN C 54 13.59 -11.07 17.77
C GLN C 54 12.09 -11.15 17.48
N TYR C 55 11.65 -11.33 16.23
CA TYR C 55 10.20 -11.43 15.90
C TYR C 55 9.82 -12.87 15.58
N ASP C 56 8.58 -13.25 15.80
CA ASP C 56 8.05 -14.59 15.42
C ASP C 56 6.72 -14.46 14.67
N TYR C 57 5.86 -13.55 15.08
CA TYR C 57 4.49 -13.52 14.54
C TYR C 57 3.93 -12.11 14.76
N THR C 58 3.43 -11.51 13.67
CA THR C 58 3.10 -10.06 13.65
C THR C 58 2.03 -9.74 14.72
N ARG C 59 1.05 -10.60 14.96
CA ARG C 59 0.02 -10.31 15.99
C ARG C 59 0.75 -9.99 17.32
N SER C 60 1.85 -10.64 17.65
CA SER C 60 2.58 -10.47 18.94
C SER C 60 3.55 -9.29 18.90
N GLY C 61 4.16 -9.09 17.73
CA GLY C 61 5.19 -8.07 17.53
C GLY C 61 5.62 -8.03 16.08
N ASN C 62 5.86 -6.81 15.56
CA ASN C 62 6.22 -6.54 14.16
C ASN C 62 7.14 -5.33 14.15
N PRO C 63 8.25 -5.37 13.41
CA PRO C 63 9.29 -4.35 13.48
C PRO C 63 8.75 -2.97 13.05
N THR C 64 7.92 -2.94 12.02
CA THR C 64 7.40 -1.67 11.46
C THR C 64 6.47 -1.03 12.50
N ARG C 65 5.57 -1.81 13.07
CA ARG C 65 4.71 -1.37 14.19
C ARG C 65 5.61 -0.95 15.36
N ASP C 66 6.71 -1.63 15.62
CA ASP C 66 7.54 -1.28 16.79
C ASP C 66 8.22 0.05 16.53
N LEU C 67 8.55 0.44 15.29
CA LEU C 67 9.12 1.80 15.09
C LEU C 67 8.13 2.86 15.60
N LEU C 68 6.84 2.67 15.33
CA LEU C 68 5.80 3.65 15.69
C LEU C 68 5.63 3.59 17.21
N GLY C 69 5.64 2.41 17.81
CA GLY C 69 5.57 2.27 19.28
C GLY C 69 6.76 2.92 19.98
N GLU C 70 7.93 2.69 19.45
CA GLU C 70 9.18 3.25 20.00
C GLU C 70 9.09 4.78 19.90
N ALA C 71 8.60 5.34 18.81
CA ALA C 71 8.73 6.78 18.57
C ALA C 71 7.74 7.48 19.51
N LEU C 72 6.54 6.95 19.64
CA LEU C 72 5.52 7.50 20.53
C LEU C 72 6.00 7.36 21.99
N ALA C 73 6.65 6.27 22.35
CA ALA C 73 7.24 6.12 23.69
C ALA C 73 8.35 7.18 23.93
N GLU C 74 9.21 7.48 22.96
CA GLU C 74 10.25 8.51 23.08
C GLU C 74 9.53 9.84 23.28
N LEU C 75 8.57 10.18 22.44
CA LEU C 75 7.88 11.47 22.49
C LEU C 75 7.17 11.65 23.86
N GLU C 76 6.56 10.63 24.43
CA GLU C 76 5.70 10.75 25.61
C GLU C 76 6.59 10.58 26.88
N GLY C 77 7.83 10.11 26.75
CA GLY C 77 8.70 9.77 27.89
C GLY C 77 8.37 8.46 28.59
N GLY C 78 8.02 7.37 27.92
CA GLY C 78 7.53 6.16 28.60
C GLY C 78 8.42 5.00 28.26
N ALA C 79 8.17 3.84 28.82
CA ALA C 79 9.10 2.71 28.73
C ALA C 79 8.94 1.97 27.38
N GLY C 80 7.73 2.01 26.80
CA GLY C 80 7.45 1.43 25.48
C GLY C 80 6.05 1.77 25.01
N GLY C 81 5.75 1.48 23.77
CA GLY C 81 4.41 1.71 23.22
C GLY C 81 3.80 0.47 22.58
N VAL C 82 2.49 0.32 22.67
CA VAL C 82 1.71 -0.73 21.98
C VAL C 82 0.76 -0.04 21.03
N ILE C 83 0.72 -0.48 19.81
CA ILE C 83 -0.10 0.07 18.70
C ILE C 83 -1.25 -0.91 18.42
N THR C 84 -2.46 -0.38 18.40
CA THR C 84 -3.71 -1.10 18.27
C THR C 84 -4.41 -0.66 16.99
N SER C 85 -5.43 -1.43 16.60
CA SER C 85 -6.10 -1.28 15.29
C SER C 85 -6.90 -0.01 15.37
N THR C 86 -7.36 0.38 16.55
CA THR C 86 -8.11 1.64 16.72
C THR C 86 -7.78 2.29 18.06
N GLY C 87 -8.17 3.56 18.15
CA GLY C 87 -8.21 4.29 19.41
C GLY C 87 -9.08 3.60 20.44
N MET C 88 -10.32 3.23 20.09
CA MET C 88 -11.19 2.56 21.07
C MET C 88 -10.48 1.29 21.47
N GLY C 89 -9.75 0.68 20.53
CA GLY C 89 -9.04 -0.55 20.88
C GLY C 89 -7.97 -0.33 21.90
N ALA C 90 -7.30 0.83 21.91
CA ALA C 90 -6.34 1.18 22.97
C ALA C 90 -7.02 1.28 24.34
N ILE C 91 -8.19 1.85 24.37
CA ILE C 91 -8.95 2.00 25.63
C ILE C 91 -9.33 0.60 26.08
N ASN C 92 -9.81 -0.20 25.14
CA ASN C 92 -10.17 -1.60 25.43
C ASN C 92 -8.92 -2.31 25.98
N LEU C 93 -7.79 -2.12 25.34
CA LEU C 93 -6.61 -2.83 25.86
C LEU C 93 -6.39 -2.45 27.36
N VAL C 94 -6.45 -1.18 27.71
CA VAL C 94 -6.16 -0.72 29.09
C VAL C 94 -7.18 -1.35 30.04
N LEU C 95 -8.47 -1.27 29.75
CA LEU C 95 -9.51 -1.84 30.65
C LEU C 95 -9.24 -3.32 30.87
N ASN C 96 -8.85 -4.03 29.83
CA ASN C 96 -8.57 -5.48 29.98
C ASN C 96 -7.30 -5.74 30.78
N ALA C 97 -6.22 -4.99 30.62
CA ALA C 97 -4.95 -5.34 31.26
C ALA C 97 -4.96 -4.94 32.75
N VAL C 98 -5.83 -4.04 33.16
CA VAL C 98 -5.72 -3.36 34.48
C VAL C 98 -6.91 -3.74 35.36
N LEU C 99 -8.13 -3.81 34.85
CA LEU C 99 -9.35 -4.02 35.66
C LEU C 99 -9.79 -5.48 35.62
N GLN C 100 -10.53 -5.93 36.65
CA GLN C 100 -11.32 -7.20 36.71
C GLN C 100 -12.57 -6.94 37.55
N PRO C 101 -13.58 -7.83 37.49
CA PRO C 101 -14.83 -7.62 38.22
C PRO C 101 -14.54 -7.38 39.70
N GLY C 102 -15.27 -6.41 40.27
CA GLY C 102 -15.07 -5.97 41.67
C GLY C 102 -14.25 -4.70 41.76
N ASP C 103 -13.44 -4.42 40.73
CA ASP C 103 -12.64 -3.17 40.56
C ASP C 103 -13.58 -2.01 40.16
N THR C 104 -13.27 -0.79 40.61
CA THR C 104 -14.08 0.36 40.14
C THR C 104 -13.19 1.27 39.30
N LEU C 105 -13.78 1.74 38.22
CA LEU C 105 -13.13 2.67 37.27
C LEU C 105 -13.80 4.04 37.41
N VAL C 106 -13.01 5.11 37.58
CA VAL C 106 -13.54 6.49 37.51
C VAL C 106 -13.29 7.07 36.10
N VAL C 107 -14.33 7.63 35.49
CA VAL C 107 -14.24 8.28 34.14
C VAL C 107 -14.79 9.70 34.21
N PRO C 108 -14.39 10.60 33.29
CA PRO C 108 -14.95 11.94 33.21
C PRO C 108 -16.38 11.95 32.67
N HIS C 109 -17.23 12.85 33.12
CA HIS C 109 -18.63 12.98 32.64
C HIS C 109 -18.60 13.41 31.15
N ASP C 110 -17.57 14.10 30.72
CA ASP C 110 -17.59 14.72 29.37
C ASP C 110 -16.58 14.07 28.41
N ALA C 111 -16.17 12.84 28.71
CA ALA C 111 -15.41 11.99 27.75
C ALA C 111 -16.13 11.82 26.38
N TYR C 112 -15.33 11.62 25.32
CA TYR C 112 -15.74 11.18 23.97
C TYR C 112 -16.87 10.16 24.13
N GLY C 113 -17.97 10.35 23.39
CA GLY C 113 -19.17 9.49 23.43
C GLY C 113 -18.87 8.01 23.11
N GLY C 114 -17.84 7.75 22.32
CA GLY C 114 -17.38 6.37 22.11
C GLY C 114 -16.81 5.76 23.39
N SER C 115 -16.02 6.51 24.14
CA SER C 115 -15.51 6.03 25.44
C SER C 115 -16.68 5.72 26.39
N TRP C 116 -17.63 6.65 26.49
CA TRP C 116 -18.87 6.54 27.29
C TRP C 116 -19.57 5.24 26.85
N ARG C 117 -19.75 5.01 25.56
CA ARG C 117 -20.50 3.82 25.05
C ARG C 117 -19.85 2.56 25.64
N LEU C 118 -18.53 2.48 25.55
CA LEU C 118 -17.77 1.30 25.96
C LEU C 118 -17.81 1.16 27.48
N PHE C 119 -17.53 2.22 28.24
CA PHE C 119 -17.60 2.20 29.72
C PHE C 119 -18.99 1.70 30.12
N ASN C 120 -20.08 2.20 29.52
CA ASN C 120 -21.46 1.89 29.99
C ASN C 120 -21.80 0.45 29.61
N ALA C 121 -21.34 -0.03 28.45
CA ALA C 121 -21.61 -1.38 27.93
C ALA C 121 -20.89 -2.40 28.80
N LEU C 122 -19.63 -2.14 29.16
CA LEU C 122 -18.84 -3.17 29.86
C LEU C 122 -19.24 -3.16 31.35
N ALA C 123 -19.60 -1.98 31.87
CA ALA C 123 -20.10 -1.87 33.26
C ALA C 123 -21.44 -2.59 33.40
N LYS C 124 -22.31 -2.58 32.38
CA LYS C 124 -23.62 -3.28 32.49
C LYS C 124 -23.43 -4.79 32.55
N LYS C 125 -22.44 -5.33 31.86
CA LYS C 125 -22.08 -6.77 31.94
C LYS C 125 -21.45 -7.14 33.29
N GLY C 126 -20.98 -6.20 34.08
CA GLY C 126 -20.26 -6.56 35.31
C GLY C 126 -18.75 -6.69 35.15
N HIS C 127 -18.09 -6.14 34.12
CA HIS C 127 -16.61 -6.26 34.01
C HIS C 127 -15.89 -5.42 35.09
N PHE C 128 -16.52 -4.34 35.56
CA PHE C 128 -16.03 -3.41 36.62
C PHE C 128 -17.22 -2.53 37.04
N ALA C 129 -17.12 -1.87 38.19
CA ALA C 129 -18.11 -0.83 38.57
C ALA C 129 -17.58 0.49 38.04
N LEU C 130 -18.50 1.34 37.61
CA LEU C 130 -18.19 2.61 36.89
C LEU C 130 -18.61 3.75 37.82
N ILE C 131 -17.76 4.75 38.02
CA ILE C 131 -18.16 6.05 38.63
C ILE C 131 -17.90 7.16 37.62
N THR C 132 -18.92 7.90 37.19
CA THR C 132 -18.68 9.01 36.23
C THR C 132 -18.71 10.29 37.07
N ALA C 133 -17.58 10.98 37.17
CA ALA C 133 -17.31 12.19 37.98
C ALA C 133 -16.98 13.41 37.11
N ASP C 134 -17.05 14.61 37.69
CA ASP C 134 -16.53 15.85 37.05
C ASP C 134 -15.13 16.06 37.59
N LEU C 135 -14.09 15.70 36.86
CA LEU C 135 -12.72 15.82 37.39
C LEU C 135 -12.21 17.27 37.39
N THR C 136 -12.99 18.27 36.96
CA THR C 136 -12.58 19.70 37.02
C THR C 136 -13.02 20.32 38.34
N ASP C 137 -13.60 19.50 39.17
CA ASP C 137 -14.44 19.95 40.29
C ASP C 137 -14.11 19.15 41.55
N PRO C 138 -13.35 19.74 42.49
CA PRO C 138 -12.67 18.94 43.52
C PRO C 138 -13.52 18.07 44.43
N ARG C 139 -14.75 18.48 44.72
CA ARG C 139 -15.69 17.69 45.56
C ARG C 139 -16.06 16.42 44.78
N SER C 140 -16.38 16.55 43.49
CA SER C 140 -16.79 15.39 42.65
C SER C 140 -15.60 14.41 42.56
N LEU C 141 -14.41 14.93 42.37
CA LEU C 141 -13.24 14.04 42.32
C LEU C 141 -13.10 13.34 43.66
N ALA C 142 -13.18 14.04 44.80
CA ALA C 142 -12.89 13.42 46.13
C ALA C 142 -13.99 12.42 46.52
N ASP C 143 -15.24 12.63 46.13
CA ASP C 143 -16.32 11.62 46.38
C ASP C 143 -15.95 10.32 45.63
N ALA C 144 -15.45 10.43 44.39
CA ALA C 144 -15.04 9.28 43.56
C ALA C 144 -13.79 8.57 44.13
N LEU C 145 -12.78 9.28 44.60
CA LEU C 145 -11.56 8.63 45.15
C LEU C 145 -11.80 8.03 46.53
N ALA C 146 -12.86 8.45 47.23
CA ALA C 146 -13.28 7.85 48.53
C ALA C 146 -13.70 6.38 48.31
N GLN C 147 -14.06 6.03 47.06
CA GLN C 147 -14.52 4.68 46.68
C GLN C 147 -13.36 3.76 46.24
N SER C 148 -12.09 4.14 46.45
CA SER C 148 -10.90 3.25 46.30
C SER C 148 -10.82 2.62 44.91
N PRO C 149 -10.85 3.42 43.82
CA PRO C 149 -10.87 2.89 42.47
C PRO C 149 -9.52 2.32 42.05
N LYS C 150 -9.54 1.36 41.15
CA LYS C 150 -8.31 0.74 40.62
C LYS C 150 -7.69 1.71 39.61
N LEU C 151 -8.52 2.48 38.91
CA LEU C 151 -8.11 3.22 37.71
C LEU C 151 -8.95 4.47 37.57
N VAL C 152 -8.29 5.60 37.32
CA VAL C 152 -8.90 6.86 36.88
C VAL C 152 -8.42 7.16 35.47
N LEU C 153 -9.37 7.53 34.63
CA LEU C 153 -9.17 8.06 33.28
C LEU C 153 -9.49 9.55 33.24
N ILE C 154 -8.56 10.28 32.63
CA ILE C 154 -8.63 11.72 32.33
C ILE C 154 -8.60 11.92 30.81
N GLU C 155 -9.49 12.75 30.28
CA GLU C 155 -9.46 13.16 28.88
C GLU C 155 -9.38 14.69 28.89
N THR C 156 -8.17 15.23 28.75
CA THR C 156 -7.94 16.70 28.78
C THR C 156 -7.08 17.09 27.57
N PRO C 157 -7.45 18.14 26.84
CA PRO C 157 -8.73 18.80 26.93
C PRO C 157 -9.85 17.87 26.40
N SER C 158 -11.06 18.06 26.93
CA SER C 158 -12.19 17.15 26.73
C SER C 158 -12.86 17.41 25.34
N ASN C 159 -13.48 16.38 24.79
CA ASN C 159 -14.15 16.40 23.48
C ASN C 159 -15.64 16.41 23.75
N PRO C 160 -16.43 17.43 23.40
CA PRO C 160 -16.01 18.57 22.57
C PRO C 160 -16.07 19.98 23.20
N LEU C 161 -16.17 20.08 24.51
CA LEU C 161 -16.22 21.40 25.19
C LEU C 161 -14.86 21.94 25.68
N LEU C 162 -13.77 21.24 25.43
CA LEU C 162 -12.37 21.65 25.73
C LEU C 162 -12.22 22.01 27.23
N ARG C 163 -12.85 21.28 28.14
CA ARG C 163 -12.64 21.46 29.60
C ARG C 163 -11.25 20.93 29.93
N ILE C 164 -10.53 21.64 30.77
CA ILE C 164 -9.11 21.35 31.12
C ILE C 164 -9.08 20.67 32.48
N THR C 165 -8.41 19.53 32.60
CA THR C 165 -8.31 18.92 33.93
C THR C 165 -6.88 19.02 34.34
N ASP C 166 -6.72 19.34 35.63
CA ASP C 166 -5.42 19.59 36.29
C ASP C 166 -4.69 18.28 36.46
N LEU C 167 -3.75 18.01 35.58
CA LEU C 167 -3.05 16.73 35.65
C LEU C 167 -2.37 16.59 37.02
N ARG C 168 -1.58 17.54 37.56
CA ARG C 168 -0.84 17.31 38.87
C ARG C 168 -1.86 17.02 39.97
N PHE C 169 -2.89 17.83 40.05
CA PHE C 169 -3.93 17.70 41.06
C PHE C 169 -4.55 16.30 41.02
N VAL C 170 -5.16 15.93 39.90
CA VAL C 170 -5.94 14.66 39.84
C VAL C 170 -4.99 13.49 39.97
N ILE C 171 -3.80 13.53 39.36
CA ILE C 171 -2.91 12.35 39.44
C ILE C 171 -2.35 12.21 40.85
N GLU C 172 -2.04 13.27 41.56
CA GLU C 172 -1.53 13.06 42.94
C GLU C 172 -2.68 12.67 43.87
N ALA C 173 -3.90 13.12 43.64
CA ALA C 173 -5.04 12.73 44.49
C ALA C 173 -5.25 11.23 44.33
N ALA C 174 -5.02 10.69 43.14
CA ALA C 174 -5.33 9.28 42.82
C ALA C 174 -4.23 8.39 43.36
N LYS C 175 -2.97 8.79 43.27
CA LYS C 175 -1.82 8.08 43.92
C LYS C 175 -2.06 7.94 45.43
N LYS C 176 -2.62 8.95 46.09
CA LYS C 176 -2.76 8.94 47.57
C LYS C 176 -3.67 7.78 47.93
N VAL C 177 -4.67 7.43 47.10
CA VAL C 177 -5.62 6.32 47.37
C VAL C 177 -5.26 5.05 46.58
N GLY C 178 -4.10 4.99 45.94
CA GLY C 178 -3.58 3.76 45.32
C GLY C 178 -4.09 3.44 43.93
N ALA C 179 -4.81 4.35 43.28
CA ALA C 179 -5.31 4.20 41.90
C ALA C 179 -4.23 4.49 40.84
N LEU C 180 -4.23 3.68 39.79
CA LEU C 180 -3.55 3.98 38.51
C LEU C 180 -4.32 5.09 37.79
N THR C 181 -3.57 5.79 36.95
CA THR C 181 -4.04 6.90 36.11
C THR C 181 -3.73 6.58 34.67
N VAL C 182 -4.72 6.84 33.82
CA VAL C 182 -4.52 6.81 32.36
C VAL C 182 -5.06 8.11 31.78
N VAL C 183 -4.31 8.72 30.85
CA VAL C 183 -4.74 9.99 30.21
C VAL C 183 -4.94 9.79 28.73
N ASP C 184 -6.11 10.14 28.22
CA ASP C 184 -6.42 10.18 26.79
C ASP C 184 -5.89 11.51 26.26
N ASN C 185 -4.83 11.48 25.50
CA ASN C 185 -4.07 12.69 25.11
C ASN C 185 -4.25 12.93 23.60
N THR C 186 -5.37 12.48 23.06
CA THR C 186 -5.64 12.54 21.61
C THR C 186 -5.60 13.99 21.12
N PHE C 187 -6.38 14.81 21.78
CA PHE C 187 -6.66 16.20 21.36
C PHE C 187 -5.41 17.08 21.27
N LEU C 188 -4.35 16.81 22.01
CA LEU C 188 -3.16 17.68 21.89
C LEU C 188 -1.98 17.00 21.21
N SER C 189 -1.89 15.67 21.27
CA SER C 189 -0.73 14.87 20.83
C SER C 189 0.45 14.99 21.79
N PRO C 190 1.46 14.14 21.66
CA PRO C 190 2.65 14.27 22.51
C PRO C 190 3.45 15.54 22.25
N ALA C 191 3.29 16.16 21.10
CA ALA C 191 4.05 17.38 20.80
C ALA C 191 3.57 18.50 21.74
N LEU C 192 2.37 18.41 22.31
CA LEU C 192 1.77 19.57 23.03
C LEU C 192 1.42 19.28 24.50
N GLN C 193 1.46 18.05 24.98
CA GLN C 193 1.14 17.68 26.39
C GLN C 193 1.77 16.33 26.62
N LYS C 194 2.50 16.19 27.74
CA LYS C 194 3.17 14.95 28.15
C LYS C 194 2.63 14.55 29.52
N PRO C 195 1.46 13.86 29.57
CA PRO C 195 0.88 13.46 30.86
C PRO C 195 1.82 12.63 31.76
N LEU C 196 2.76 11.87 31.19
CA LEU C 196 3.64 11.04 32.03
C LEU C 196 4.59 11.93 32.83
N ASP C 197 4.88 13.14 32.39
CA ASP C 197 5.67 14.13 33.18
C ASP C 197 4.90 14.48 34.45
N PHE C 198 3.57 14.39 34.46
CA PHE C 198 2.74 14.73 35.62
C PHE C 198 2.54 13.49 36.49
N GLY C 199 3.20 12.37 36.19
CA GLY C 199 3.04 11.14 37.00
C GLY C 199 1.98 10.14 36.53
N ALA C 200 1.35 10.28 35.37
CA ALA C 200 0.38 9.26 34.91
C ALA C 200 1.07 7.92 34.69
N ASP C 201 0.38 6.82 34.91
CA ASP C 201 0.93 5.47 34.65
C ASP C 201 0.92 5.18 33.14
N LEU C 202 -0.03 5.77 32.43
CA LEU C 202 -0.43 5.41 31.07
C LEU C 202 -0.93 6.64 30.31
N VAL C 203 -0.47 6.76 29.07
CA VAL C 203 -1.09 7.74 28.15
C VAL C 203 -1.58 6.98 26.92
N LEU C 204 -2.73 7.35 26.40
CA LEU C 204 -3.23 6.70 25.18
C LEU C 204 -3.68 7.72 24.14
N HIS C 205 -3.74 7.26 22.91
CA HIS C 205 -4.03 8.13 21.75
C HIS C 205 -4.94 7.39 20.77
N SER C 206 -5.85 8.08 20.14
CA SER C 206 -6.29 7.71 18.78
C SER C 206 -5.25 8.27 17.84
N THR C 207 -4.39 7.46 17.25
CA THR C 207 -3.42 7.93 16.23
C THR C 207 -4.14 8.37 14.96
N THR C 208 -5.43 8.07 14.88
CA THR C 208 -6.31 8.47 13.75
C THR C 208 -6.27 10.01 13.58
N LYS C 209 -5.97 10.73 14.66
CA LYS C 209 -6.17 12.19 14.74
C LYS C 209 -4.81 12.83 14.35
N TYR C 210 -4.24 13.69 15.18
CA TYR C 210 -3.00 14.44 14.81
C TYR C 210 -1.78 13.59 14.51
N ILE C 211 -1.58 12.49 15.19
CA ILE C 211 -0.32 11.73 14.98
C ILE C 211 -0.26 11.27 13.52
N ASN C 212 -1.32 10.66 13.00
CA ASN C 212 -1.30 10.28 11.58
C ASN C 212 -1.47 11.53 10.71
N GLY C 213 -2.47 12.31 11.01
CA GLY C 213 -2.60 13.65 10.44
C GLY C 213 -3.24 13.67 9.08
N HIS C 214 -3.47 12.53 8.43
CA HIS C 214 -3.87 12.57 7.00
C HIS C 214 -5.21 11.86 6.78
N SER C 215 -5.98 11.64 7.83
CA SER C 215 -7.34 11.03 7.72
C SER C 215 -7.36 9.75 6.87
N ASP C 216 -6.37 8.89 6.95
CA ASP C 216 -6.38 7.69 6.06
C ASP C 216 -5.83 6.47 6.82
N VAL C 217 -5.91 6.50 8.14
CA VAL C 217 -5.56 5.38 9.06
C VAL C 217 -6.45 5.50 10.28
N VAL C 218 -7.09 4.43 10.70
CA VAL C 218 -7.61 4.37 12.09
C VAL C 218 -6.61 3.56 12.88
N GLY C 219 -6.29 4.02 14.08
CA GLY C 219 -5.22 3.46 14.93
C GLY C 219 -5.28 3.96 16.37
N GLY C 220 -4.64 3.24 17.28
CA GLY C 220 -4.47 3.66 18.66
C GLY C 220 -3.08 3.32 19.14
N ALA C 221 -2.67 3.92 20.26
CA ALA C 221 -1.39 3.64 20.92
C ALA C 221 -1.61 3.79 22.43
N VAL C 222 -0.91 3.01 23.20
CA VAL C 222 -0.85 3.16 24.65
C VAL C 222 0.63 3.17 24.97
N VAL C 223 1.08 4.12 25.77
CA VAL C 223 2.45 4.17 26.31
C VAL C 223 2.34 4.08 27.83
N ALA C 224 3.13 3.25 28.46
CA ALA C 224 3.18 3.13 29.93
C ALA C 224 4.47 3.75 30.46
N ARG C 225 4.46 4.36 31.65
CA ARG C 225 5.71 4.92 32.23
C ARG C 225 6.59 3.71 32.54
N ASP C 226 6.05 2.65 33.10
CA ASP C 226 6.83 1.57 33.74
C ASP C 226 6.98 0.36 32.79
N ALA C 227 8.17 -0.21 32.71
CA ALA C 227 8.49 -1.39 31.87
C ALA C 227 7.53 -2.58 32.17
N GLU C 228 7.18 -2.85 33.41
CA GLU C 228 6.37 -4.05 33.74
C GLU C 228 4.97 -3.83 33.19
N LEU C 229 4.39 -2.64 33.36
CA LEU C 229 3.03 -2.41 32.84
C LEU C 229 3.02 -2.45 31.28
N HIS C 230 4.08 -2.00 30.63
CA HIS C 230 4.26 -2.12 29.17
C HIS C 230 4.22 -3.62 28.81
N GLN C 231 4.96 -4.45 29.53
CA GLN C 231 4.99 -5.91 29.30
C GLN C 231 3.57 -6.47 29.51
N GLN C 232 2.79 -6.03 30.48
CA GLN C 232 1.42 -6.53 30.61
C GLN C 232 0.60 -6.07 29.39
N LEU C 233 0.83 -4.88 28.84
CA LEU C 233 0.03 -4.42 27.70
C LEU C 233 0.38 -5.25 26.46
N VAL C 234 1.66 -5.54 26.21
CA VAL C 234 2.13 -6.31 25.03
C VAL C 234 1.40 -7.68 25.06
N TRP C 235 1.41 -8.30 26.21
CA TRP C 235 0.80 -9.65 26.48
C TRP C 235 -0.69 -9.59 26.18
N TRP C 236 -1.39 -8.61 26.70
CA TRP C 236 -2.86 -8.56 26.59
C TRP C 236 -3.25 -8.22 25.14
N ALA C 237 -2.46 -7.38 24.47
CA ALA C 237 -2.74 -7.00 23.08
C ALA C 237 -2.64 -8.24 22.18
N ASN C 238 -1.61 -9.06 22.39
CA ASN C 238 -1.31 -10.31 21.67
C ASN C 238 -2.46 -11.29 21.90
N ALA C 239 -2.87 -11.45 23.14
CA ALA C 239 -3.84 -12.49 23.57
C ALA C 239 -5.23 -12.13 23.05
N LEU C 240 -5.61 -10.85 23.12
CA LEU C 240 -6.93 -10.32 22.64
C LEU C 240 -6.93 -10.06 21.13
N GLY C 241 -5.77 -10.00 20.50
CA GLY C 241 -5.68 -9.70 19.05
C GLY C 241 -6.12 -8.29 18.70
N LEU C 242 -5.75 -7.31 19.52
CA LEU C 242 -6.04 -5.86 19.39
C LEU C 242 -4.96 -5.14 18.56
N THR C 243 -3.84 -5.78 18.28
CA THR C 243 -2.70 -5.13 17.59
C THR C 243 -3.07 -4.68 16.17
N GLY C 244 -2.35 -3.65 15.69
CA GLY C 244 -2.59 -2.99 14.41
C GLY C 244 -1.85 -3.61 13.24
N SER C 245 -2.27 -3.22 12.08
CA SER C 245 -1.64 -3.58 10.80
C SER C 245 -0.32 -2.84 10.62
N PRO C 246 0.72 -3.53 10.15
CA PRO C 246 1.98 -2.90 9.79
C PRO C 246 1.87 -1.84 8.69
N PHE C 247 0.90 -1.91 7.79
CA PHE C 247 0.79 -0.92 6.71
C PHE C 247 0.25 0.36 7.30
N ASP C 248 -0.77 0.29 8.10
CA ASP C 248 -1.26 1.43 8.90
C ASP C 248 -0.13 2.04 9.74
N ALA C 249 0.75 1.25 10.32
CA ALA C 249 1.81 1.78 11.20
C ALA C 249 2.84 2.54 10.35
N PHE C 250 3.05 2.10 9.12
CA PHE C 250 3.90 2.73 8.11
C PHE C 250 3.30 4.10 7.76
N LEU C 251 2.03 4.19 7.41
CA LEU C 251 1.42 5.51 7.07
C LEU C 251 1.40 6.43 8.29
N THR C 252 1.14 5.88 9.45
CA THR C 252 1.09 6.64 10.71
C THR C 252 2.50 7.18 11.03
N LEU C 253 3.55 6.38 10.89
CA LEU C 253 4.93 6.86 11.13
C LEU C 253 5.25 7.95 10.09
N ARG C 254 4.72 7.84 8.89
CA ARG C 254 4.99 8.80 7.81
C ARG C 254 4.34 10.14 8.18
N GLY C 255 3.11 10.10 8.66
CA GLY C 255 2.42 11.31 9.15
C GLY C 255 3.08 11.95 10.35
N LEU C 256 3.57 11.15 11.30
CA LEU C 256 4.27 11.61 12.53
C LEU C 256 5.41 12.54 12.12
N ARG C 257 6.06 12.28 10.99
CA ARG C 257 7.27 13.04 10.59
C ARG C 257 6.89 14.52 10.37
N THR C 258 5.65 14.84 10.01
CA THR C 258 5.23 16.23 9.84
C THR C 258 4.42 16.74 11.04
N LEU C 259 4.39 16.07 12.20
CA LEU C 259 3.52 16.49 13.35
C LEU C 259 3.92 17.89 13.79
N ASP C 260 5.19 18.17 14.00
CA ASP C 260 5.63 19.51 14.46
C ASP C 260 5.26 20.57 13.41
N ALA C 261 5.59 20.34 12.18
CA ALA C 261 5.34 21.32 11.13
C ALA C 261 3.85 21.53 10.89
N ARG C 262 3.04 20.49 11.04
CA ARG C 262 1.58 20.65 10.87
C ARG C 262 1.02 21.49 12.05
N LEU C 263 1.43 21.19 13.28
CA LEU C 263 0.89 21.86 14.48
C LEU C 263 1.24 23.36 14.46
N ARG C 264 2.41 23.73 13.92
CA ARG C 264 2.71 25.18 13.77
C ARG C 264 1.59 25.86 13.00
N VAL C 265 1.11 25.30 11.92
CA VAL C 265 0.06 25.96 11.12
C VAL C 265 -1.33 25.77 11.74
N HIS C 266 -1.63 24.61 12.29
CA HIS C 266 -2.90 24.34 13.00
C HIS C 266 -3.03 25.43 14.04
N GLN C 267 -1.98 25.69 14.82
CA GLN C 267 -2.17 26.63 15.97
C GLN C 267 -2.27 28.08 15.48
N GLU C 268 -1.50 28.49 14.50
CA GLU C 268 -1.61 29.86 13.91
C GLU C 268 -3.04 30.03 13.42
N ASN C 269 -3.60 29.03 12.72
CA ASN C 269 -4.95 29.13 12.13
C ASN C 269 -5.98 29.18 13.23
N ALA C 270 -5.82 28.39 14.28
CA ALA C 270 -6.79 28.35 15.41
C ALA C 270 -6.79 29.68 16.21
N ASP C 271 -5.64 30.24 16.53
CA ASP C 271 -5.60 31.59 17.18
C ASP C 271 -6.39 32.57 16.33
N ALA C 272 -6.24 32.55 15.03
CA ALA C 272 -6.93 33.53 14.16
C ALA C 272 -8.43 33.30 14.21
N ILE C 273 -8.86 32.04 14.16
CA ILE C 273 -10.32 31.71 14.13
C ILE C 273 -10.90 31.97 15.51
N ALA C 274 -10.16 31.71 16.60
CA ALA C 274 -10.68 32.02 17.96
C ALA C 274 -10.97 33.51 18.01
N GLU C 275 -10.08 34.34 17.50
CA GLU C 275 -10.19 35.83 17.51
C GLU C 275 -11.47 36.26 16.75
N LEU C 276 -11.81 35.65 15.64
CA LEU C 276 -13.02 36.01 14.87
C LEU C 276 -14.24 35.62 15.69
N LEU C 277 -14.31 34.43 16.25
CA LEU C 277 -15.56 33.95 16.87
C LEU C 277 -15.78 34.62 18.24
N ASP C 278 -14.74 34.92 19.01
CA ASP C 278 -14.90 35.50 20.37
C ASP C 278 -15.46 36.92 20.21
N GLY C 279 -16.65 37.16 20.76
CA GLY C 279 -17.31 38.46 20.70
C GLY C 279 -17.86 38.90 19.33
N HIS C 280 -17.75 38.11 18.24
CA HIS C 280 -18.66 38.23 17.05
C HIS C 280 -20.12 38.19 17.54
N ALA C 281 -20.93 39.08 16.98
CA ALA C 281 -22.36 39.32 17.34
C ALA C 281 -23.17 38.04 17.12
N MET C 282 -22.77 37.15 16.21
CA MET C 282 -23.57 35.92 15.93
C MET C 282 -23.11 34.77 16.82
N VAL C 283 -22.10 34.97 17.66
CA VAL C 283 -21.60 33.83 18.49
C VAL C 283 -21.90 34.04 19.98
N ASN C 284 -22.65 33.13 20.57
CA ASN C 284 -23.09 33.17 21.98
C ASN C 284 -21.88 32.79 22.86
N GLN C 285 -21.25 31.65 22.57
CA GLN C 285 -20.14 31.06 23.39
C GLN C 285 -19.10 30.44 22.42
N VAL C 286 -17.81 30.69 22.68
CA VAL C 286 -16.68 29.95 22.08
C VAL C 286 -15.99 29.13 23.17
N TYR C 287 -15.63 27.89 22.90
CA TYR C 287 -14.81 27.10 23.84
C TYR C 287 -13.50 26.81 23.15
N PHE C 288 -12.47 27.45 23.66
CA PHE C 288 -11.10 27.33 23.14
C PHE C 288 -10.16 27.70 24.26
N PRO C 289 -9.32 26.74 24.68
CA PRO C 289 -8.42 26.98 25.79
C PRO C 289 -7.50 28.19 25.60
N GLY C 290 -7.24 28.63 24.36
CA GLY C 290 -6.30 29.75 24.19
C GLY C 290 -6.87 31.14 24.47
N LEU C 291 -8.18 31.28 24.57
CA LEU C 291 -8.85 32.53 24.97
C LEU C 291 -8.62 32.73 26.46
N ALA C 292 -8.26 33.95 26.84
CA ALA C 292 -7.99 34.30 28.27
C ALA C 292 -9.25 34.10 29.14
N THR C 293 -10.47 34.25 28.60
CA THR C 293 -11.76 34.16 29.33
C THR C 293 -12.28 32.74 29.43
N HIS C 294 -11.56 31.73 28.92
CA HIS C 294 -12.01 30.32 28.99
C HIS C 294 -11.57 29.72 30.31
N PRO C 295 -12.47 29.07 31.05
CA PRO C 295 -12.11 28.49 32.35
C PRO C 295 -11.00 27.48 32.11
N GLY C 296 -9.86 27.55 32.78
CA GLY C 296 -8.76 26.57 32.53
C GLY C 296 -7.68 27.15 31.66
N HIS C 297 -7.86 28.37 31.17
CA HIS C 297 -6.82 29.04 30.34
C HIS C 297 -5.45 28.99 31.04
N ALA C 298 -5.37 29.43 32.28
CA ALA C 298 -4.05 29.53 32.95
C ALA C 298 -3.49 28.11 33.15
N LEU C 299 -4.37 27.15 33.45
CA LEU C 299 -3.98 25.73 33.65
C LEU C 299 -3.41 25.17 32.32
N ALA C 300 -4.13 25.38 31.21
CA ALA C 300 -3.69 24.97 29.87
C ALA C 300 -2.38 25.64 29.50
N ALA C 301 -2.22 26.93 29.78
CA ALA C 301 -0.97 27.68 29.47
C ALA C 301 0.22 27.02 30.18
N ARG C 302 -0.05 26.40 31.31
CA ARG C 302 0.98 25.78 32.14
C ARG C 302 1.19 24.29 31.86
N GLN C 303 0.13 23.50 31.64
CA GLN C 303 0.34 22.03 31.54
C GLN C 303 0.49 21.64 30.06
N GLN C 304 0.20 22.54 29.10
CA GLN C 304 0.33 22.30 27.63
C GLN C 304 1.42 23.22 27.08
N LYS C 305 2.03 22.87 25.94
CA LYS C 305 2.99 23.72 25.20
C LYS C 305 2.30 24.48 24.10
N GLY C 306 1.01 24.31 23.94
CA GLY C 306 0.23 25.12 22.99
C GLY C 306 -1.25 24.83 23.19
N PHE C 307 -2.13 25.63 22.61
CA PHE C 307 -3.57 25.55 22.91
C PHE C 307 -4.28 24.66 21.86
N GLY C 308 -3.59 24.20 20.83
CA GLY C 308 -4.22 23.21 19.95
C GLY C 308 -5.05 23.88 18.89
N ALA C 309 -5.82 23.11 18.18
CA ALA C 309 -6.62 23.60 17.05
C ALA C 309 -8.03 23.02 17.11
N MET C 310 -8.44 22.51 18.25
CA MET C 310 -9.85 22.08 18.43
C MET C 310 -10.60 23.18 19.17
N MET C 311 -11.76 23.55 18.65
CA MET C 311 -12.65 24.46 19.36
C MET C 311 -14.10 24.10 19.06
N SER C 312 -15.00 24.44 19.97
CA SER C 312 -16.44 24.41 19.63
C SER C 312 -17.08 25.76 19.98
N PHE C 313 -18.30 25.95 19.55
CA PHE C 313 -19.00 27.25 19.65
C PHE C 313 -20.50 27.06 19.37
N GLU C 314 -21.24 28.00 19.94
CA GLU C 314 -22.74 28.01 19.94
C GLU C 314 -23.06 29.31 19.23
N LEU C 315 -23.95 29.21 18.28
CA LEU C 315 -24.44 30.30 17.45
C LEU C 315 -25.70 30.88 18.08
N GLU C 316 -25.97 32.17 17.86
CA GLU C 316 -27.30 32.80 18.08
C GLU C 316 -28.23 32.23 17.00
N GLY C 317 -29.47 31.87 17.32
CA GLY C 317 -30.58 31.79 16.33
C GLY C 317 -31.12 30.39 16.11
N GLY C 318 -30.86 29.50 17.05
CA GLY C 318 -31.43 28.15 17.02
C GLY C 318 -31.03 27.33 15.80
N GLU C 319 -31.83 26.30 15.48
CA GLU C 319 -31.51 25.22 14.52
C GLU C 319 -31.34 25.82 13.13
N ALA C 320 -32.10 26.86 12.82
CA ALA C 320 -32.13 27.47 11.45
C ALA C 320 -30.75 28.07 11.11
N ALA C 321 -30.15 28.75 12.10
CA ALA C 321 -28.82 29.39 12.03
C ALA C 321 -27.74 28.33 11.85
N VAL C 322 -27.73 27.31 12.71
CA VAL C 322 -26.85 26.12 12.49
C VAL C 322 -26.99 25.60 11.07
N ARG C 323 -28.20 25.32 10.57
CA ARG C 323 -28.39 24.73 9.21
C ARG C 323 -27.83 25.72 8.18
N ALA C 324 -28.03 27.01 8.32
CA ALA C 324 -27.59 27.99 7.31
C ALA C 324 -26.04 28.10 7.33
N PHE C 325 -25.46 28.18 8.53
CA PHE C 325 -24.00 28.28 8.71
C PHE C 325 -23.36 27.11 7.98
N VAL C 326 -23.80 25.88 8.29
CA VAL C 326 -23.09 24.64 7.88
C VAL C 326 -23.20 24.45 6.36
N ASP C 327 -24.37 24.72 5.76
CA ASP C 327 -24.68 24.46 4.32
C ASP C 327 -24.11 25.66 3.55
N GLY C 328 -23.04 25.43 2.83
CA GLY C 328 -22.28 26.48 2.13
C GLY C 328 -20.82 26.55 2.57
N LEU C 329 -20.42 25.89 3.67
CA LEU C 329 -18.98 25.90 4.01
C LEU C 329 -18.20 25.22 2.87
N ARG C 330 -17.22 25.94 2.31
CA ARG C 330 -16.40 25.50 1.16
C ARG C 330 -15.16 24.75 1.65
N TYR C 331 -14.63 25.10 2.80
CA TYR C 331 -13.33 24.58 3.28
C TYR C 331 -13.45 23.79 4.57
N PHE C 332 -14.61 23.70 5.20
CA PHE C 332 -14.81 22.81 6.37
C PHE C 332 -15.76 21.70 5.92
N THR C 333 -15.27 20.49 5.77
CA THR C 333 -16.10 19.33 5.42
C THR C 333 -16.89 18.94 6.66
N LEU C 334 -18.19 18.75 6.51
CA LEU C 334 -19.07 18.22 7.58
C LEU C 334 -18.86 16.70 7.69
N ALA C 335 -18.21 16.27 8.75
CA ALA C 335 -17.75 14.89 8.92
C ALA C 335 -17.25 14.70 10.33
N GLU C 336 -17.15 13.45 10.76
CA GLU C 336 -16.52 13.07 12.05
C GLU C 336 -14.99 13.05 11.92
N SER C 337 -14.31 12.76 13.01
CA SER C 337 -12.83 12.77 13.17
C SER C 337 -12.34 14.23 13.29
N LEU C 338 -11.03 14.37 13.42
CA LEU C 338 -10.34 15.64 13.73
C LEU C 338 -8.86 15.30 13.58
N GLY C 339 -8.03 16.34 13.55
CA GLY C 339 -6.55 16.23 13.63
C GLY C 339 -5.99 16.10 12.26
N GLY C 340 -6.82 16.21 11.26
CA GLY C 340 -6.31 16.13 9.88
C GLY C 340 -5.77 17.46 9.40
N VAL C 341 -4.99 17.40 8.35
CA VAL C 341 -4.55 18.59 7.60
C VAL C 341 -5.77 19.29 7.03
N GLU C 342 -6.80 18.56 6.69
CA GLU C 342 -8.06 19.16 6.15
C GLU C 342 -9.00 19.60 7.28
N SER C 343 -9.54 20.80 7.15
CA SER C 343 -10.48 21.40 8.16
C SER C 343 -11.84 20.70 8.12
N LEU C 344 -12.40 20.47 9.31
CA LEU C 344 -13.64 19.71 9.47
C LEU C 344 -14.58 20.45 10.42
N ILE C 345 -15.86 20.20 10.27
CA ILE C 345 -16.91 20.67 11.21
C ILE C 345 -17.79 19.48 11.56
N ALA C 346 -18.22 19.43 12.82
CA ALA C 346 -19.08 18.34 13.34
C ALA C 346 -20.15 18.94 14.24
N HIS C 347 -21.33 18.33 14.22
CA HIS C 347 -22.48 18.53 15.15
C HIS C 347 -22.55 17.34 16.12
N PRO C 348 -21.86 17.45 17.28
CA PRO C 348 -21.67 16.32 18.18
C PRO C 348 -22.92 15.57 18.67
N ALA C 349 -23.99 16.34 18.94
CA ALA C 349 -25.26 15.74 19.43
C ALA C 349 -25.75 14.67 18.44
N SER C 350 -25.62 14.96 17.13
CA SER C 350 -26.17 14.09 16.05
C SER C 350 -25.06 13.28 15.36
N MET C 351 -23.78 13.45 15.75
CA MET C 351 -22.64 12.78 15.03
C MET C 351 -21.73 12.07 16.07
N THR C 352 -20.74 12.77 16.63
CA THR C 352 -19.63 12.14 17.36
C THR C 352 -20.11 11.64 18.74
N HIS C 353 -21.20 12.22 19.25
CA HIS C 353 -21.70 11.97 20.63
C HIS C 353 -23.14 11.47 20.52
N ALA C 354 -23.55 10.93 19.35
CA ALA C 354 -24.90 10.34 19.12
C ALA C 354 -25.04 9.00 19.88
N ALA C 355 -23.92 8.32 20.13
CA ALA C 355 -23.82 7.09 20.96
C ALA C 355 -24.26 7.37 22.41
N MET C 356 -24.18 8.61 22.90
CA MET C 356 -24.56 8.94 24.30
C MET C 356 -26.09 9.08 24.34
N THR C 357 -26.68 8.94 25.51
CA THR C 357 -28.12 9.25 25.79
C THR C 357 -28.31 10.77 25.86
N ALA C 358 -29.53 11.30 25.68
CA ALA C 358 -29.76 12.75 25.80
C ALA C 358 -29.43 13.21 27.25
N GLU C 359 -29.54 12.33 28.25
CA GLU C 359 -29.26 12.69 29.68
C GLU C 359 -27.73 12.78 29.89
N ALA C 360 -26.92 11.92 29.26
CA ALA C 360 -25.46 11.90 29.51
C ALA C 360 -24.84 13.15 28.86
N ARG C 361 -25.39 13.53 27.71
CA ARG C 361 -25.07 14.78 27.00
C ARG C 361 -25.47 16.03 27.84
N ALA C 362 -26.73 16.12 28.27
CA ALA C 362 -27.23 17.18 29.18
C ALA C 362 -26.24 17.29 30.38
N ALA C 363 -25.84 16.17 30.99
CA ALA C 363 -24.86 16.11 32.12
C ALA C 363 -23.48 16.58 31.68
N ALA C 364 -23.08 16.33 30.42
CA ALA C 364 -21.77 16.78 29.89
C ALA C 364 -21.87 18.27 29.52
N GLY C 365 -23.08 18.85 29.40
CA GLY C 365 -23.22 20.25 28.95
C GLY C 365 -23.03 20.42 27.46
N ILE C 366 -23.20 19.35 26.67
CA ILE C 366 -23.16 19.34 25.18
C ILE C 366 -24.57 19.68 24.72
N SER C 367 -24.83 20.91 24.34
CA SER C 367 -26.16 21.32 23.85
C SER C 367 -26.34 20.80 22.43
N ASP C 368 -27.59 20.81 21.98
CA ASP C 368 -28.04 20.47 20.60
C ASP C 368 -27.62 21.56 19.59
N GLY C 369 -27.11 22.73 20.00
CA GLY C 369 -26.67 23.76 19.03
C GLY C 369 -25.13 23.84 18.90
N LEU C 370 -24.40 22.93 19.52
CA LEU C 370 -22.92 23.00 19.53
C LEU C 370 -22.37 22.50 18.18
N LEU C 371 -21.51 23.33 17.57
CA LEU C 371 -20.61 23.04 16.42
C LEU C 371 -19.15 22.98 16.91
N ARG C 372 -18.42 21.99 16.43
CA ARG C 372 -17.03 21.67 16.75
C ARG C 372 -16.18 21.84 15.48
N LEU C 373 -15.13 22.64 15.53
CA LEU C 373 -14.17 22.82 14.42
C LEU C 373 -12.90 22.06 14.73
N SER C 374 -12.45 21.29 13.75
CA SER C 374 -11.08 20.80 13.68
C SER C 374 -10.39 21.71 12.67
N ILE C 375 -9.42 22.50 13.13
CA ILE C 375 -8.81 23.49 12.20
C ILE C 375 -7.59 22.86 11.58
N GLY C 376 -7.62 22.83 10.24
CA GLY C 376 -6.55 22.33 9.36
C GLY C 376 -5.44 23.34 9.13
N ILE C 377 -4.67 23.11 8.06
CA ILE C 377 -3.45 23.84 7.71
C ILE C 377 -3.62 24.57 6.38
N GLU C 378 -4.85 24.76 5.94
CA GLU C 378 -5.19 25.70 4.85
C GLU C 378 -4.78 27.12 5.20
N SER C 379 -4.79 28.01 4.22
CA SER C 379 -4.46 29.43 4.40
C SER C 379 -5.49 30.04 5.37
N ALA C 380 -5.01 30.63 6.45
CA ALA C 380 -5.86 31.32 7.43
C ALA C 380 -6.83 32.23 6.67
N GLU C 381 -6.39 32.93 5.63
CA GLU C 381 -7.26 33.93 4.97
C GLU C 381 -8.50 33.24 4.42
N ASP C 382 -8.35 32.06 3.82
CA ASP C 382 -9.46 31.24 3.25
C ASP C 382 -10.39 30.72 4.36
N LEU C 383 -9.89 30.19 5.47
CA LEU C 383 -10.74 29.68 6.56
C LEU C 383 -11.58 30.83 7.09
N LEU C 384 -11.03 32.03 7.28
CA LEU C 384 -11.81 33.18 7.79
C LEU C 384 -12.84 33.68 6.76
N ILE C 385 -12.53 33.76 5.47
CA ILE C 385 -13.56 34.09 4.44
C ILE C 385 -14.74 33.10 4.55
N ASP C 386 -14.44 31.82 4.76
CA ASP C 386 -15.45 30.73 4.83
C ASP C 386 -16.28 30.93 6.09
N LEU C 387 -15.65 31.11 7.26
CA LEU C 387 -16.38 31.27 8.52
C LEU C 387 -17.21 32.56 8.49
N ARG C 388 -16.69 33.66 7.95
CA ARG C 388 -17.47 34.92 7.91
C ARG C 388 -18.71 34.74 7.03
N ALA C 389 -18.60 34.11 5.88
CA ALA C 389 -19.77 33.91 5.00
C ALA C 389 -20.78 33.04 5.74
N GLY C 390 -20.30 32.06 6.49
CA GLY C 390 -21.19 31.23 7.33
C GLY C 390 -21.92 32.02 8.39
N LEU C 391 -21.22 32.94 9.06
CA LEU C 391 -21.85 33.81 10.09
C LEU C 391 -22.86 34.75 9.40
N SER C 392 -22.62 35.26 8.19
CA SER C 392 -23.66 36.05 7.45
C SER C 392 -24.92 35.24 7.25
N ARG C 393 -24.72 34.03 6.74
CA ARG C 393 -25.81 33.10 6.38
C ARG C 393 -26.65 32.87 7.65
N ALA C 394 -26.07 32.80 8.84
CA ALA C 394 -26.83 32.50 10.07
C ALA C 394 -27.54 33.76 10.53
N GLU C 395 -26.97 34.92 10.22
CA GLU C 395 -27.57 36.23 10.56
C GLU C 395 -28.83 36.47 9.73
N ALA C 396 -28.75 36.23 8.41
CA ALA C 396 -29.87 36.34 7.45
C ALA C 396 -31.12 35.61 8.02
N THR C 397 -30.89 34.59 8.84
CA THR C 397 -31.89 33.68 9.46
C THR C 397 -32.68 34.38 10.56
N LEU C 398 -32.26 35.48 11.15
CA LEU C 398 -33.07 36.19 12.19
C LEU C 398 -34.15 37.08 11.55
N THR C 399 -33.80 37.79 10.44
CA THR C 399 -34.45 38.97 9.77
C THR C 399 -34.89 38.62 8.32
N THR D 12 -29.58 -19.99 -11.85
CA THR D 12 -28.28 -20.26 -11.17
C THR D 12 -27.90 -19.03 -10.34
N PRO D 13 -27.74 -19.15 -8.99
CA PRO D 13 -26.70 -18.38 -8.30
C PRO D 13 -25.34 -18.98 -8.75
N CYS D 14 -24.24 -18.26 -8.62
CA CYS D 14 -22.91 -18.78 -9.02
C CYS D 14 -22.40 -19.86 -8.04
N THR D 15 -21.30 -20.54 -8.38
CA THR D 15 -20.58 -21.42 -7.43
C THR D 15 -19.72 -20.58 -6.46
N ALA D 16 -19.11 -21.28 -5.50
CA ALA D 16 -18.18 -20.74 -4.48
C ALA D 16 -16.98 -20.07 -5.19
N ALA D 17 -16.43 -20.79 -6.15
CA ALA D 17 -15.24 -20.35 -6.89
C ALA D 17 -15.57 -19.05 -7.64
N THR D 18 -16.66 -19.01 -8.38
CA THR D 18 -17.02 -17.78 -9.11
C THR D 18 -17.15 -16.60 -8.14
N ALA D 19 -17.77 -16.83 -6.97
CA ALA D 19 -18.15 -15.77 -6.03
C ALA D 19 -16.86 -15.21 -5.42
N ALA D 20 -15.97 -16.07 -5.00
CA ALA D 20 -14.65 -15.65 -4.48
C ALA D 20 -13.91 -14.85 -5.58
N VAL D 21 -13.90 -15.31 -6.84
CA VAL D 21 -13.14 -14.67 -7.93
C VAL D 21 -13.76 -13.32 -8.22
N ARG D 22 -15.07 -13.18 -8.18
CA ARG D 22 -15.74 -11.95 -8.71
C ARG D 22 -16.01 -10.97 -7.56
N ALA D 23 -15.45 -11.21 -6.37
CA ALA D 23 -15.80 -10.43 -5.17
C ALA D 23 -15.30 -8.98 -5.33
N GLY D 24 -16.19 -8.01 -5.45
CA GLY D 24 -15.73 -6.61 -5.66
C GLY D 24 -15.37 -6.27 -7.12
N ILE D 25 -15.62 -7.19 -8.05
CA ILE D 25 -15.27 -6.96 -9.47
C ILE D 25 -16.38 -6.16 -10.09
N ASP D 26 -16.07 -5.15 -10.87
CA ASP D 26 -17.02 -4.22 -11.51
C ASP D 26 -18.04 -3.70 -10.48
N ARG D 27 -17.61 -3.17 -9.34
CA ARG D 27 -18.55 -2.69 -8.28
C ARG D 27 -18.17 -1.29 -7.78
N ASP D 28 -17.61 -0.49 -8.66
CA ASP D 28 -17.16 0.88 -8.39
C ASP D 28 -18.07 1.80 -9.23
N THR D 29 -18.95 2.55 -8.57
CA THR D 29 -19.92 3.44 -9.24
C THR D 29 -19.21 4.69 -9.73
N ALA D 30 -18.04 5.03 -9.21
CA ALA D 30 -17.35 6.29 -9.57
C ALA D 30 -16.70 6.17 -10.96
N TYR D 31 -15.91 5.14 -11.26
CA TYR D 31 -15.15 5.15 -12.53
C TYR D 31 -15.40 3.89 -13.35
N GLY D 32 -16.10 2.90 -12.78
CA GLY D 32 -16.16 1.51 -13.24
C GLY D 32 -14.81 0.82 -13.24
N ALA D 33 -13.93 1.17 -12.31
CA ALA D 33 -12.75 0.32 -12.06
C ALA D 33 -13.20 -1.14 -11.93
N VAL D 34 -12.49 -2.01 -12.59
CA VAL D 34 -12.77 -3.47 -12.50
C VAL D 34 -12.39 -3.98 -11.11
N THR D 35 -11.18 -3.67 -10.72
CA THR D 35 -10.61 -4.02 -9.42
C THR D 35 -11.12 -2.97 -8.44
N PRO D 36 -11.57 -3.33 -7.24
CA PRO D 36 -12.21 -2.34 -6.33
C PRO D 36 -11.24 -1.33 -5.71
N PRO D 37 -11.58 -0.03 -5.65
CA PRO D 37 -10.70 0.95 -5.01
C PRO D 37 -10.47 0.67 -3.53
N ILE D 38 -9.27 0.98 -3.06
CA ILE D 38 -8.96 0.98 -1.60
C ILE D 38 -9.47 2.27 -0.98
N VAL D 39 -10.46 2.18 -0.11
CA VAL D 39 -10.98 3.34 0.68
C VAL D 39 -10.25 3.37 2.01
N LEU D 40 -9.11 4.02 2.04
CA LEU D 40 -8.37 4.20 3.29
C LEU D 40 -9.06 5.23 4.22
N SER D 41 -9.92 6.12 3.71
CA SER D 41 -10.44 7.28 4.48
C SER D 41 -10.96 6.85 5.85
N SER D 42 -10.56 7.56 6.89
CA SER D 42 -11.07 7.34 8.28
C SER D 42 -12.53 7.80 8.35
N ASN D 43 -12.83 8.81 7.57
CA ASN D 43 -14.12 9.52 7.64
C ASN D 43 -14.79 9.71 6.26
N PHE D 44 -16.07 10.02 6.30
CA PHE D 44 -16.92 10.23 5.10
C PHE D 44 -17.74 11.50 5.33
N SER D 45 -17.92 12.35 4.34
CA SER D 45 -18.72 13.59 4.51
C SER D 45 -20.18 13.23 4.75
N PHE D 46 -20.92 14.11 5.46
CA PHE D 46 -22.41 14.05 5.52
C PHE D 46 -22.98 14.66 4.25
N ASP D 47 -24.21 14.33 3.85
CA ASP D 47 -24.80 14.88 2.60
C ASP D 47 -25.53 16.17 2.94
N GLY D 48 -24.85 17.13 3.53
CA GLY D 48 -25.48 18.26 4.22
C GLY D 48 -25.98 17.90 5.64
N PHE D 49 -26.31 18.96 6.37
CA PHE D 49 -26.72 18.88 7.80
C PHE D 49 -27.77 17.78 8.01
N GLY D 50 -27.48 16.86 8.95
CA GLY D 50 -28.41 15.84 9.50
C GLY D 50 -28.45 14.54 8.67
N ASN D 51 -27.63 14.40 7.62
CA ASN D 51 -27.80 13.39 6.54
C ASN D 51 -26.52 12.53 6.44
N LYS D 52 -26.29 11.65 7.40
CA LYS D 52 -25.35 10.48 7.28
C LYS D 52 -25.47 9.84 5.89
N ARG D 53 -24.39 9.55 5.20
CA ARG D 53 -24.43 8.65 4.02
C ARG D 53 -24.44 7.18 4.50
N GLN D 54 -24.32 6.21 3.60
CA GLN D 54 -24.16 4.79 3.98
C GLN D 54 -22.96 4.69 4.95
N TYR D 55 -21.84 5.37 4.74
CA TYR D 55 -20.67 5.28 5.65
C TYR D 55 -20.45 6.60 6.36
N ASP D 56 -19.92 6.54 7.55
CA ASP D 56 -19.57 7.76 8.33
C ASP D 56 -18.14 7.66 8.89
N TYR D 57 -17.73 6.49 9.34
CA TYR D 57 -16.46 6.36 10.08
C TYR D 57 -15.96 4.92 9.99
N THR D 58 -14.69 4.75 9.64
CA THR D 58 -14.11 3.45 9.21
C THR D 58 -14.14 2.43 10.35
N ARG D 59 -13.89 2.84 11.59
CA ARG D 59 -14.00 1.95 12.76
C ARG D 59 -15.37 1.26 12.75
N SER D 60 -16.43 1.96 12.38
CA SER D 60 -17.83 1.42 12.39
C SER D 60 -18.12 0.62 11.13
N GLY D 61 -17.61 1.09 10.00
CA GLY D 61 -18.05 0.62 8.67
C GLY D 61 -17.15 1.20 7.61
N ASN D 62 -16.73 0.35 6.68
CA ASN D 62 -15.83 0.78 5.59
C ASN D 62 -16.18 -0.03 4.37
N PRO D 63 -16.30 0.57 3.17
CA PRO D 63 -16.73 -0.14 2.00
C PRO D 63 -15.78 -1.26 1.58
N THR D 64 -14.47 -1.01 1.63
CA THR D 64 -13.43 -2.00 1.25
C THR D 64 -13.48 -3.18 2.23
N ARG D 65 -13.53 -2.88 3.52
CA ARG D 65 -13.69 -3.95 4.53
C ARG D 65 -15.03 -4.70 4.29
N ASP D 66 -16.11 -4.01 3.97
CA ASP D 66 -17.42 -4.68 3.81
C ASP D 66 -17.41 -5.52 2.54
N LEU D 67 -16.63 -5.24 1.48
CA LEU D 67 -16.62 -6.21 0.34
C LEU D 67 -16.15 -7.60 0.83
N LEU D 68 -15.13 -7.64 1.67
CA LEU D 68 -14.54 -8.86 2.25
C LEU D 68 -15.56 -9.50 3.20
N GLY D 69 -16.27 -8.70 4.02
CA GLY D 69 -17.35 -9.26 4.85
C GLY D 69 -18.45 -9.90 4.02
N GLU D 70 -18.84 -9.25 2.95
CA GLU D 70 -19.96 -9.65 2.08
C GLU D 70 -19.48 -10.93 1.42
N ALA D 71 -18.21 -11.05 1.01
CA ALA D 71 -17.78 -12.20 0.21
C ALA D 71 -17.72 -13.46 1.12
N LEU D 72 -17.18 -13.31 2.32
CA LEU D 72 -17.05 -14.39 3.33
C LEU D 72 -18.47 -14.81 3.80
N ALA D 73 -19.40 -13.88 3.94
CA ALA D 73 -20.81 -14.21 4.23
C ALA D 73 -21.43 -15.04 3.10
N GLU D 74 -21.22 -14.67 1.84
CA GLU D 74 -21.77 -15.36 0.66
C GLU D 74 -21.17 -16.76 0.65
N LEU D 75 -19.89 -16.89 0.83
CA LEU D 75 -19.20 -18.18 0.81
C LEU D 75 -19.68 -19.05 1.99
N GLU D 76 -19.96 -18.51 3.16
CA GLU D 76 -20.28 -19.35 4.33
C GLU D 76 -21.82 -19.55 4.40
N GLY D 77 -22.63 -18.87 3.62
CA GLY D 77 -24.10 -18.89 3.77
C GLY D 77 -24.60 -18.12 5.00
N GLY D 78 -24.10 -16.94 5.33
CA GLY D 78 -24.57 -16.24 6.53
C GLY D 78 -25.18 -14.92 6.15
N ALA D 79 -25.70 -14.21 7.13
CA ALA D 79 -26.42 -12.95 6.89
C ALA D 79 -25.45 -11.78 6.65
N GLY D 80 -24.24 -11.81 7.23
CA GLY D 80 -23.20 -10.80 7.04
C GLY D 80 -21.90 -11.23 7.67
N GLY D 81 -20.85 -10.47 7.42
CA GLY D 81 -19.54 -10.75 8.01
C GLY D 81 -18.95 -9.51 8.67
N VAL D 82 -18.20 -9.70 9.76
CA VAL D 82 -17.43 -8.64 10.43
C VAL D 82 -15.97 -9.05 10.32
N ILE D 83 -15.16 -8.15 9.83
CA ILE D 83 -13.71 -8.30 9.64
C ILE D 83 -12.94 -7.61 10.76
N THR D 84 -12.07 -8.34 11.43
CA THR D 84 -11.31 -7.87 12.60
C THR D 84 -9.82 -7.79 12.27
N SER D 85 -9.07 -7.15 13.14
CA SER D 85 -7.63 -6.86 12.93
C SER D 85 -6.89 -8.16 13.05
N THR D 86 -7.38 -9.11 13.82
CA THR D 86 -6.76 -10.46 13.93
C THR D 86 -7.81 -11.58 14.09
N GLY D 87 -7.34 -12.80 13.87
CA GLY D 87 -8.07 -14.03 14.18
C GLY D 87 -8.44 -14.07 15.65
N MET D 88 -7.47 -13.81 16.54
CA MET D 88 -7.78 -13.85 17.98
C MET D 88 -8.81 -12.78 18.23
N GLY D 89 -8.76 -11.67 17.47
CA GLY D 89 -9.73 -10.59 17.63
C GLY D 89 -11.11 -11.01 17.22
N ALA D 90 -11.28 -11.93 16.27
CA ALA D 90 -12.62 -12.45 15.96
C ALA D 90 -13.15 -13.29 17.12
N ILE D 91 -12.28 -14.08 17.71
CA ILE D 91 -12.70 -14.92 18.85
C ILE D 91 -13.07 -13.96 20.00
N ASN D 92 -12.27 -12.92 20.18
CA ASN D 92 -12.53 -11.97 21.26
C ASN D 92 -13.88 -11.30 20.99
N LEU D 93 -14.12 -10.86 19.79
CA LEU D 93 -15.42 -10.27 19.46
C LEU D 93 -16.58 -11.20 19.92
N VAL D 94 -16.58 -12.46 19.52
CA VAL D 94 -17.69 -13.39 19.79
C VAL D 94 -17.84 -13.48 21.32
N LEU D 95 -16.78 -13.66 22.08
CA LEU D 95 -16.85 -13.79 23.56
C LEU D 95 -17.48 -12.53 24.17
N ASN D 96 -17.12 -11.36 23.68
CA ASN D 96 -17.73 -10.11 24.21
C ASN D 96 -19.18 -9.96 23.76
N ALA D 97 -19.57 -10.33 22.57
CA ALA D 97 -20.94 -10.05 22.09
C ALA D 97 -21.95 -11.02 22.71
N VAL D 98 -21.51 -12.18 23.14
CA VAL D 98 -22.44 -13.30 23.47
C VAL D 98 -22.41 -13.60 24.97
N LEU D 99 -21.27 -13.58 25.64
CA LEU D 99 -21.13 -14.02 27.04
C LEU D 99 -21.09 -12.81 27.98
N GLN D 100 -21.53 -12.99 29.22
CA GLN D 100 -21.32 -12.08 30.38
C GLN D 100 -21.07 -12.95 31.61
N PRO D 101 -20.63 -12.37 32.75
CA PRO D 101 -20.34 -13.16 33.95
C PRO D 101 -21.57 -13.95 34.42
N GLY D 102 -21.32 -15.21 34.82
CA GLY D 102 -22.38 -16.19 35.15
C GLY D 102 -22.69 -17.11 33.99
N ASP D 103 -22.26 -16.76 32.77
CA ASP D 103 -22.46 -17.60 31.55
C ASP D 103 -21.34 -18.66 31.54
N THR D 104 -21.64 -19.88 31.04
CA THR D 104 -20.53 -20.85 30.87
C THR D 104 -20.30 -21.09 29.37
N LEU D 105 -19.03 -21.12 29.04
CA LEU D 105 -18.50 -21.45 27.72
C LEU D 105 -17.82 -22.82 27.77
N VAL D 106 -18.20 -23.68 26.80
CA VAL D 106 -17.54 -24.98 26.53
C VAL D 106 -16.57 -24.83 25.35
N VAL D 107 -15.32 -25.20 25.55
CA VAL D 107 -14.27 -25.16 24.50
C VAL D 107 -13.64 -26.55 24.36
N PRO D 108 -13.06 -26.85 23.18
CA PRO D 108 -12.32 -28.08 22.98
C PRO D 108 -10.99 -28.11 23.73
N HIS D 109 -10.57 -29.29 24.16
CA HIS D 109 -9.34 -29.52 24.95
C HIS D 109 -8.16 -29.23 24.02
N ASP D 110 -8.33 -29.40 22.72
CA ASP D 110 -7.21 -29.38 21.76
C ASP D 110 -7.35 -28.22 20.76
N ALA D 111 -8.11 -27.17 21.11
CA ALA D 111 -8.10 -25.86 20.42
C ALA D 111 -6.66 -25.26 20.33
N TYR D 112 -6.44 -24.43 19.30
CA TYR D 112 -5.22 -23.61 19.10
C TYR D 112 -4.78 -23.01 20.45
N GLY D 113 -3.50 -23.14 20.75
CA GLY D 113 -2.89 -22.65 22.00
C GLY D 113 -3.20 -21.19 22.31
N GLY D 114 -3.38 -20.36 21.29
CA GLY D 114 -3.75 -18.96 21.53
C GLY D 114 -5.18 -18.82 22.00
N SER D 115 -6.06 -19.71 21.54
CA SER D 115 -7.45 -19.72 22.02
C SER D 115 -7.50 -20.16 23.50
N TRP D 116 -6.81 -21.25 23.84
CA TRP D 116 -6.65 -21.71 25.22
C TRP D 116 -6.18 -20.51 26.04
N ARG D 117 -5.14 -19.80 25.61
CA ARG D 117 -4.55 -18.68 26.39
C ARG D 117 -5.64 -17.63 26.64
N LEU D 118 -6.40 -17.31 25.63
CA LEU D 118 -7.44 -16.27 25.83
C LEU D 118 -8.55 -16.81 26.76
N PHE D 119 -9.06 -18.02 26.52
CA PHE D 119 -10.13 -18.65 27.34
C PHE D 119 -9.66 -18.69 28.80
N ASN D 120 -8.40 -19.09 29.09
CA ASN D 120 -7.96 -19.30 30.51
C ASN D 120 -7.75 -17.94 31.19
N ALA D 121 -7.29 -16.93 30.47
CA ALA D 121 -7.07 -15.56 30.95
C ALA D 121 -8.40 -14.91 31.33
N LEU D 122 -9.42 -15.04 30.48
CA LEU D 122 -10.66 -14.27 30.73
C LEU D 122 -11.50 -14.99 31.80
N ALA D 123 -11.40 -16.33 31.85
CA ALA D 123 -12.09 -17.15 32.86
C ALA D 123 -11.51 -16.86 34.25
N LYS D 124 -10.17 -16.72 34.37
CA LYS D 124 -9.49 -16.40 35.65
C LYS D 124 -9.94 -15.02 36.13
N LYS D 125 -10.29 -14.09 35.25
CA LYS D 125 -10.81 -12.78 35.68
C LYS D 125 -12.27 -12.88 36.11
N GLY D 126 -12.99 -13.92 35.72
CA GLY D 126 -14.43 -14.02 36.03
C GLY D 126 -15.34 -13.53 34.90
N HIS D 127 -14.87 -13.45 33.65
CA HIS D 127 -15.71 -12.92 32.53
C HIS D 127 -16.77 -13.96 32.14
N PHE D 128 -16.50 -15.24 32.38
CA PHE D 128 -17.42 -16.39 32.24
C PHE D 128 -16.80 -17.58 32.99
N ALA D 129 -17.55 -18.69 33.11
CA ALA D 129 -16.99 -19.98 33.58
C ALA D 129 -16.63 -20.83 32.35
N LEU D 130 -15.56 -21.60 32.48
CA LEU D 130 -14.90 -22.35 31.37
C LEU D 130 -15.05 -23.83 31.66
N ILE D 131 -15.61 -24.59 30.74
CA ILE D 131 -15.53 -26.08 30.74
C ILE D 131 -14.72 -26.48 29.50
N THR D 132 -13.54 -27.04 29.66
CA THR D 132 -12.80 -27.62 28.52
C THR D 132 -13.16 -29.11 28.47
N ALA D 133 -13.69 -29.58 27.32
CA ALA D 133 -14.20 -30.94 27.03
C ALA D 133 -13.56 -31.55 25.77
N ASP D 134 -13.67 -32.87 25.60
CA ASP D 134 -13.35 -33.59 24.36
C ASP D 134 -14.65 -33.69 23.56
N LEU D 135 -14.84 -32.85 22.55
CA LEU D 135 -16.08 -32.88 21.73
C LEU D 135 -16.05 -34.07 20.76
N THR D 136 -15.02 -34.92 20.75
CA THR D 136 -15.01 -36.10 19.84
C THR D 136 -15.60 -37.30 20.56
N ASP D 137 -16.22 -37.01 21.67
CA ASP D 137 -16.33 -37.99 22.75
C ASP D 137 -17.64 -37.81 23.49
N PRO D 138 -18.67 -38.62 23.14
CA PRO D 138 -20.06 -38.27 23.50
C PRO D 138 -20.32 -38.04 24.98
N ARG D 139 -19.65 -38.81 25.83
CA ARG D 139 -19.71 -38.74 27.32
C ARG D 139 -19.26 -37.33 27.77
N SER D 140 -18.06 -36.94 27.34
CA SER D 140 -17.40 -35.65 27.67
C SER D 140 -18.30 -34.51 27.20
N LEU D 141 -18.88 -34.64 26.02
CA LEU D 141 -19.79 -33.58 25.53
C LEU D 141 -21.02 -33.51 26.40
N ALA D 142 -21.66 -34.63 26.74
CA ALA D 142 -22.95 -34.64 27.50
C ALA D 142 -22.73 -34.14 28.94
N ASP D 143 -21.59 -34.42 29.58
CA ASP D 143 -21.28 -33.85 30.93
C ASP D 143 -21.19 -32.31 30.83
N ALA D 144 -20.57 -31.75 29.79
CA ALA D 144 -20.48 -30.30 29.57
C ALA D 144 -21.85 -29.69 29.25
N LEU D 145 -22.65 -30.30 28.37
CA LEU D 145 -23.98 -29.76 27.99
C LEU D 145 -24.98 -29.86 29.14
N ALA D 146 -24.76 -30.74 30.12
CA ALA D 146 -25.57 -30.84 31.37
C ALA D 146 -25.41 -29.58 32.25
N GLN D 147 -24.46 -28.70 31.98
CA GLN D 147 -24.24 -27.45 32.75
C GLN D 147 -24.85 -26.21 32.08
N SER D 148 -25.68 -26.37 31.03
CA SER D 148 -26.48 -25.28 30.41
C SER D 148 -25.58 -24.14 29.95
N PRO D 149 -24.62 -24.43 29.03
CA PRO D 149 -23.69 -23.42 28.57
C PRO D 149 -24.41 -22.42 27.67
N LYS D 150 -23.96 -21.18 27.68
CA LYS D 150 -24.47 -20.14 26.77
C LYS D 150 -23.87 -20.42 25.39
N LEU D 151 -22.63 -20.92 25.35
CA LEU D 151 -21.88 -21.00 24.10
C LEU D 151 -21.00 -22.23 24.10
N VAL D 152 -20.96 -22.86 22.94
CA VAL D 152 -20.02 -23.97 22.62
C VAL D 152 -19.19 -23.55 21.41
N LEU D 153 -17.89 -23.69 21.53
CA LEU D 153 -16.92 -23.54 20.45
C LEU D 153 -16.38 -24.91 20.04
N ILE D 154 -16.38 -25.09 18.74
CA ILE D 154 -15.83 -26.23 17.99
C ILE D 154 -14.69 -25.73 17.10
N GLU D 155 -13.58 -26.43 17.09
CA GLU D 155 -12.51 -26.19 16.14
C GLU D 155 -12.21 -27.51 15.44
N THR D 156 -12.65 -27.62 14.18
CA THR D 156 -12.54 -28.87 13.41
C THR D 156 -12.13 -28.49 12.00
N PRO D 157 -11.11 -29.15 11.43
CA PRO D 157 -10.25 -30.09 12.13
C PRO D 157 -9.37 -29.29 13.08
N SER D 158 -8.88 -29.93 14.12
CA SER D 158 -8.21 -29.28 15.28
C SER D 158 -6.71 -29.09 14.96
N ASN D 159 -6.12 -28.08 15.58
CA ASN D 159 -4.72 -27.63 15.37
C ASN D 159 -4.01 -28.06 16.62
N PRO D 160 -2.99 -28.96 16.62
CA PRO D 160 -2.38 -29.51 15.41
C PRO D 160 -2.53 -31.03 15.17
N LEU D 161 -3.51 -31.66 15.77
CA LEU D 161 -3.65 -33.12 15.61
C LEU D 161 -4.76 -33.54 14.63
N LEU D 162 -5.44 -32.59 14.00
CA LEU D 162 -6.48 -32.83 12.95
C LEU D 162 -7.57 -33.79 13.50
N ARG D 163 -7.96 -33.63 14.75
CA ARG D 163 -9.13 -34.36 15.28
C ARG D 163 -10.37 -33.75 14.62
N ILE D 164 -11.34 -34.57 14.25
CA ILE D 164 -12.56 -34.20 13.49
C ILE D 164 -13.72 -34.24 14.47
N THR D 165 -14.50 -33.20 14.56
CA THR D 165 -15.67 -33.22 15.42
C THR D 165 -16.87 -33.12 14.52
N ASP D 166 -17.86 -33.91 14.91
CA ASP D 166 -19.11 -34.19 14.19
C ASP D 166 -20.00 -32.96 14.32
N LEU D 167 -19.99 -32.10 13.31
CA LEU D 167 -20.73 -30.84 13.42
C LEU D 167 -22.22 -31.16 13.66
N ARG D 168 -22.84 -32.11 12.96
CA ARG D 168 -24.32 -32.29 13.11
C ARG D 168 -24.62 -32.76 14.54
N PHE D 169 -23.82 -33.68 15.03
CA PHE D 169 -23.94 -34.25 16.38
C PHE D 169 -23.81 -33.14 17.44
N VAL D 170 -22.66 -32.46 17.48
CA VAL D 170 -22.41 -31.47 18.55
C VAL D 170 -23.38 -30.30 18.43
N ILE D 171 -23.68 -29.85 17.23
CA ILE D 171 -24.54 -28.65 17.11
C ILE D 171 -25.96 -29.02 17.51
N GLU D 172 -26.46 -30.17 17.14
CA GLU D 172 -27.85 -30.49 17.57
C GLU D 172 -27.87 -30.83 19.06
N ALA D 173 -26.83 -31.40 19.65
CA ALA D 173 -26.80 -31.66 21.09
C ALA D 173 -26.86 -30.32 21.82
N ALA D 174 -26.18 -29.29 21.32
CA ALA D 174 -26.10 -27.99 22.01
C ALA D 174 -27.40 -27.20 21.81
N LYS D 175 -28.07 -27.30 20.66
CA LYS D 175 -29.40 -26.69 20.44
C LYS D 175 -30.41 -27.27 21.46
N LYS D 176 -30.34 -28.55 21.81
CA LYS D 176 -31.37 -29.17 22.71
C LYS D 176 -31.27 -28.49 24.08
N VAL D 177 -30.10 -28.03 24.52
CA VAL D 177 -29.94 -27.37 25.84
C VAL D 177 -29.86 -25.85 25.70
N GLY D 178 -30.11 -25.26 24.52
CA GLY D 178 -30.29 -23.81 24.36
C GLY D 178 -28.98 -23.05 24.21
N ALA D 179 -27.86 -23.72 23.98
CA ALA D 179 -26.54 -23.13 23.68
C ALA D 179 -26.42 -22.70 22.20
N LEU D 180 -25.82 -21.53 22.01
CA LEU D 180 -25.27 -21.08 20.73
C LEU D 180 -24.00 -21.88 20.43
N THR D 181 -23.68 -21.97 19.16
CA THR D 181 -22.51 -22.68 18.63
C THR D 181 -21.70 -21.72 17.78
N VAL D 182 -20.40 -21.79 17.93
CA VAL D 182 -19.47 -21.08 17.03
C VAL D 182 -18.41 -22.09 16.60
N VAL D 183 -18.09 -22.10 15.32
CA VAL D 183 -17.04 -23.01 14.75
C VAL D 183 -15.88 -22.19 14.19
N ASP D 184 -14.67 -22.47 14.65
CA ASP D 184 -13.41 -21.98 14.08
C ASP D 184 -13.11 -22.82 12.84
N ASN D 185 -13.27 -22.25 11.67
CA ASN D 185 -13.21 -22.94 10.38
C ASN D 185 -11.96 -22.53 9.61
N THR D 186 -10.91 -22.13 10.34
CA THR D 186 -9.64 -21.62 9.83
C THR D 186 -8.97 -22.67 8.95
N PHE D 187 -8.82 -23.87 9.49
CA PHE D 187 -8.00 -24.96 8.91
C PHE D 187 -8.50 -25.45 7.54
N LEU D 188 -9.78 -25.28 7.21
CA LEU D 188 -10.28 -25.71 5.89
C LEU D 188 -10.72 -24.56 4.98
N SER D 189 -11.08 -23.40 5.53
CA SER D 189 -11.67 -22.25 4.78
C SER D 189 -13.11 -22.56 4.39
N PRO D 190 -13.89 -21.54 4.01
CA PRO D 190 -15.24 -21.77 3.50
C PRO D 190 -15.29 -22.59 2.20
N ALA D 191 -14.19 -22.74 1.49
CA ALA D 191 -14.24 -23.50 0.23
C ALA D 191 -14.43 -24.98 0.55
N LEU D 192 -14.08 -25.43 1.75
CA LEU D 192 -13.96 -26.88 2.05
C LEU D 192 -14.86 -27.28 3.22
N GLN D 193 -15.44 -26.34 3.97
CA GLN D 193 -16.38 -26.71 5.08
C GLN D 193 -17.29 -25.52 5.32
N LYS D 194 -18.59 -25.76 5.43
CA LYS D 194 -19.59 -24.70 5.71
C LYS D 194 -20.35 -25.05 7.00
N PRO D 195 -19.75 -24.76 8.18
CA PRO D 195 -20.42 -25.05 9.43
C PRO D 195 -21.86 -24.51 9.53
N LEU D 196 -22.20 -23.42 8.87
CA LEU D 196 -23.57 -22.84 8.99
C LEU D 196 -24.56 -23.78 8.33
N ASP D 197 -24.15 -24.57 7.36
CA ASP D 197 -25.02 -25.59 6.73
C ASP D 197 -25.47 -26.60 7.80
N PHE D 198 -24.73 -26.77 8.88
CA PHE D 198 -24.99 -27.79 9.90
C PHE D 198 -25.78 -27.17 11.05
N GLY D 199 -26.22 -25.92 10.90
CA GLY D 199 -26.92 -25.21 11.99
C GLY D 199 -26.05 -24.37 12.98
N ALA D 200 -24.76 -24.14 12.78
CA ALA D 200 -23.96 -23.28 13.70
C ALA D 200 -24.51 -21.86 13.70
N ASP D 201 -24.50 -21.16 14.80
CA ASP D 201 -24.96 -19.75 14.81
C ASP D 201 -23.93 -18.84 14.16
N LEU D 202 -22.65 -19.24 14.26
CA LEU D 202 -21.49 -18.39 13.94
C LEU D 202 -20.36 -19.26 13.42
N VAL D 203 -19.66 -18.68 12.45
CA VAL D 203 -18.43 -19.31 11.95
C VAL D 203 -17.36 -18.23 11.97
N LEU D 204 -16.14 -18.58 12.38
CA LEU D 204 -15.10 -17.55 12.44
C LEU D 204 -13.82 -18.06 11.82
N HIS D 205 -12.97 -17.14 11.41
CA HIS D 205 -11.73 -17.48 10.71
C HIS D 205 -10.60 -16.58 11.18
N SER D 206 -9.40 -17.10 11.20
CA SER D 206 -8.19 -16.30 10.94
C SER D 206 -8.01 -16.15 9.43
N THR D 207 -8.18 -14.97 8.85
CA THR D 207 -8.03 -14.72 7.41
C THR D 207 -6.53 -14.76 7.11
N THR D 208 -5.72 -14.71 8.16
CA THR D 208 -4.25 -14.78 8.08
C THR D 208 -3.83 -16.02 7.28
N LYS D 209 -4.65 -17.06 7.31
CA LYS D 209 -4.24 -18.39 6.81
C LYS D 209 -4.69 -18.52 5.34
N TYR D 210 -5.56 -19.48 5.01
CA TYR D 210 -5.90 -19.77 3.59
C TYR D 210 -6.69 -18.65 2.92
N ILE D 211 -7.51 -17.91 3.62
CA ILE D 211 -8.32 -16.88 2.93
C ILE D 211 -7.39 -15.82 2.35
N ASN D 212 -6.42 -15.30 3.09
CA ASN D 212 -5.45 -14.37 2.48
C ASN D 212 -4.45 -15.18 1.63
N GLY D 213 -3.85 -16.18 2.20
CA GLY D 213 -3.05 -17.13 1.43
C GLY D 213 -1.64 -16.66 1.16
N HIS D 214 -1.25 -15.42 1.49
CA HIS D 214 0.07 -14.93 1.03
C HIS D 214 0.94 -14.52 2.20
N SER D 215 0.57 -14.88 3.42
CA SER D 215 1.38 -14.66 4.65
C SER D 215 1.79 -13.18 4.81
N ASP D 216 0.92 -12.25 4.47
CA ASP D 216 1.29 -10.81 4.50
C ASP D 216 0.12 -9.95 5.01
N VAL D 217 -0.83 -10.55 5.69
CA VAL D 217 -1.94 -9.87 6.42
C VAL D 217 -2.24 -10.66 7.69
N VAL D 218 -2.42 -10.04 8.85
CA VAL D 218 -3.14 -10.72 9.95
C VAL D 218 -4.54 -10.15 9.99
N GLY D 219 -5.52 -11.03 10.14
CA GLY D 219 -6.96 -10.68 10.06
C GLY D 219 -7.86 -11.76 10.63
N GLY D 220 -9.12 -11.43 10.92
CA GLY D 220 -10.14 -12.39 11.33
C GLY D 220 -11.45 -12.02 10.72
N ALA D 221 -12.40 -12.94 10.70
CA ALA D 221 -13.76 -12.64 10.22
C ALA D 221 -14.70 -13.45 11.09
N VAL D 222 -15.89 -12.97 11.26
CA VAL D 222 -16.94 -13.71 11.95
C VAL D 222 -18.15 -13.56 11.05
N VAL D 223 -18.77 -14.67 10.71
CA VAL D 223 -20.06 -14.67 9.98
C VAL D 223 -21.14 -15.28 10.87
N ALA D 224 -22.24 -14.58 11.01
CA ALA D 224 -23.41 -15.06 11.75
C ALA D 224 -24.44 -15.58 10.75
N ARG D 225 -25.16 -16.65 11.12
CA ARG D 225 -26.28 -17.12 10.27
C ARG D 225 -27.34 -16.02 10.32
N ASP D 226 -27.66 -15.45 11.45
CA ASP D 226 -28.92 -14.71 11.65
C ASP D 226 -28.59 -13.20 11.58
N ALA D 227 -29.42 -12.43 10.91
CA ALA D 227 -29.22 -10.97 10.75
C ALA D 227 -29.12 -10.23 12.10
N GLU D 228 -29.89 -10.57 13.14
CA GLU D 228 -29.85 -9.88 14.44
C GLU D 228 -28.49 -10.14 15.12
N LEU D 229 -27.94 -11.35 15.06
CA LEU D 229 -26.65 -11.59 15.71
C LEU D 229 -25.51 -10.87 14.96
N HIS D 230 -25.61 -10.79 13.64
CA HIS D 230 -24.67 -10.02 12.79
C HIS D 230 -24.67 -8.57 13.29
N GLN D 231 -25.83 -7.96 13.49
CA GLN D 231 -25.88 -6.57 14.00
C GLN D 231 -25.31 -6.47 15.41
N GLN D 232 -25.52 -7.42 16.31
CA GLN D 232 -24.82 -7.36 17.60
C GLN D 232 -23.30 -7.40 17.37
N LEU D 233 -22.80 -8.15 16.41
CA LEU D 233 -21.36 -8.27 16.23
C LEU D 233 -20.82 -6.95 15.69
N VAL D 234 -21.53 -6.32 14.74
CA VAL D 234 -21.15 -5.00 14.17
C VAL D 234 -21.04 -3.98 15.33
N TRP D 235 -22.04 -3.94 16.17
CA TRP D 235 -22.11 -2.99 17.31
C TRP D 235 -20.90 -3.23 18.22
N TRP D 236 -20.63 -4.45 18.60
CA TRP D 236 -19.54 -4.73 19.55
C TRP D 236 -18.15 -4.49 18.93
N ALA D 237 -17.97 -4.84 17.66
CA ALA D 237 -16.73 -4.57 16.93
C ALA D 237 -16.40 -3.05 16.95
N ASN D 238 -17.38 -2.22 16.63
CA ASN D 238 -17.30 -0.74 16.62
C ASN D 238 -16.94 -0.25 17.99
N ALA D 239 -17.64 -0.75 19.01
CA ALA D 239 -17.54 -0.26 20.42
C ALA D 239 -16.18 -0.60 21.01
N LEU D 240 -15.70 -1.83 20.80
CA LEU D 240 -14.40 -2.35 21.31
C LEU D 240 -13.23 -1.94 20.41
N GLY D 241 -13.50 -1.45 19.20
CA GLY D 241 -12.46 -1.08 18.22
C GLY D 241 -11.64 -2.26 17.73
N LEU D 242 -12.27 -3.39 17.45
CA LEU D 242 -11.64 -4.66 17.03
C LEU D 242 -11.55 -4.74 15.50
N THR D 243 -12.20 -3.84 14.79
CA THR D 243 -12.25 -3.85 13.32
C THR D 243 -10.88 -3.64 12.68
N GLY D 244 -10.71 -4.19 11.46
CA GLY D 244 -9.44 -4.21 10.70
C GLY D 244 -9.25 -3.06 9.73
N SER D 245 -8.04 -2.96 9.21
CA SER D 245 -7.64 -1.90 8.29
C SER D 245 -8.13 -2.24 6.89
N PRO D 246 -8.68 -1.23 6.21
CA PRO D 246 -9.09 -1.35 4.82
C PRO D 246 -7.96 -1.83 3.89
N PHE D 247 -6.71 -1.50 4.15
CA PHE D 247 -5.64 -1.95 3.25
C PHE D 247 -5.48 -3.46 3.40
N ASP D 248 -5.49 -3.94 4.62
CA ASP D 248 -5.48 -5.39 4.91
C ASP D 248 -6.67 -6.09 4.25
N ALA D 249 -7.84 -5.45 4.17
CA ALA D 249 -9.04 -6.08 3.60
C ALA D 249 -8.87 -6.18 2.08
N PHE D 250 -8.26 -5.19 1.48
CA PHE D 250 -7.89 -5.15 0.08
C PHE D 250 -6.97 -6.33 -0.22
N LEU D 251 -5.89 -6.54 0.52
CA LEU D 251 -4.98 -7.66 0.21
C LEU D 251 -5.64 -9.02 0.45
N THR D 252 -6.43 -9.15 1.49
CA THR D 252 -7.19 -10.35 1.79
C THR D 252 -8.19 -10.63 0.64
N LEU D 253 -8.94 -9.65 0.17
CA LEU D 253 -9.89 -9.88 -0.94
C LEU D 253 -9.11 -10.34 -2.19
N ARG D 254 -7.89 -9.86 -2.36
CA ARG D 254 -7.05 -10.16 -3.53
C ARG D 254 -6.66 -11.64 -3.42
N GLY D 255 -6.28 -12.04 -2.22
CA GLY D 255 -5.90 -13.42 -1.87
C GLY D 255 -7.05 -14.37 -2.12
N LEU D 256 -8.23 -14.01 -1.64
CA LEU D 256 -9.47 -14.82 -1.72
C LEU D 256 -9.70 -15.18 -3.19
N ARG D 257 -9.33 -14.34 -4.14
CA ARG D 257 -9.70 -14.58 -5.56
C ARG D 257 -9.00 -15.85 -6.09
N THR D 258 -7.86 -16.26 -5.53
CA THR D 258 -7.17 -17.49 -5.91
C THR D 258 -7.41 -18.62 -4.88
N LEU D 259 -8.36 -18.50 -3.96
CA LEU D 259 -8.56 -19.57 -2.95
C LEU D 259 -8.89 -20.89 -3.63
N ASP D 260 -9.79 -20.89 -4.61
CA ASP D 260 -10.15 -22.16 -5.27
C ASP D 260 -8.90 -22.72 -5.98
N ALA D 261 -8.23 -21.90 -6.74
CA ALA D 261 -7.08 -22.39 -7.50
C ALA D 261 -5.96 -22.85 -6.59
N ARG D 262 -5.78 -22.16 -5.49
CA ARG D 262 -4.67 -22.55 -4.58
C ARG D 262 -4.99 -23.92 -3.96
N LEU D 263 -6.19 -24.12 -3.43
CA LEU D 263 -6.59 -25.34 -2.66
C LEU D 263 -6.49 -26.57 -3.58
N ARG D 264 -6.76 -26.41 -4.88
CA ARG D 264 -6.56 -27.54 -5.83
C ARG D 264 -5.15 -28.07 -5.73
N VAL D 265 -4.19 -27.19 -5.68
CA VAL D 265 -2.78 -27.62 -5.63
C VAL D 265 -2.41 -28.03 -4.20
N HIS D 266 -2.84 -27.28 -3.19
CA HIS D 266 -2.52 -27.61 -1.78
C HIS D 266 -2.92 -29.07 -1.59
N GLN D 267 -4.12 -29.44 -2.03
CA GLN D 267 -4.70 -30.77 -1.71
C GLN D 267 -4.00 -31.86 -2.53
N GLU D 268 -3.63 -31.60 -3.80
CA GLU D 268 -2.86 -32.57 -4.63
C GLU D 268 -1.53 -32.80 -3.91
N ASN D 269 -0.81 -31.72 -3.53
CA ASN D 269 0.47 -31.84 -2.79
C ASN D 269 0.22 -32.59 -1.50
N ALA D 270 -0.83 -32.27 -0.77
CA ALA D 270 -0.98 -32.95 0.55
C ALA D 270 -1.28 -34.46 0.39
N ASP D 271 -2.15 -34.85 -0.53
CA ASP D 271 -2.39 -36.30 -0.81
C ASP D 271 -1.06 -36.98 -1.08
N ALA D 272 -0.16 -36.37 -1.80
CA ALA D 272 1.11 -37.04 -2.14
C ALA D 272 2.01 -37.14 -0.91
N ILE D 273 2.11 -36.09 -0.11
CA ILE D 273 2.99 -36.12 1.09
C ILE D 273 2.43 -37.08 2.12
N ALA D 274 1.08 -37.16 2.29
CA ALA D 274 0.44 -38.15 3.17
C ALA D 274 0.87 -39.54 2.75
N GLU D 275 0.85 -39.89 1.46
CA GLU D 275 1.28 -41.23 0.95
C GLU D 275 2.73 -41.56 1.34
N LEU D 276 3.63 -40.60 1.18
CA LEU D 276 5.04 -40.72 1.59
C LEU D 276 5.13 -41.02 3.09
N LEU D 277 4.49 -40.25 3.96
CA LEU D 277 4.72 -40.36 5.40
C LEU D 277 3.98 -41.57 5.99
N ASP D 278 2.78 -41.90 5.52
CA ASP D 278 2.05 -43.09 6.01
C ASP D 278 2.85 -44.36 5.68
N GLY D 279 3.21 -45.14 6.69
CA GLY D 279 3.91 -46.40 6.48
C GLY D 279 5.43 -46.29 6.25
N HIS D 280 6.01 -45.09 5.96
CA HIS D 280 7.49 -44.87 5.98
C HIS D 280 8.09 -45.36 7.31
N ALA D 281 9.26 -46.01 7.21
CA ALA D 281 9.95 -46.69 8.34
C ALA D 281 10.28 -45.68 9.44
N MET D 282 10.52 -44.42 9.09
CA MET D 282 11.04 -43.41 10.04
C MET D 282 9.91 -42.63 10.66
N VAL D 283 8.68 -42.91 10.26
CA VAL D 283 7.48 -42.20 10.78
C VAL D 283 6.65 -43.11 11.71
N ASN D 284 6.54 -42.77 12.97
CA ASN D 284 5.71 -43.49 13.98
C ASN D 284 4.22 -43.25 13.68
N GLN D 285 3.69 -42.02 13.75
CA GLN D 285 2.25 -41.72 13.40
C GLN D 285 2.16 -40.51 12.42
N VAL D 286 1.17 -40.53 11.54
CA VAL D 286 0.76 -39.37 10.70
C VAL D 286 -0.66 -39.00 11.08
N TYR D 287 -0.96 -37.73 11.27
CA TYR D 287 -2.34 -37.25 11.46
C TYR D 287 -2.73 -36.41 10.25
N PHE D 288 -3.60 -36.96 9.45
CA PHE D 288 -4.14 -36.32 8.24
C PHE D 288 -5.48 -36.94 7.93
N PRO D 289 -6.54 -36.14 7.89
CA PRO D 289 -7.89 -36.67 7.74
C PRO D 289 -8.08 -37.47 6.44
N GLY D 290 -7.23 -37.27 5.44
CA GLY D 290 -7.41 -37.98 4.16
C GLY D 290 -6.98 -39.42 4.20
N LEU D 291 -6.22 -39.81 5.20
CA LEU D 291 -5.79 -41.21 5.38
C LEU D 291 -7.02 -42.02 5.83
N ALA D 292 -7.30 -43.12 5.15
CA ALA D 292 -8.41 -44.06 5.50
C ALA D 292 -8.28 -44.53 6.96
N THR D 293 -7.06 -44.65 7.53
CA THR D 293 -6.88 -45.18 8.89
C THR D 293 -6.91 -44.08 9.94
N HIS D 294 -7.21 -42.83 9.57
CA HIS D 294 -7.25 -41.74 10.57
C HIS D 294 -8.62 -41.72 11.22
N PRO D 295 -8.70 -41.70 12.55
CA PRO D 295 -10.00 -41.68 13.24
C PRO D 295 -10.73 -40.40 12.80
N GLY D 296 -11.86 -40.52 12.16
CA GLY D 296 -12.58 -39.31 11.68
C GLY D 296 -12.58 -39.23 10.18
N HIS D 297 -11.88 -40.15 9.52
CA HIS D 297 -11.79 -40.14 8.04
C HIS D 297 -13.18 -40.08 7.42
N ALA D 298 -14.04 -41.03 7.79
CA ALA D 298 -15.38 -41.13 7.18
C ALA D 298 -16.16 -39.86 7.52
N LEU D 299 -16.00 -39.32 8.74
CA LEU D 299 -16.70 -38.06 9.14
C LEU D 299 -16.22 -36.91 8.23
N ALA D 300 -14.91 -36.71 8.13
CA ALA D 300 -14.29 -35.68 7.30
C ALA D 300 -14.84 -35.81 5.87
N ALA D 301 -14.95 -37.02 5.33
CA ALA D 301 -15.37 -37.26 3.93
C ALA D 301 -16.80 -36.79 3.71
N ARG D 302 -17.64 -36.87 4.73
CA ARG D 302 -19.07 -36.47 4.66
C ARG D 302 -19.19 -34.97 5.01
N GLN D 303 -18.48 -34.43 6.01
CA GLN D 303 -18.79 -33.03 6.41
C GLN D 303 -17.89 -32.00 5.68
N GLN D 304 -16.80 -32.43 5.03
CA GLN D 304 -15.83 -31.56 4.31
C GLN D 304 -15.94 -31.86 2.81
N LYS D 305 -15.55 -30.94 1.93
CA LYS D 305 -15.46 -31.13 0.47
C LYS D 305 -14.03 -31.45 0.09
N GLY D 306 -13.12 -31.51 1.05
CA GLY D 306 -11.71 -31.95 0.82
C GLY D 306 -11.01 -32.16 2.15
N PHE D 307 -9.93 -32.87 2.15
CA PHE D 307 -9.17 -33.20 3.38
C PHE D 307 -8.16 -32.09 3.69
N GLY D 308 -8.05 -31.06 2.85
CA GLY D 308 -7.19 -29.91 3.20
C GLY D 308 -5.73 -30.26 3.02
N ALA D 309 -4.87 -29.46 3.62
CA ALA D 309 -3.43 -29.55 3.41
C ALA D 309 -2.66 -29.34 4.71
N MET D 310 -3.32 -29.42 5.86
CA MET D 310 -2.60 -29.44 7.16
C MET D 310 -2.43 -30.89 7.56
N MET D 311 -1.26 -31.22 8.10
CA MET D 311 -1.01 -32.55 8.68
C MET D 311 0.09 -32.43 9.71
N SER D 312 0.12 -33.34 10.69
CA SER D 312 1.29 -33.45 11.57
C SER D 312 1.68 -34.93 11.66
N PHE D 313 2.88 -35.18 12.15
CA PHE D 313 3.48 -36.51 12.20
C PHE D 313 4.57 -36.53 13.28
N GLU D 314 4.82 -37.74 13.77
CA GLU D 314 5.78 -38.07 14.87
C GLU D 314 6.80 -38.96 14.19
N LEU D 315 8.05 -38.61 14.33
CA LEU D 315 9.23 -39.32 13.82
C LEU D 315 9.66 -40.35 14.86
N GLU D 316 10.24 -41.48 14.43
CA GLU D 316 11.16 -42.33 15.23
C GLU D 316 12.42 -41.54 15.63
N GLY D 317 12.95 -41.70 16.85
CA GLY D 317 14.38 -41.42 17.16
C GLY D 317 14.58 -40.22 18.04
N GLY D 318 13.53 -39.78 18.71
CA GLY D 318 13.57 -38.70 19.71
C GLY D 318 13.98 -37.35 19.16
N GLU D 319 14.39 -36.47 20.08
CA GLU D 319 14.80 -35.07 19.83
C GLU D 319 15.82 -35.03 18.66
N ALA D 320 16.77 -35.96 18.62
CA ALA D 320 17.95 -35.83 17.73
C ALA D 320 17.51 -35.94 16.25
N ALA D 321 16.55 -36.82 16.00
CA ALA D 321 15.90 -37.07 14.70
C ALA D 321 15.10 -35.82 14.27
N VAL D 322 14.32 -35.27 15.20
CA VAL D 322 13.59 -34.01 14.91
C VAL D 322 14.61 -32.97 14.47
N ARG D 323 15.69 -32.78 15.23
CA ARG D 323 16.67 -31.72 14.92
C ARG D 323 17.27 -32.06 13.54
N ALA D 324 17.54 -33.32 13.24
CA ALA D 324 18.27 -33.63 11.99
C ALA D 324 17.34 -33.41 10.77
N PHE D 325 16.09 -33.88 10.89
CA PHE D 325 15.00 -33.68 9.90
C PHE D 325 14.89 -32.17 9.60
N VAL D 326 14.69 -31.31 10.58
CA VAL D 326 14.25 -29.90 10.37
C VAL D 326 15.39 -29.10 9.75
N ASP D 327 16.62 -29.22 10.27
CA ASP D 327 17.82 -28.42 9.84
C ASP D 327 18.30 -29.11 8.57
N GLY D 328 18.02 -28.50 7.45
CA GLY D 328 18.30 -28.99 6.10
C GLY D 328 17.08 -28.86 5.18
N LEU D 329 15.88 -28.60 5.72
CA LEU D 329 14.71 -28.42 4.81
C LEU D 329 14.92 -27.16 3.96
N ARG D 330 14.85 -27.34 2.64
CA ARG D 330 15.12 -26.31 1.61
C ARG D 330 13.81 -25.62 1.28
N TYR D 331 12.70 -26.32 1.37
CA TYR D 331 11.39 -25.83 0.86
C TYR D 331 10.34 -25.79 1.95
N PHE D 332 10.60 -26.20 3.17
CA PHE D 332 9.67 -25.96 4.32
C PHE D 332 10.35 -24.95 5.26
N THR D 333 9.92 -23.70 5.30
CA THR D 333 10.44 -22.71 6.26
C THR D 333 9.96 -23.06 7.68
N LEU D 334 10.88 -23.07 8.66
CA LEU D 334 10.53 -23.30 10.07
C LEU D 334 9.99 -21.99 10.64
N ALA D 335 8.70 -21.94 10.88
CA ALA D 335 7.97 -20.70 11.17
C ALA D 335 6.55 -21.05 11.57
N GLU D 336 5.92 -20.11 12.25
CA GLU D 336 4.51 -20.19 12.70
C GLU D 336 3.61 -19.81 11.53
N SER D 337 2.31 -19.87 11.76
CA SER D 337 1.24 -19.64 10.78
C SER D 337 1.14 -20.85 9.84
N LEU D 338 0.24 -20.75 8.88
CA LEU D 338 -0.13 -21.84 7.95
C LEU D 338 -1.02 -21.22 6.89
N GLY D 339 -1.30 -21.97 5.84
CA GLY D 339 -2.33 -21.63 4.84
C GLY D 339 -1.71 -20.79 3.76
N GLY D 340 -0.40 -20.59 3.81
CA GLY D 340 0.26 -19.79 2.77
C GLY D 340 0.45 -20.57 1.47
N VAL D 341 0.72 -19.87 0.39
CA VAL D 341 1.25 -20.53 -0.84
C VAL D 341 2.60 -21.17 -0.52
N GLU D 342 3.37 -20.65 0.42
CA GLU D 342 4.72 -21.22 0.75
C GLU D 342 4.60 -22.30 1.82
N SER D 343 5.25 -23.42 1.61
CA SER D 343 5.24 -24.53 2.61
C SER D 343 5.98 -24.15 3.89
N LEU D 344 5.44 -24.60 5.02
CA LEU D 344 5.95 -24.30 6.38
C LEU D 344 6.02 -25.56 7.23
N ILE D 345 6.81 -25.49 8.25
CA ILE D 345 6.91 -26.53 9.29
C ILE D 345 7.00 -25.86 10.66
N ALA D 346 6.37 -26.47 11.61
CA ALA D 346 6.31 -25.96 13.00
C ALA D 346 6.46 -27.14 13.96
N HIS D 347 7.11 -26.85 15.08
CA HIS D 347 7.21 -27.67 16.32
C HIS D 347 6.29 -27.06 17.38
N PRO D 348 5.00 -27.51 17.44
CA PRO D 348 3.98 -26.83 18.24
C PRO D 348 4.27 -26.67 19.74
N ALA D 349 4.89 -27.69 20.33
CA ALA D 349 5.26 -27.68 21.78
C ALA D 349 6.03 -26.40 22.08
N SER D 350 7.03 -26.07 21.23
CA SER D 350 7.95 -24.93 21.44
C SER D 350 7.54 -23.68 20.65
N MET D 351 6.50 -23.70 19.78
CA MET D 351 6.17 -22.56 18.88
C MET D 351 4.66 -22.25 19.00
N THR D 352 3.80 -22.88 18.22
CA THR D 352 2.38 -22.47 18.11
C THR D 352 1.62 -22.69 19.42
N HIS D 353 2.04 -23.66 20.24
CA HIS D 353 1.26 -24.17 21.40
C HIS D 353 2.11 -23.99 22.66
N ALA D 354 3.15 -23.13 22.61
CA ALA D 354 4.03 -22.79 23.75
C ALA D 354 3.26 -21.94 24.76
N ALA D 355 2.16 -21.28 24.39
CA ALA D 355 1.31 -20.48 25.30
C ALA D 355 0.54 -21.42 26.24
N MET D 356 0.40 -22.70 25.92
CA MET D 356 -0.28 -23.71 26.79
C MET D 356 0.71 -24.14 27.89
N THR D 357 0.20 -24.58 29.03
CA THR D 357 1.00 -25.31 30.07
C THR D 357 1.35 -26.71 29.55
N ALA D 358 2.43 -27.32 30.03
CA ALA D 358 2.86 -28.70 29.66
C ALA D 358 1.68 -29.66 29.99
N GLU D 359 0.86 -29.30 30.99
CA GLU D 359 -0.30 -30.14 31.40
C GLU D 359 -1.43 -30.10 30.32
N ALA D 360 -1.78 -28.92 29.80
CA ALA D 360 -2.91 -28.77 28.85
C ALA D 360 -2.51 -29.40 27.48
N ARG D 361 -1.23 -29.29 27.14
CA ARG D 361 -0.64 -30.01 26.00
C ARG D 361 -0.80 -31.55 26.21
N ALA D 362 -0.29 -32.10 27.32
CA ALA D 362 -0.42 -33.54 27.68
C ALA D 362 -1.89 -33.97 27.47
N ALA D 363 -2.85 -33.19 27.96
CA ALA D 363 -4.31 -33.44 27.83
C ALA D 363 -4.77 -33.33 26.38
N ALA D 364 -4.20 -32.43 25.57
CA ALA D 364 -4.51 -32.32 24.11
C ALA D 364 -3.86 -33.51 23.36
N GLY D 365 -2.83 -34.18 23.90
CA GLY D 365 -2.12 -35.27 23.20
C GLY D 365 -1.12 -34.72 22.20
N ILE D 366 -0.62 -33.49 22.42
CA ILE D 366 0.45 -32.80 21.65
C ILE D 366 1.75 -33.19 22.31
N SER D 367 2.51 -34.05 21.68
CA SER D 367 3.77 -34.55 22.27
C SER D 367 4.88 -33.55 21.93
N ASP D 368 5.98 -33.64 22.67
CA ASP D 368 7.23 -32.87 22.45
C ASP D 368 7.94 -33.28 21.14
N GLY D 369 7.54 -34.36 20.45
CA GLY D 369 8.20 -34.78 19.19
C GLY D 369 7.34 -34.53 17.93
N LEU D 370 6.21 -33.85 18.08
CA LEU D 370 5.24 -33.63 16.97
C LEU D 370 5.73 -32.46 16.10
N LEU D 371 5.80 -32.73 14.79
CA LEU D 371 5.99 -31.73 13.69
C LEU D 371 4.69 -31.58 12.89
N ARG D 372 4.38 -30.35 12.53
CA ARG D 372 3.19 -29.95 11.76
C ARG D 372 3.65 -29.38 10.41
N LEU D 373 3.09 -29.88 9.30
CA LEU D 373 3.35 -29.33 7.96
C LEU D 373 2.14 -28.51 7.54
N SER D 374 2.41 -27.33 7.01
CA SER D 374 1.45 -26.55 6.20
C SER D 374 1.95 -26.71 4.79
N ILE D 375 1.19 -27.47 3.98
CA ILE D 375 1.70 -27.83 2.64
C ILE D 375 1.30 -26.76 1.67
N GLY D 376 2.29 -26.17 1.03
CA GLY D 376 2.10 -25.11 0.03
C GLY D 376 1.76 -25.63 -1.36
N ILE D 377 1.96 -24.78 -2.37
CA ILE D 377 1.60 -24.99 -3.79
C ILE D 377 2.84 -25.08 -4.67
N GLU D 378 4.00 -25.29 -4.08
CA GLU D 378 5.23 -25.67 -4.82
C GLU D 378 5.03 -27.01 -5.55
N SER D 379 5.91 -27.34 -6.48
CA SER D 379 5.86 -28.62 -7.23
C SER D 379 5.90 -29.78 -6.23
N ALA D 380 4.92 -30.68 -6.31
CA ALA D 380 4.89 -31.95 -5.54
C ALA D 380 6.27 -32.62 -5.58
N GLU D 381 6.89 -32.72 -6.76
CA GLU D 381 8.17 -33.47 -6.87
C GLU D 381 9.24 -32.89 -5.93
N ASP D 382 9.32 -31.56 -5.82
CA ASP D 382 10.31 -30.84 -4.95
C ASP D 382 9.98 -31.03 -3.46
N LEU D 383 8.72 -30.95 -3.03
CA LEU D 383 8.37 -31.15 -1.61
C LEU D 383 8.73 -32.57 -1.18
N LEU D 384 8.54 -33.58 -2.03
CA LEU D 384 8.89 -34.98 -1.66
C LEU D 384 10.40 -35.20 -1.62
N ILE D 385 11.18 -34.72 -2.59
CA ILE D 385 12.67 -34.74 -2.51
C ILE D 385 13.15 -34.14 -1.16
N ASP D 386 12.58 -33.00 -0.75
CA ASP D 386 12.92 -32.31 0.51
C ASP D 386 12.56 -33.21 1.68
N LEU D 387 11.33 -33.73 1.75
CA LEU D 387 10.89 -34.58 2.87
C LEU D 387 11.71 -35.88 2.90
N ARG D 388 12.01 -36.48 1.76
CA ARG D 388 12.79 -37.76 1.78
C ARG D 388 14.18 -37.47 2.34
N ALA D 389 14.83 -36.38 1.97
CA ALA D 389 16.22 -36.11 2.43
C ALA D 389 16.17 -35.90 3.95
N GLY D 390 15.16 -35.18 4.41
CA GLY D 390 14.81 -35.07 5.84
C GLY D 390 14.71 -36.43 6.51
N LEU D 391 13.97 -37.37 5.92
CA LEU D 391 13.78 -38.66 6.58
C LEU D 391 15.14 -39.40 6.59
N SER D 392 16.03 -39.29 5.59
CA SER D 392 17.38 -39.92 5.63
C SER D 392 18.19 -39.30 6.76
N ARG D 393 18.16 -37.98 6.87
CA ARG D 393 18.92 -37.27 7.91
C ARG D 393 18.49 -37.83 9.27
N ALA D 394 17.21 -38.15 9.45
CA ALA D 394 16.71 -38.57 10.78
C ALA D 394 17.07 -40.03 11.00
N GLU D 395 17.15 -40.82 9.94
CA GLU D 395 17.55 -42.26 10.00
C GLU D 395 19.03 -42.35 10.43
N ALA D 396 19.91 -41.55 9.81
CA ALA D 396 21.36 -41.49 10.09
C ALA D 396 21.60 -41.28 11.61
N THR D 397 20.57 -40.83 12.33
CA THR D 397 20.55 -40.51 13.78
C THR D 397 20.43 -41.76 14.66
N LEU D 398 19.97 -42.91 14.20
CA LEU D 398 19.57 -44.06 15.09
C LEU D 398 20.75 -44.85 15.73
N1 E9U E . 15.88 17.15 -12.09
C2 E9U E . 16.63 17.49 -11.04
C3 E9U E . 17.18 16.52 -10.11
N E9U E . 18.31 14.48 -8.50
CA E9U E . 18.88 13.67 -7.39
C E9U E . 19.99 14.41 -6.67
O E9U E . 20.09 13.94 -5.48
CB E9U E . 19.30 12.22 -7.74
CG E9U E . 20.76 11.81 -7.66
SD E9U E . 20.77 10.10 -8.16
CE E9U E . 22.23 9.33 -8.85
CZ E9U E . 21.82 7.94 -9.38
CH E9U E . 21.65 7.92 -10.91
NH E9U E . 22.75 6.87 -8.87
C2A E9U E . 17.04 18.89 -10.74
C4 E9U E . 16.86 15.11 -10.29
C4A E9U E . 17.44 14.12 -9.36
C5 E9U E . 16.01 14.84 -11.44
C5A E9U E . 15.59 13.43 -11.76
C6 E9U E . 15.59 15.87 -12.29
O1P E9U E . 15.52 11.06 -9.70
O2P E9U E . 13.03 11.43 -9.77
O3 E9U E . 18.00 16.98 -9.14
O3P E9U E . 14.28 10.67 -11.78
O4P E9U E . 14.43 13.05 -10.95
OT E9U E . 20.74 15.32 -7.30
OX1 E9U E . 22.33 7.27 -11.66
OX2 E9U E . 20.77 8.54 -11.46
P E9U E . 14.34 11.51 -10.54
N1 E9U F . 2.37 -6.38 -25.40
C2 E9U F . 1.20 -6.96 -25.59
C3 E9U F . -0.05 -6.41 -25.07
N E9U F . -2.38 -5.20 -24.17
CA E9U F . -3.74 -4.82 -23.64
C E9U F . -4.82 -5.53 -24.43
O E9U F . -5.91 -5.65 -23.78
CB E9U F . -4.09 -3.29 -23.45
CG E9U F . -5.07 -2.65 -24.42
SD E9U F . -5.18 -0.97 -23.90
CE E9U F . -5.57 0.32 -25.07
CZ E9U F . -5.25 1.66 -24.42
CH E9U F . -4.03 2.36 -25.05
NH E9U F . -6.43 2.56 -24.50
C2A E9U F . 1.01 -8.26 -26.30
C4 E9U F . -0.03 -5.14 -24.34
C4A E9U F . -1.29 -4.60 -23.87
C5 E9U F . 1.31 -4.58 -24.16
C5A E9U F . 1.56 -3.30 -23.42
C6 E9U F . 2.44 -5.25 -24.70
O1P E9U F . 1.78 -1.22 -21.30
O2P E9U F . 1.26 -3.09 -19.62
O3 E9U F . -1.21 -7.08 -25.35
O3P E9U F . -0.44 -2.23 -21.30
O4P E9U F . 1.69 -3.59 -21.99
OT E9U F . -4.58 -5.91 -25.63
OX1 E9U F . -4.14 3.38 -25.71
OX2 E9U F . -2.88 1.93 -24.95
P E9U F . 1.01 -2.48 -20.99
N1 E9U G . -10.38 9.22 22.26
C2 E9U G . -10.84 10.45 21.83
C3 E9U G . -11.56 10.62 20.57
N E9U G . -13.05 10.71 18.15
CA E9U G . -13.74 10.91 16.85
C E9U G . -14.34 12.28 16.90
O E9U G . -14.60 12.79 18.04
CB E9U G . -14.76 9.77 16.66
CG E9U G . -15.81 10.05 15.67
SD E9U G . -17.37 9.32 16.10
CE E9U G . -17.45 7.60 15.64
CZ E9U G . -18.62 6.69 15.15
CH E9U G . -18.94 5.70 16.21
NH E9U G . -19.79 7.19 14.40
C2A E9U G . -10.58 11.69 22.66
C4 E9U G . -11.80 9.43 19.77
C4A E9U G . -12.55 9.57 18.52
C5 E9U G . -11.24 8.18 20.30
C5A E9U G . -11.37 6.88 19.59
C6 E9U G . -10.55 8.15 21.54
O1P E9U G . -11.86 6.52 16.46
O2P E9U G . -9.41 5.89 16.55
O3 E9U G . -12.04 11.79 20.18
O3P E9U G . -11.06 4.46 17.70
O4P E9U G . -10.35 6.73 18.60
OT E9U G . -14.62 12.87 15.80
OX1 E9U G . -20.05 5.25 16.38
OX2 E9U G . -18.04 5.27 16.92
P E9U G . -10.73 5.86 17.23
N1 E9U H . -7.80 -20.07 15.13
C2 E9U H . -6.93 -21.02 14.70
C3 E9U H . -5.50 -20.78 14.50
N E9U H . -2.73 -20.09 14.35
CA E9U H . -1.30 -19.88 14.07
C E9U H . -0.66 -21.25 13.92
O E9U H . 0.42 -21.39 13.22
CB E9U H . -0.76 -19.04 15.22
CG E9U H . 0.72 -18.91 15.30
SD E9U H . 1.27 -18.90 16.99
CE E9U H . 1.15 -17.32 17.74
CZ E9U H . 2.16 -16.46 18.54
CH E9U H . 1.37 -16.07 19.75
NH E9U H . 3.57 -16.79 18.80
C2A E9U H . -7.50 -22.39 14.37
C4 E9U H . -5.00 -19.43 14.76
C4A E9U H . -3.53 -19.14 14.59
C5 E9U H . -6.02 -18.48 15.20
C5A E9U H . -5.69 -17.06 15.50
C6 E9U H . -7.36 -18.85 15.36
O1P E9U H . -3.13 -15.46 14.38
O2P E9U H . -4.78 -14.41 12.90
O3 E9U H . -4.63 -21.73 14.11
O3P E9U H . -5.01 -14.05 15.35
O4P E9U H . -5.61 -16.27 14.31
OT E9U H . -1.18 -22.24 14.56
OX1 E9U H . 0.13 -15.86 19.72
OX2 E9U H . 1.95 -15.96 20.78
P E9U H . -4.57 -14.99 14.27
#